data_1GTN
#
_entry.id   1GTN
#
_cell.length_a   145.839
_cell.length_b   111.722
_cell.length_c   138.715
_cell.angle_alpha   90.00
_cell.angle_beta   117.78
_cell.angle_gamma   90.00
#
_symmetry.space_group_name_H-M   'C 1 2 1'
#
loop_
_entity.id
_entity.type
_entity.pdbx_description
1 polymer 'TRP RNA-BINDING ATTENUATION PROTEIN'
2 polymer '(GAGCC)11G 56-NUCLEOTIDE RNA'
3 non-polymer TRYPTOPHAN
4 water water
#
loop_
_entity_poly.entity_id
_entity_poly.type
_entity_poly.pdbx_seq_one_letter_code
_entity_poly.pdbx_strand_id
1 'polypeptide(L)' MYTNSDFVVIKALEDGVNVIGLTRGADTRFHHSEKLDKGEVLIAQFTEHTSAIKVRGKAYIQTRHGVIESEGKK A,B,C,D,E,F,G,H,I,J,K,L,M,N,O,P,Q,R,S,T,U,V
2 'polyribonucleotide' GAGCCGAGCCGAGCCGAGCCGAGCCGAGCCGAGCCGAGCCGAGCCGAGCCGAGCCG W
#
loop_
_chem_comp.id
_chem_comp.type
_chem_comp.name
_chem_comp.formula
A RNA linking ADENOSINE-5'-MONOPHOSPHATE 'C10 H14 N5 O7 P'
C RNA linking CYTIDINE-5'-MONOPHOSPHATE 'C9 H14 N3 O8 P'
G RNA linking GUANOSINE-5'-MONOPHOSPHATE 'C10 H14 N5 O8 P'
#
# COMPACT_ATOMS: atom_id res chain seq x y z
N SER A 5 -26.39 -4.96 -1.29
CA SER A 5 -26.55 -3.83 -0.33
C SER A 5 -25.55 -3.83 0.84
N ASP A 6 -25.13 -2.61 1.21
CA ASP A 6 -24.34 -2.36 2.40
C ASP A 6 -25.07 -2.77 3.68
N PHE A 7 -24.33 -3.00 4.77
CA PHE A 7 -24.89 -3.43 6.03
C PHE A 7 -24.07 -2.74 7.12
N VAL A 8 -24.66 -2.68 8.31
CA VAL A 8 -24.09 -2.08 9.48
C VAL A 8 -23.99 -3.17 10.55
N VAL A 9 -22.89 -3.21 11.30
CA VAL A 9 -22.70 -4.13 12.42
C VAL A 9 -22.84 -3.32 13.73
N ILE A 10 -23.70 -3.81 14.66
CA ILE A 10 -23.97 -3.16 15.94
C ILE A 10 -23.78 -4.15 17.11
N LYS A 11 -22.77 -3.85 17.94
CA LYS A 11 -22.52 -4.57 19.20
C LYS A 11 -23.03 -3.74 20.36
N ALA A 12 -23.98 -4.33 21.09
CA ALA A 12 -24.61 -3.77 22.29
C ALA A 12 -23.65 -3.76 23.48
N LEU A 13 -23.27 -2.56 23.94
CA LEU A 13 -22.32 -2.45 25.05
C LEU A 13 -23.01 -2.35 26.42
N GLU A 14 -24.34 -2.36 26.40
CA GLU A 14 -25.20 -2.36 27.59
C GLU A 14 -26.52 -3.02 27.22
N ASP A 15 -27.39 -3.28 28.20
CA ASP A 15 -28.72 -3.81 27.90
C ASP A 15 -29.62 -2.74 27.26
N GLY A 16 -30.64 -3.15 26.52
CA GLY A 16 -31.65 -2.23 26.03
C GLY A 16 -31.31 -1.33 24.87
N VAL A 17 -30.24 -1.67 24.15
CA VAL A 17 -29.86 -0.92 22.97
C VAL A 17 -30.98 -1.07 21.95
N ASN A 18 -31.14 -0.05 21.11
CA ASN A 18 -32.20 -0.07 20.09
C ASN A 18 -31.68 0.15 18.67
N VAL A 19 -32.02 -0.77 17.77
CA VAL A 19 -31.62 -0.61 16.37
C VAL A 19 -32.89 -0.39 15.59
N ILE A 20 -33.10 0.85 15.20
CA ILE A 20 -34.38 1.29 14.66
C ILE A 20 -34.30 1.51 13.15
N GLY A 21 -35.21 0.89 12.40
CA GLY A 21 -35.25 1.03 10.95
C GLY A 21 -36.29 2.04 10.49
N LEU A 22 -35.86 2.98 9.66
CA LEU A 22 -36.73 4.01 9.12
C LEU A 22 -37.24 3.57 7.73
N THR A 23 -38.51 3.86 7.42
CA THR A 23 -39.14 3.50 6.16
C THR A 23 -38.55 4.20 4.96
N ARG A 24 -38.32 3.42 3.90
CA ARG A 24 -37.97 3.96 2.61
C ARG A 24 -39.21 4.46 1.92
N GLY A 25 -39.06 5.62 1.28
CA GLY A 25 -40.14 6.21 0.49
C GLY A 25 -40.37 7.69 0.73
N ALA A 26 -41.46 8.23 0.17
CA ALA A 26 -41.77 9.64 0.30
C ALA A 26 -42.07 10.03 1.74
N ASP A 27 -42.52 9.07 2.55
CA ASP A 27 -42.82 9.34 3.95
C ASP A 27 -41.85 8.63 4.91
N THR A 28 -41.62 9.23 6.08
CA THR A 28 -40.57 8.78 6.98
C THR A 28 -41.07 8.49 8.39
N ARG A 29 -40.89 7.25 8.86
CA ARG A 29 -41.27 6.85 10.22
C ARG A 29 -40.52 5.58 10.62
N PHE A 30 -40.65 5.19 11.89
CA PHE A 30 -40.03 3.98 12.44
C PHE A 30 -40.89 2.78 12.12
N HIS A 31 -40.33 1.72 11.53
CA HIS A 31 -41.18 0.54 11.29
C HIS A 31 -40.84 -0.66 12.17
N HIS A 32 -39.61 -0.70 12.68
CA HIS A 32 -39.21 -1.76 13.58
C HIS A 32 -38.08 -1.32 14.48
N SER A 33 -38.20 -1.62 15.77
CA SER A 33 -37.10 -1.43 16.70
C SER A 33 -36.65 -2.80 17.22
N GLU A 34 -35.37 -3.15 16.99
CA GLU A 34 -34.81 -4.42 17.49
C GLU A 34 -33.98 -4.12 18.70
N LYS A 35 -34.43 -4.63 19.86
CA LYS A 35 -33.77 -4.53 21.16
C LYS A 35 -32.55 -5.42 21.17
N LEU A 36 -31.45 -4.89 21.68
CA LEU A 36 -30.22 -5.66 21.85
C LEU A 36 -29.71 -5.58 23.30
N ASP A 37 -29.61 -6.75 23.93
CA ASP A 37 -29.03 -6.81 25.27
C ASP A 37 -27.51 -6.88 25.27
N LYS A 38 -26.90 -6.57 26.41
CA LYS A 38 -25.45 -6.37 26.46
C LYS A 38 -24.70 -7.52 25.81
N GLY A 39 -23.92 -7.21 24.79
CA GLY A 39 -23.04 -8.20 24.22
C GLY A 39 -23.58 -8.84 22.97
N GLU A 40 -24.90 -8.71 22.71
CA GLU A 40 -25.51 -9.22 21.48
C GLU A 40 -25.11 -8.37 20.24
N VAL A 41 -24.97 -9.04 19.10
CA VAL A 41 -24.54 -8.39 17.88
C VAL A 41 -25.60 -8.50 16.78
N LEU A 42 -25.91 -7.39 16.15
CA LEU A 42 -26.83 -7.42 15.02
C LEU A 42 -26.09 -6.95 13.80
N ILE A 43 -26.22 -7.68 12.69
CA ILE A 43 -25.73 -7.25 11.36
C ILE A 43 -26.95 -7.03 10.42
N ALA A 44 -27.18 -5.79 10.06
CA ALA A 44 -28.43 -5.41 9.47
C ALA A 44 -28.19 -4.70 8.17
N GLN A 45 -28.95 -5.06 7.13
CA GLN A 45 -28.81 -4.44 5.79
C GLN A 45 -29.68 -3.22 5.55
N PHE A 46 -29.29 -2.39 4.59
CA PHE A 46 -30.25 -1.48 3.96
C PHE A 46 -31.02 -2.29 2.96
N THR A 47 -32.30 -1.99 2.83
CA THR A 47 -33.22 -2.84 2.10
C THR A 47 -34.33 -2.04 1.43
N GLU A 48 -35.16 -2.75 0.69
CA GLU A 48 -36.33 -2.17 0.08
C GLU A 48 -37.17 -1.36 1.10
N HIS A 49 -37.23 -1.83 2.34
CA HIS A 49 -38.08 -1.20 3.35
C HIS A 49 -37.35 -0.28 4.33
N THR A 50 -36.04 -0.45 4.45
CA THR A 50 -35.21 0.34 5.35
C THR A 50 -34.15 1.11 4.61
N SER A 51 -34.23 2.44 4.67
CA SER A 51 -33.25 3.30 4.01
C SER A 51 -32.49 4.20 4.97
N ALA A 52 -32.80 4.11 6.27
CA ALA A 52 -31.96 4.68 7.28
C ALA A 52 -32.09 3.86 8.57
N ILE A 53 -31.02 3.83 9.35
CA ILE A 53 -31.01 3.10 10.61
C ILE A 53 -30.55 4.02 11.76
N LYS A 54 -31.28 4.00 12.87
CA LYS A 54 -30.91 4.80 14.04
C LYS A 54 -30.52 3.85 15.16
N VAL A 55 -29.44 4.19 15.88
CA VAL A 55 -29.06 3.43 17.06
C VAL A 55 -29.16 4.27 18.31
N ARG A 56 -29.87 3.76 19.30
CA ARG A 56 -30.10 4.49 20.55
C ARG A 56 -29.51 3.64 21.69
N GLY A 57 -28.60 4.22 22.48
CA GLY A 57 -27.91 3.44 23.49
C GLY A 57 -26.44 3.21 23.23
N LYS A 58 -25.72 2.74 24.24
CA LYS A 58 -24.27 2.51 24.13
C LYS A 58 -23.98 1.27 23.24
N ALA A 59 -23.43 1.52 22.05
CA ALA A 59 -23.02 0.45 21.13
C ALA A 59 -21.78 0.75 20.33
N TYR A 60 -21.16 -0.34 19.88
CA TYR A 60 -19.99 -0.33 19.03
C TYR A 60 -20.46 -0.58 17.61
N ILE A 61 -20.18 0.37 16.73
CA ILE A 61 -20.72 0.31 15.37
C ILE A 61 -19.62 0.25 14.30
N GLN A 62 -19.71 -0.74 13.40
CA GLN A 62 -18.83 -0.77 12.20
C GLN A 62 -19.67 -0.55 10.94
N THR A 63 -19.24 0.38 10.10
CA THR A 63 -19.77 0.45 8.73
C THR A 63 -18.60 0.50 7.77
N ARG A 64 -18.88 0.61 6.48
CA ARG A 64 -17.85 0.73 5.47
C ARG A 64 -16.98 1.95 5.65
N HIS A 65 -17.46 2.96 6.40
CA HIS A 65 -16.63 4.16 6.67
C HIS A 65 -15.76 4.04 7.94
N GLY A 66 -15.96 2.98 8.72
CA GLY A 66 -15.21 2.81 9.93
C GLY A 66 -16.07 2.55 11.14
N VAL A 67 -15.45 2.69 12.30
CA VAL A 67 -16.14 2.44 13.55
C VAL A 67 -16.64 3.74 14.11
N ILE A 68 -17.76 3.66 14.84
CA ILE A 68 -18.34 4.82 15.49
C ILE A 68 -18.97 4.25 16.70
N GLU A 69 -18.93 5.01 17.78
CA GLU A 69 -19.62 4.56 18.96
C GLU A 69 -20.85 5.42 19.36
N SER A 70 -22.03 4.80 19.55
CA SER A 70 -23.18 5.49 20.17
C SER A 70 -23.11 5.45 21.69
N GLU A 71 -23.64 6.48 22.35
CA GLU A 71 -23.58 6.63 23.82
C GLU A 71 -24.97 6.83 24.39
N GLY A 72 -25.21 6.27 25.59
CA GLY A 72 -26.53 6.19 26.19
C GLY A 72 -27.02 7.45 26.88
N ASN B 4 -25.86 -0.65 -3.26
CA ASN B 4 -26.80 0.33 -3.90
C ASN B 4 -26.85 1.55 -3.03
N SER B 5 -26.08 2.59 -3.33
CA SER B 5 -26.40 3.89 -2.74
C SER B 5 -25.57 4.13 -1.51
N ASP B 6 -24.74 5.14 -1.66
CA ASP B 6 -24.06 5.76 -0.55
C ASP B 6 -24.93 6.11 0.63
N PHE B 7 -24.29 6.14 1.79
CA PHE B 7 -24.90 6.50 3.03
C PHE B 7 -23.95 7.44 3.78
N VAL B 8 -24.48 8.07 4.82
CA VAL B 8 -23.78 9.02 5.62
C VAL B 8 -23.97 8.53 7.04
N VAL B 9 -22.90 8.60 7.87
CA VAL B 9 -23.03 8.35 9.33
C VAL B 9 -23.03 9.65 10.13
N ILE B 10 -24.04 9.84 10.97
CA ILE B 10 -24.13 11.00 11.84
C ILE B 10 -24.27 10.65 13.31
N LYS B 11 -23.24 11.03 14.10
CA LYS B 11 -23.25 10.94 15.54
C LYS B 11 -23.55 12.31 16.12
N ALA B 12 -24.61 12.40 16.89
CA ALA B 12 -24.96 13.66 17.58
C ALA B 12 -24.03 13.97 18.78
N LEU B 13 -23.32 15.10 18.71
CA LEU B 13 -22.42 15.50 19.80
C LEU B 13 -23.07 16.35 20.90
N GLU B 14 -24.39 16.59 20.80
CA GLU B 14 -25.18 17.37 21.77
C GLU B 14 -26.64 17.06 21.45
N ASP B 15 -27.57 17.54 22.27
CA ASP B 15 -28.98 17.33 22.02
C ASP B 15 -29.48 18.18 20.86
N GLY B 16 -30.56 17.73 20.22
CA GLY B 16 -31.22 18.51 19.17
C GLY B 16 -30.56 18.65 17.81
N VAL B 17 -29.65 17.75 17.48
CA VAL B 17 -29.07 17.82 16.14
C VAL B 17 -30.15 17.42 15.16
N ASN B 18 -30.09 18.02 13.98
CA ASN B 18 -31.11 17.79 12.99
C ASN B 18 -30.49 17.24 11.72
N VAL B 19 -30.99 16.11 11.25
CA VAL B 19 -30.57 15.61 9.95
C VAL B 19 -31.75 15.76 9.01
N ILE B 20 -31.57 16.61 8.00
CA ILE B 20 -32.68 17.01 7.16
C ILE B 20 -32.53 16.45 5.75
N GLY B 21 -33.58 15.81 5.24
CA GLY B 21 -33.54 15.30 3.88
C GLY B 21 -34.11 16.29 2.89
N LEU B 22 -33.44 16.50 1.78
CA LEU B 22 -34.00 17.35 0.76
C LEU B 22 -34.55 16.46 -0.35
N THR B 23 -35.66 16.87 -0.97
CA THR B 23 -36.35 16.08 -2.00
C THR B 23 -35.56 15.93 -3.32
N ARG B 24 -35.55 14.72 -3.88
CA ARG B 24 -35.02 14.53 -5.23
C ARG B 24 -36.08 14.96 -6.23
N GLY B 25 -35.64 15.66 -7.27
CA GLY B 25 -36.53 16.02 -8.34
C GLY B 25 -36.28 17.42 -8.85
N ALA B 26 -37.27 17.97 -9.56
CA ALA B 26 -37.11 19.29 -10.19
C ALA B 26 -37.26 20.36 -9.13
N ASP B 27 -37.99 20.02 -8.08
CA ASP B 27 -38.23 20.96 -7.01
C ASP B 27 -37.48 20.53 -5.75
N THR B 28 -37.03 21.52 -4.96
CA THR B 28 -36.17 21.23 -3.78
C THR B 28 -36.77 21.78 -2.49
N ARG B 29 -37.05 20.90 -1.54
CA ARG B 29 -37.56 21.31 -0.24
C ARG B 29 -37.25 20.25 0.81
N PHE B 30 -37.38 20.61 2.09
CA PHE B 30 -37.17 19.68 3.20
C PHE B 30 -38.36 18.73 3.27
N HIS B 31 -38.16 17.43 3.43
CA HIS B 31 -39.33 16.56 3.53
C HIS B 31 -39.38 15.86 4.86
N HIS B 32 -38.22 15.77 5.52
CA HIS B 32 -38.12 15.15 6.81
C HIS B 32 -36.96 15.71 7.60
N SER B 33 -37.19 15.90 8.89
CA SER B 33 -36.15 16.36 9.80
C SER B 33 -36.08 15.39 10.97
N GLU B 34 -34.97 14.65 11.04
CA GLU B 34 -34.73 13.62 12.05
C GLU B 34 -33.88 14.21 13.18
N LYS B 35 -34.53 14.37 14.34
CA LYS B 35 -33.94 14.90 15.56
C LYS B 35 -33.03 13.86 16.21
N LEU B 36 -31.78 14.24 16.45
CA LEU B 36 -30.82 13.41 17.20
C LEU B 36 -30.40 14.05 18.52
N ASP B 37 -30.58 13.33 19.63
CA ASP B 37 -30.07 13.78 20.94
C ASP B 37 -28.65 13.25 21.21
N LYS B 38 -28.00 13.80 22.23
CA LYS B 38 -26.59 13.54 22.45
C LYS B 38 -26.21 12.05 22.50
N GLY B 39 -25.36 11.62 21.56
CA GLY B 39 -24.83 10.26 21.54
C GLY B 39 -25.52 9.30 20.59
N GLU B 40 -26.64 9.71 20.03
CA GLU B 40 -27.40 8.87 19.13
C GLU B 40 -26.74 8.86 17.77
N VAL B 41 -26.84 7.75 17.05
CA VAL B 41 -26.21 7.66 15.73
C VAL B 41 -27.26 7.34 14.68
N LEU B 42 -27.16 8.04 13.54
CA LEU B 42 -28.06 7.80 12.43
C LEU B 42 -27.25 7.43 11.19
N ILE B 43 -27.57 6.29 10.57
CA ILE B 43 -26.96 5.94 9.26
C ILE B 43 -27.99 6.03 8.12
N ALA B 44 -27.79 6.99 7.23
CA ALA B 44 -28.85 7.37 6.31
C ALA B 44 -28.37 7.33 4.87
N GLN B 45 -29.18 6.71 3.99
CA GLN B 45 -28.84 6.51 2.60
C GLN B 45 -29.26 7.67 1.76
N PHE B 46 -28.73 7.77 0.56
CA PHE B 46 -29.39 8.53 -0.49
C PHE B 46 -30.42 7.62 -1.16
N THR B 47 -31.54 8.18 -1.58
CA THR B 47 -32.67 7.35 -1.90
C THR B 47 -33.38 7.88 -3.10
N GLU B 48 -34.45 7.19 -3.52
CA GLU B 48 -35.29 7.80 -4.54
C GLU B 48 -35.82 9.18 -4.10
N HIS B 49 -36.07 9.34 -2.79
CA HIS B 49 -36.68 10.55 -2.30
C HIS B 49 -35.74 11.63 -1.79
N THR B 50 -34.52 11.23 -1.43
CA THR B 50 -33.55 12.11 -0.77
C THR B 50 -32.25 12.15 -1.55
N SER B 51 -31.95 13.30 -2.14
CA SER B 51 -30.75 13.47 -2.95
C SER B 51 -29.79 14.50 -2.40
N ALA B 52 -30.09 15.01 -1.21
CA ALA B 52 -29.22 15.91 -0.49
C ALA B 52 -29.57 15.84 0.97
N ILE B 53 -28.57 15.95 1.83
CA ILE B 53 -28.76 15.83 3.26
C ILE B 53 -28.05 17.00 3.93
N LYS B 54 -28.76 17.64 4.84
CA LYS B 54 -28.22 18.78 5.56
C LYS B 54 -28.23 18.47 7.03
N VAL B 55 -27.11 18.76 7.67
CA VAL B 55 -26.95 18.53 9.10
C VAL B 55 -26.74 19.84 9.84
N ARG B 56 -27.62 20.12 10.81
CA ARG B 56 -27.58 21.34 11.62
C ARG B 56 -27.30 20.98 13.08
N GLY B 57 -26.29 21.61 13.68
CA GLY B 57 -25.91 21.33 15.05
C GLY B 57 -24.59 20.59 15.09
N LYS B 58 -24.04 20.39 16.28
CA LYS B 58 -22.73 19.72 16.40
C LYS B 58 -22.80 18.20 16.27
N ALA B 59 -22.13 17.67 15.24
CA ALA B 59 -22.12 16.24 14.98
C ALA B 59 -20.83 15.82 14.33
N TYR B 60 -20.49 14.55 14.49
CA TYR B 60 -19.35 13.92 13.86
C TYR B 60 -19.90 13.15 12.65
N ILE B 61 -19.37 13.41 11.47
CA ILE B 61 -19.94 12.85 10.25
C ILE B 61 -18.89 12.03 9.48
N GLN B 62 -19.24 10.80 9.12
CA GLN B 62 -18.38 9.98 8.26
C GLN B 62 -19.10 9.79 6.92
N THR B 63 -18.35 9.97 5.82
CA THR B 63 -18.85 9.71 4.48
C THR B 63 -17.70 8.96 3.80
N ARG B 64 -17.96 8.52 2.58
CA ARG B 64 -16.98 7.91 1.70
C ARG B 64 -15.67 8.69 1.74
N HIS B 65 -15.77 10.02 1.85
CA HIS B 65 -14.62 10.92 1.69
C HIS B 65 -13.93 11.24 3.00
N GLY B 66 -14.38 10.67 4.11
CA GLY B 66 -13.74 11.01 5.36
C GLY B 66 -14.65 11.51 6.45
N VAL B 67 -14.04 11.95 7.55
CA VAL B 67 -14.86 12.59 8.55
C VAL B 67 -14.94 14.09 8.28
N ILE B 68 -16.12 14.62 8.60
CA ILE B 68 -16.27 16.04 8.75
C ILE B 68 -17.10 16.30 10.00
N GLU B 69 -16.93 17.49 10.55
CA GLU B 69 -17.67 17.89 11.74
C GLU B 69 -18.58 19.10 11.47
N SER B 70 -19.85 18.99 11.83
CA SER B 70 -20.72 20.15 11.83
C SER B 70 -20.68 20.79 13.23
N GLU B 71 -20.80 22.14 13.29
CA GLU B 71 -20.74 22.95 14.56
C GLU B 71 -22.05 23.64 14.87
N GLY B 72 -22.35 23.71 16.17
CA GLY B 72 -23.60 24.28 16.66
C GLY B 72 -23.57 25.79 16.62
N ASN C 4 -27.14 6.13 -7.48
CA ASN C 4 -25.76 5.79 -6.95
C ASN C 4 -24.53 6.68 -7.37
N SER C 5 -24.81 7.93 -7.73
CA SER C 5 -23.79 8.87 -8.18
C SER C 5 -22.96 9.43 -7.03
N ASP C 6 -21.87 10.07 -7.43
CA ASP C 6 -21.13 10.97 -6.57
C ASP C 6 -21.91 12.07 -5.85
N PHE C 7 -21.36 12.47 -4.72
CA PHE C 7 -21.88 13.56 -3.95
C PHE C 7 -20.69 14.42 -3.53
N VAL C 8 -21.02 15.56 -2.97
CA VAL C 8 -20.04 16.53 -2.52
C VAL C 8 -20.38 16.83 -1.08
N VAL C 9 -19.39 16.85 -0.18
CA VAL C 9 -19.59 17.35 1.18
C VAL C 9 -19.24 18.85 1.27
N ILE C 10 -20.19 19.70 1.71
CA ILE C 10 -19.87 21.12 1.97
C ILE C 10 -20.07 21.56 3.42
N LYS C 11 -18.99 22.02 4.05
CA LYS C 11 -19.07 22.60 5.36
C LYS C 11 -18.95 24.12 5.23
N ALA C 12 -19.93 24.86 5.75
CA ALA C 12 -19.88 26.33 5.76
C ALA C 12 -19.01 26.91 6.90
N LEU C 13 -17.94 27.60 6.52
CA LEU C 13 -17.04 28.22 7.48
C LEU C 13 -17.48 29.63 7.89
N GLU C 14 -18.53 30.15 7.29
CA GLU C 14 -19.11 31.42 7.68
C GLU C 14 -20.61 31.34 7.39
N ASP C 15 -21.37 32.37 7.83
CA ASP C 15 -22.80 32.48 7.51
C ASP C 15 -23.00 32.82 6.03
N GLY C 16 -24.10 32.37 5.44
CA GLY C 16 -24.46 32.76 4.10
C GLY C 16 -23.73 32.11 2.94
N VAL C 17 -23.12 30.97 3.17
CA VAL C 17 -22.63 30.21 2.05
C VAL C 17 -23.82 29.71 1.26
N ASN C 18 -23.58 29.51 -0.04
CA ASN C 18 -24.59 29.19 -1.05
C ASN C 18 -24.15 28.01 -1.86
N VAL C 19 -24.94 26.94 -1.82
CA VAL C 19 -24.69 25.80 -2.68
C VAL C 19 -25.71 25.93 -3.77
N ILE C 20 -25.24 26.08 -5.00
CA ILE C 20 -26.10 26.38 -6.11
C ILE C 20 -26.15 25.24 -7.12
N GLY C 21 -27.34 24.72 -7.42
CA GLY C 21 -27.46 23.61 -8.35
C GLY C 21 -27.79 24.04 -9.77
N LEU C 22 -27.02 23.58 -10.74
CA LEU C 22 -27.30 23.90 -12.14
C LEU C 22 -28.04 22.73 -12.82
N THR C 23 -28.99 23.10 -13.69
CA THR C 23 -29.86 22.18 -14.42
C THR C 23 -29.10 21.24 -15.36
N ARG C 24 -29.38 19.94 -15.26
CA ARG C 24 -29.02 18.97 -16.31
C ARG C 24 -29.82 19.28 -17.54
N GLY C 25 -29.18 19.17 -18.69
CA GLY C 25 -29.85 19.21 -19.97
C GLY C 25 -29.19 20.17 -20.95
N ALA C 26 -29.84 20.41 -22.10
CA ALA C 26 -29.29 21.29 -23.10
C ALA C 26 -29.18 22.70 -22.52
N ASP C 27 -30.04 23.00 -21.57
CA ASP C 27 -30.11 24.33 -20.97
C ASP C 27 -29.36 24.39 -19.62
N THR C 28 -28.63 25.49 -19.38
CA THR C 28 -27.86 25.65 -18.15
C THR C 28 -28.24 26.91 -17.33
N ARG C 29 -28.85 26.72 -16.16
CA ARG C 29 -28.94 27.80 -15.17
C ARG C 29 -29.23 27.27 -13.77
N PHE C 30 -29.32 28.15 -12.79
CA PHE C 30 -29.44 27.67 -11.43
C PHE C 30 -30.90 27.36 -11.12
N HIS C 31 -31.18 26.24 -10.49
CA HIS C 31 -32.56 25.95 -10.18
C HIS C 31 -32.80 25.95 -8.68
N HIS C 32 -31.73 25.87 -7.90
CA HIS C 32 -31.88 25.87 -6.46
C HIS C 32 -30.64 26.34 -5.78
N SER C 33 -30.82 27.24 -4.82
CA SER C 33 -29.77 27.82 -3.99
C SER C 33 -29.97 27.41 -2.51
N GLU C 34 -29.15 26.53 -1.97
CA GLU C 34 -29.25 26.19 -0.55
C GLU C 34 -28.30 27.08 0.22
N LYS C 35 -28.85 27.87 1.13
CA LYS C 35 -28.02 28.67 2.02
C LYS C 35 -27.59 27.87 3.25
N LEU C 36 -26.30 27.98 3.60
CA LEU C 36 -25.81 27.37 4.83
C LEU C 36 -25.20 28.43 5.72
N ASP C 37 -25.52 28.37 7.01
CA ASP C 37 -24.83 29.22 7.96
C ASP C 37 -23.67 28.53 8.68
N LYS C 38 -22.85 29.31 9.35
CA LYS C 38 -21.59 28.81 9.84
C LYS C 38 -21.73 27.51 10.61
N GLY C 39 -21.08 26.48 10.11
CA GLY C 39 -21.00 25.25 10.86
C GLY C 39 -21.90 24.15 10.37
N GLU C 40 -22.89 24.51 9.55
CA GLU C 40 -23.76 23.49 8.96
C GLU C 40 -23.08 22.76 7.80
N VAL C 41 -23.42 21.48 7.65
CA VAL C 41 -22.91 20.67 6.57
C VAL C 41 -24.02 20.21 5.63
N LEU C 42 -23.75 20.34 4.34
CA LEU C 42 -24.63 19.81 3.32
C LEU C 42 -23.93 18.67 2.54
N ILE C 43 -24.64 17.56 2.36
CA ILE C 43 -24.11 16.48 1.55
C ILE C 43 -25.00 16.29 0.32
N ALA C 44 -24.52 16.71 -0.84
CA ALA C 44 -25.40 16.81 -2.00
C ALA C 44 -24.95 15.98 -3.17
N GLN C 45 -25.88 15.25 -3.77
CA GLN C 45 -25.62 14.41 -4.93
C GLN C 45 -25.67 15.11 -6.30
N PHE C 46 -25.08 14.47 -7.31
CA PHE C 46 -25.44 14.77 -8.70
C PHE C 46 -26.64 13.94 -9.02
N THR C 47 -27.54 14.52 -9.81
CA THR C 47 -28.88 13.97 -9.91
C THR C 47 -29.40 14.16 -11.32
N GLU C 48 -30.57 13.56 -11.57
CA GLU C 48 -31.24 13.83 -12.81
C GLU C 48 -31.34 15.34 -13.12
N HIS C 49 -31.59 16.20 -12.13
CA HIS C 49 -31.72 17.65 -12.37
C HIS C 49 -30.50 18.52 -12.11
N THR C 50 -29.51 17.98 -11.42
CA THR C 50 -28.33 18.76 -11.13
C THR C 50 -27.09 18.06 -11.66
N SER C 51 -26.42 18.69 -12.60
CA SER C 51 -25.26 18.06 -13.20
C SER C 51 -24.08 18.96 -13.00
N ALA C 52 -24.26 20.00 -12.19
CA ALA C 52 -23.16 20.85 -11.79
C ALA C 52 -23.51 21.65 -10.54
N ILE C 53 -22.55 21.78 -9.64
CA ILE C 53 -22.78 22.45 -8.39
C ILE C 53 -21.76 23.56 -8.27
N LYS C 54 -22.22 24.72 -7.78
CA LYS C 54 -21.36 25.87 -7.60
C LYS C 54 -21.45 26.35 -6.17
N VAL C 55 -20.28 26.60 -5.56
CA VAL C 55 -20.22 27.02 -4.17
C VAL C 55 -19.66 28.43 -3.97
N ARG C 56 -20.47 29.31 -3.42
CA ARG C 56 -20.06 30.69 -3.15
C ARG C 56 -19.93 30.90 -1.67
N GLY C 57 -18.82 31.53 -1.27
CA GLY C 57 -18.57 31.81 0.13
C GLY C 57 -17.43 30.99 0.67
N LYS C 58 -17.17 31.07 1.97
CA LYS C 58 -16.08 30.29 2.56
C LYS C 58 -16.59 28.93 3.07
N ALA C 59 -16.21 27.85 2.38
CA ALA C 59 -16.58 26.52 2.81
C ALA C 59 -15.42 25.57 2.58
N TYR C 60 -15.46 24.47 3.34
CA TYR C 60 -14.56 23.33 3.24
C TYR C 60 -15.32 22.32 2.42
N ILE C 61 -14.72 21.88 1.32
CA ILE C 61 -15.39 20.97 0.42
C ILE C 61 -14.58 19.67 0.28
N GLN C 62 -15.27 18.53 0.36
CA GLN C 62 -14.64 17.22 0.14
C GLN C 62 -15.30 16.67 -1.11
N THR C 63 -14.49 16.12 -2.04
CA THR C 63 -15.05 15.27 -3.10
C THR C 63 -14.21 14.03 -3.19
N ARG C 64 -14.64 13.14 -4.07
CA ARG C 64 -13.86 11.97 -4.50
C ARG C 64 -12.41 12.28 -4.76
N HIS C 65 -12.13 13.48 -5.28
CA HIS C 65 -10.77 13.88 -5.61
C HIS C 65 -10.01 14.61 -4.49
N GLY C 66 -10.57 14.71 -3.28
CA GLY C 66 -9.90 15.42 -2.21
C GLY C 66 -10.62 16.67 -1.71
N VAL C 67 -9.94 17.40 -0.83
CA VAL C 67 -10.49 18.56 -0.24
C VAL C 67 -10.14 19.77 -1.12
N ILE C 68 -11.08 20.73 -1.20
CA ILE C 68 -10.78 22.01 -1.76
C ILE C 68 -11.55 23.07 -0.95
N GLU C 69 -11.02 24.27 -0.88
CA GLU C 69 -11.70 25.32 -0.12
C GLU C 69 -12.15 26.43 -1.03
N SER C 70 -13.43 26.82 -0.91
CA SER C 70 -13.95 28.00 -1.60
C SER C 70 -13.78 29.19 -0.68
N GLU C 71 -13.50 30.37 -1.25
CA GLU C 71 -13.17 31.55 -0.42
C GLU C 71 -14.04 32.70 -0.77
N GLY C 72 -14.35 33.48 0.25
CA GLY C 72 -15.32 34.54 0.12
C GLY C 72 -14.75 35.67 -0.70
N SER D 5 -20.82 8.72 -13.38
CA SER D 5 -20.19 9.64 -14.38
C SER D 5 -19.17 10.63 -13.76
N ASP D 6 -18.05 10.83 -14.45
CA ASP D 6 -16.94 11.61 -13.89
C ASP D 6 -17.25 13.09 -13.77
N PHE D 7 -16.49 13.82 -12.96
CA PHE D 7 -16.68 15.24 -12.82
C PHE D 7 -15.34 15.93 -12.62
N VAL D 8 -15.29 17.26 -12.74
CA VAL D 8 -14.06 17.98 -12.48
C VAL D 8 -14.37 19.08 -11.46
N VAL D 9 -13.43 19.34 -10.56
CA VAL D 9 -13.52 20.40 -9.56
C VAL D 9 -12.66 21.56 -10.05
N ILE D 10 -13.26 22.76 -10.05
CA ILE D 10 -12.59 23.97 -10.50
C ILE D 10 -12.70 25.18 -9.54
N LYS D 11 -11.59 25.53 -8.91
CA LYS D 11 -11.58 26.66 -8.02
C LYS D 11 -10.96 27.84 -8.76
N ALA D 12 -11.72 28.94 -8.82
CA ALA D 12 -11.25 30.19 -9.45
C ALA D 12 -10.17 30.89 -8.61
N LEU D 13 -8.97 31.05 -9.16
CA LEU D 13 -7.89 31.72 -8.46
C LEU D 13 -7.86 33.25 -8.76
N GLU D 14 -8.83 33.74 -9.54
CA GLU D 14 -8.93 35.13 -9.88
C GLU D 14 -10.31 35.36 -10.41
N ASP D 15 -10.63 36.63 -10.69
CA ASP D 15 -11.91 37.00 -11.29
C ASP D 15 -11.96 36.71 -12.78
N GLY D 16 -13.17 36.44 -13.27
CA GLY D 16 -13.40 36.14 -14.67
C GLY D 16 -12.94 34.80 -15.21
N VAL D 17 -12.76 33.78 -14.37
CA VAL D 17 -12.48 32.45 -14.89
C VAL D 17 -13.68 31.94 -15.65
N ASN D 18 -13.41 31.16 -16.69
CA ASN D 18 -14.44 30.58 -17.55
C ASN D 18 -14.48 29.08 -17.63
N VAL D 19 -15.59 28.47 -17.27
CA VAL D 19 -15.70 27.02 -17.44
C VAL D 19 -16.58 26.81 -18.64
N ILE D 20 -16.04 26.26 -19.71
CA ILE D 20 -16.77 26.20 -20.96
C ILE D 20 -17.13 24.77 -21.33
N GLY D 21 -18.41 24.54 -21.64
CA GLY D 21 -18.88 23.20 -21.98
C GLY D 21 -19.01 23.01 -23.47
N LEU D 22 -18.42 21.95 -24.01
CA LEU D 22 -18.52 21.65 -25.43
C LEU D 22 -19.59 20.58 -25.62
N THR D 23 -20.36 20.67 -26.72
CA THR D 23 -21.48 19.75 -27.01
C THR D 23 -21.07 18.31 -27.31
N ARG D 24 -21.69 17.35 -26.63
CA ARG D 24 -21.61 15.95 -27.07
C ARG D 24 -22.20 15.77 -28.46
N GLY D 25 -21.59 14.92 -29.28
CA GLY D 25 -22.20 14.57 -30.55
C GLY D 25 -21.34 14.71 -31.79
N ALA D 26 -21.96 14.68 -32.96
CA ALA D 26 -21.18 14.76 -34.19
C ALA D 26 -20.63 16.19 -34.40
N ASP D 27 -21.26 17.19 -33.77
CA ASP D 27 -20.81 18.57 -33.92
C ASP D 27 -20.13 19.07 -32.66
N THR D 28 -19.12 19.92 -32.81
CA THR D 28 -18.41 20.43 -31.64
C THR D 28 -18.42 21.93 -31.52
N ARG D 29 -19.11 22.46 -30.51
CA ARG D 29 -19.21 23.91 -30.27
C ARG D 29 -19.45 24.16 -28.79
N PHE D 30 -19.36 25.43 -28.40
CA PHE D 30 -19.55 25.84 -27.02
C PHE D 30 -21.05 26.00 -26.74
N HIS D 31 -21.59 25.48 -25.63
CA HIS D 31 -23.02 25.71 -25.41
C HIS D 31 -23.33 26.55 -24.18
N HIS D 32 -22.37 26.59 -23.26
CA HIS D 32 -22.53 27.33 -22.05
C HIS D 32 -21.18 27.71 -21.56
N SER D 33 -21.07 28.91 -21.03
CA SER D 33 -19.84 29.34 -20.41
C SER D 33 -20.18 29.85 -19.00
N GLU D 34 -19.73 29.13 -17.98
CA GLU D 34 -20.02 29.46 -16.59
C GLU D 34 -18.88 30.28 -16.03
N LYS D 35 -19.14 31.54 -15.69
CA LYS D 35 -18.10 32.42 -15.13
C LYS D 35 -17.90 32.25 -13.65
N LEU D 36 -16.64 32.15 -13.25
CA LEU D 36 -16.29 32.12 -11.83
C LEU D 36 -15.51 33.34 -11.39
N ASP D 37 -15.92 33.87 -10.25
CA ASP D 37 -15.11 34.86 -9.56
C ASP D 37 -14.18 34.28 -8.49
N LYS D 38 -13.11 35.01 -8.19
CA LYS D 38 -12.03 34.50 -7.35
C LYS D 38 -12.56 33.83 -6.09
N GLY D 39 -12.16 32.58 -5.90
CA GLY D 39 -12.55 31.87 -4.72
C GLY D 39 -13.73 30.98 -4.91
N GLU D 40 -14.48 31.16 -6.01
CA GLU D 40 -15.62 30.30 -6.26
C GLU D 40 -15.20 28.90 -6.72
N VAL D 41 -16.00 27.90 -6.33
CA VAL D 41 -15.72 26.53 -6.72
C VAL D 41 -16.87 26.00 -7.56
N LEU D 42 -16.53 25.38 -8.68
CA LEU D 42 -17.52 24.75 -9.52
C LEU D 42 -17.21 23.27 -9.62
N ILE D 43 -18.22 22.43 -9.44
CA ILE D 43 -18.04 20.98 -9.56
C ILE D 43 -18.93 20.51 -10.68
N ALA D 44 -18.36 20.04 -11.77
CA ALA D 44 -19.15 19.90 -12.99
C ALA D 44 -18.96 18.58 -13.67
N GLN D 45 -20.06 17.93 -14.01
CA GLN D 45 -19.96 16.57 -14.53
C GLN D 45 -19.83 16.57 -16.04
N PHE D 46 -19.51 15.39 -16.59
CA PHE D 46 -19.74 15.13 -18.00
C PHE D 46 -21.17 14.61 -18.09
N THR D 47 -21.85 14.85 -19.20
CA THR D 47 -23.30 14.73 -19.26
C THR D 47 -23.73 14.29 -20.65
N GLU D 48 -25.03 14.08 -20.85
CA GLU D 48 -25.56 13.83 -22.18
C GLU D 48 -25.24 15.00 -23.14
N HIS D 49 -25.15 16.23 -22.63
CA HIS D 49 -24.84 17.36 -23.50
C HIS D 49 -23.39 17.86 -23.47
N THR D 50 -22.64 17.52 -22.44
CA THR D 50 -21.26 17.98 -22.41
C THR D 50 -20.30 16.79 -22.32
N SER D 51 -19.36 16.72 -23.28
CA SER D 51 -18.38 15.63 -23.40
C SER D 51 -16.96 16.14 -23.44
N ALA D 52 -16.81 17.44 -23.26
CA ALA D 52 -15.51 18.07 -23.23
C ALA D 52 -15.69 19.40 -22.49
N ILE D 53 -14.74 19.74 -21.65
CA ILE D 53 -14.77 20.95 -20.86
C ILE D 53 -13.46 21.68 -21.00
N LYS D 54 -13.55 22.99 -21.18
CA LYS D 54 -12.37 23.78 -21.34
C LYS D 54 -12.37 24.86 -20.28
N VAL D 55 -11.20 25.08 -19.66
CA VAL D 55 -11.06 26.17 -18.66
C VAL D 55 -10.11 27.28 -19.09
N ARG D 56 -10.61 28.51 -19.10
CA ARG D 56 -9.84 29.71 -19.42
C ARG D 56 -9.61 30.56 -18.19
N GLY D 57 -8.35 30.95 -17.93
CA GLY D 57 -8.00 31.79 -16.77
C GLY D 57 -7.34 31.02 -15.64
N LYS D 58 -6.97 31.68 -14.55
CA LYS D 58 -6.21 30.98 -13.50
C LYS D 58 -7.12 30.19 -12.56
N ALA D 59 -7.06 28.87 -12.65
CA ALA D 59 -7.84 28.01 -11.77
C ALA D 59 -7.01 26.83 -11.33
N TYR D 60 -7.36 26.29 -10.18
CA TYR D 60 -6.85 25.03 -9.62
C TYR D 60 -7.86 23.99 -10.01
N ILE D 61 -7.43 22.98 -10.74
CA ILE D 61 -8.32 21.89 -11.18
C ILE D 61 -7.99 20.49 -10.59
N GLN D 62 -9.00 19.80 -10.07
CA GLN D 62 -8.84 18.41 -9.66
C GLN D 62 -9.70 17.52 -10.54
N THR D 63 -9.07 16.46 -11.09
CA THR D 63 -9.81 15.34 -11.70
C THR D 63 -9.39 13.98 -11.15
N ARG D 64 -10.05 12.92 -11.57
CA ARG D 64 -9.62 11.58 -11.21
C ARG D 64 -8.11 11.34 -11.40
N HIS D 65 -7.50 12.02 -12.38
CA HIS D 65 -6.05 11.89 -12.66
C HIS D 65 -5.13 12.86 -11.86
N GLY D 66 -5.69 13.71 -11.00
CA GLY D 66 -4.82 14.58 -10.24
C GLY D 66 -5.16 16.04 -10.40
N VAL D 67 -4.18 16.84 -10.02
CA VAL D 67 -4.32 18.26 -9.95
C VAL D 67 -3.64 18.85 -11.17
N ILE D 68 -4.32 19.75 -11.85
CA ILE D 68 -3.71 20.50 -12.91
C ILE D 68 -4.08 21.97 -12.71
N GLU D 69 -3.18 22.88 -13.01
CA GLU D 69 -3.52 24.30 -12.95
C GLU D 69 -3.67 24.93 -14.32
N SER D 70 -4.70 25.77 -14.51
CA SER D 70 -4.82 26.58 -15.71
C SER D 70 -4.24 27.96 -15.41
N GLU D 71 -3.52 28.54 -16.38
CA GLU D 71 -2.86 29.88 -16.26
C GLU D 71 -3.53 30.81 -17.18
N GLY D 72 -3.85 31.99 -16.68
CA GLY D 72 -4.57 32.95 -17.51
C GLY D 72 -3.60 33.87 -18.24
N LYS D 73 -3.94 34.22 -19.49
CA LYS D 73 -3.16 35.14 -20.37
C LYS D 73 -2.11 36.05 -19.70
N SER E 5 -17.14 6.67 -19.28
CA SER E 5 -16.07 6.76 -20.33
C SER E 5 -14.82 7.53 -19.89
N ASP E 6 -13.67 6.96 -20.20
CA ASP E 6 -12.38 7.61 -19.96
C ASP E 6 -12.26 8.98 -20.60
N PHE E 7 -11.37 9.81 -20.07
CA PHE E 7 -11.17 11.15 -20.60
C PHE E 7 -9.72 11.46 -20.41
N VAL E 8 -9.28 12.59 -20.94
CA VAL E 8 -7.88 12.95 -20.87
C VAL E 8 -7.81 14.45 -20.57
N VAL E 9 -6.78 14.87 -19.82
CA VAL E 9 -6.54 16.28 -19.46
C VAL E 9 -5.40 16.84 -20.36
N ILE E 10 -5.61 18.01 -20.99
CA ILE E 10 -4.54 18.61 -21.78
C ILE E 10 -4.34 20.02 -21.40
N LYS E 11 -3.19 20.34 -20.85
CA LYS E 11 -2.88 21.72 -20.55
C LYS E 11 -1.86 22.16 -21.55
N ALA E 12 -2.20 23.22 -22.27
CA ALA E 12 -1.33 23.68 -23.32
C ALA E 12 -0.16 24.42 -22.69
N LEU E 13 1.06 23.96 -22.97
CA LEU E 13 2.27 24.66 -22.54
C LEU E 13 2.71 25.81 -23.49
N GLU E 14 2.00 26.03 -24.60
CA GLU E 14 2.33 27.12 -25.54
C GLU E 14 1.06 27.48 -26.32
N ASP E 15 1.03 28.64 -26.97
CA ASP E 15 -0.07 29.01 -27.89
C ASP E 15 -0.24 28.05 -29.05
N GLY E 16 -1.48 27.87 -29.49
CA GLY E 16 -1.75 27.09 -30.68
C GLY E 16 -1.66 25.59 -30.58
N VAL E 17 -1.73 25.01 -29.38
CA VAL E 17 -1.84 23.55 -29.28
C VAL E 17 -3.16 23.09 -29.88
N ASN E 18 -3.13 21.94 -30.54
CA ASN E 18 -4.35 21.39 -31.13
C ASN E 18 -4.72 20.05 -30.53
N VAL E 19 -5.97 19.92 -30.11
CA VAL E 19 -6.47 18.63 -29.70
C VAL E 19 -7.44 18.14 -30.77
N ILE E 20 -7.08 17.04 -31.43
CA ILE E 20 -7.79 16.59 -32.59
C ILE E 20 -8.61 15.35 -32.30
N GLY E 21 -9.88 15.34 -32.73
CA GLY E 21 -10.71 14.15 -32.54
C GLY E 21 -10.81 13.32 -33.80
N LEU E 22 -10.47 12.04 -33.71
CA LEU E 22 -10.66 11.10 -34.82
C LEU E 22 -12.02 10.37 -34.66
N THR E 23 -12.77 10.22 -35.76
CA THR E 23 -14.09 9.59 -35.75
C THR E 23 -14.11 8.12 -35.36
N ARG E 24 -15.09 7.75 -34.54
CA ARG E 24 -15.36 6.33 -34.29
C ARG E 24 -16.04 5.67 -35.49
N GLY E 25 -15.69 4.40 -35.72
CA GLY E 25 -16.33 3.63 -36.77
C GLY E 25 -15.38 2.99 -37.76
N ALA E 26 -15.92 2.53 -38.90
CA ALA E 26 -15.11 1.92 -39.95
C ALA E 26 -14.23 2.92 -40.66
N ASP E 27 -14.62 4.19 -40.66
CA ASP E 27 -13.83 5.22 -41.36
C ASP E 27 -13.02 6.12 -40.39
N THR E 28 -11.78 6.49 -40.74
CA THR E 28 -10.95 7.30 -39.82
C THR E 28 -10.53 8.64 -40.39
N ARG E 29 -10.94 9.73 -39.74
CA ARG E 29 -10.99 11.07 -40.31
C ARG E 29 -10.79 12.02 -39.10
N PHE E 30 -10.17 13.19 -39.30
CA PHE E 30 -10.25 14.20 -38.23
C PHE E 30 -11.62 14.87 -38.32
N HIS E 31 -12.36 15.06 -37.22
CA HIS E 31 -13.68 15.68 -37.34
C HIS E 31 -13.76 17.01 -36.58
N HIS E 32 -12.82 17.21 -35.66
CA HIS E 32 -12.72 18.47 -34.93
C HIS E 32 -11.35 18.71 -34.37
N SER E 33 -10.90 19.95 -34.52
CA SER E 33 -9.64 20.38 -33.98
C SER E 33 -9.85 21.53 -33.00
N GLU E 34 -9.66 21.28 -31.70
CA GLU E 34 -9.76 22.35 -30.70
C GLU E 34 -8.42 23.02 -30.50
N LYS E 35 -8.36 24.31 -30.75
CA LYS E 35 -7.15 25.10 -30.57
C LYS E 35 -7.06 25.47 -29.11
N LEU E 36 -5.91 25.24 -28.47
CA LEU E 36 -5.67 25.70 -27.10
C LEU E 36 -4.51 26.71 -27.02
N ASP E 37 -4.74 27.81 -26.32
CA ASP E 37 -3.65 28.79 -26.08
C ASP E 37 -2.95 28.61 -24.70
N LYS E 38 -1.77 29.24 -24.58
CA LYS E 38 -0.86 28.95 -23.47
C LYS E 38 -1.52 28.97 -22.09
N GLY E 39 -1.59 27.81 -21.43
CA GLY E 39 -2.23 27.77 -20.13
C GLY E 39 -3.67 27.33 -20.08
N GLU E 40 -4.33 27.20 -21.23
CA GLU E 40 -5.69 26.68 -21.26
C GLU E 40 -5.70 25.19 -21.07
N VAL E 41 -6.71 24.71 -20.37
CA VAL E 41 -6.87 23.30 -20.06
C VAL E 41 -8.10 22.77 -20.78
N LEU E 42 -8.00 21.58 -21.35
CA LEU E 42 -9.16 20.90 -21.89
C LEU E 42 -9.32 19.57 -21.22
N ILE E 43 -10.52 19.23 -20.80
CA ILE E 43 -10.77 17.87 -20.32
C ILE E 43 -11.76 17.22 -21.29
N ALA E 44 -11.32 16.16 -21.96
CA ALA E 44 -12.05 15.64 -23.12
C ALA E 44 -12.28 14.16 -23.01
N GLN E 45 -13.46 13.69 -23.39
CA GLN E 45 -13.73 12.26 -23.25
C GLN E 45 -13.65 11.52 -24.56
N PHE E 46 -13.51 10.21 -24.48
CA PHE E 46 -13.88 9.38 -25.60
C PHE E 46 -15.38 9.28 -25.58
N THR E 47 -15.95 9.34 -26.78
CA THR E 47 -17.39 9.45 -27.01
C THR E 47 -17.82 8.53 -28.18
N GLU E 48 -19.14 8.44 -28.38
CA GLU E 48 -19.70 7.78 -29.54
C GLU E 48 -19.07 8.23 -30.84
N HIS E 49 -18.58 9.46 -30.88
CA HIS E 49 -18.04 9.97 -32.13
C HIS E 49 -16.51 10.03 -32.17
N THR E 50 -15.87 9.95 -31.00
CA THR E 50 -14.43 10.18 -30.92
C THR E 50 -13.83 9.02 -30.23
N SER E 51 -13.02 8.25 -30.94
CA SER E 51 -12.42 7.03 -30.39
C SER E 51 -10.88 7.08 -30.42
N ALA E 52 -10.35 8.25 -30.76
CA ALA E 52 -8.92 8.47 -30.71
C ALA E 52 -8.71 9.96 -30.70
N ILE E 53 -7.71 10.40 -29.96
CA ILE E 53 -7.46 11.81 -29.76
C ILE E 53 -5.98 12.00 -29.98
N LYS E 54 -5.64 13.03 -30.76
CA LYS E 54 -4.26 13.30 -31.16
C LYS E 54 -3.93 14.68 -30.72
N VAL E 55 -2.76 14.85 -30.09
CA VAL E 55 -2.37 16.13 -29.53
C VAL E 55 -1.12 16.60 -30.24
N ARG E 56 -1.12 17.83 -30.73
CA ARG E 56 -0.05 18.34 -31.59
C ARG E 56 0.39 19.65 -30.97
N GLY E 57 1.69 19.80 -30.71
CA GLY E 57 2.18 20.95 -29.96
C GLY E 57 2.59 20.66 -28.52
N LYS E 58 3.25 21.63 -27.88
CA LYS E 58 3.76 21.39 -26.52
C LYS E 58 2.64 21.37 -25.45
N ALA E 59 2.35 20.20 -24.86
CA ALA E 59 1.33 20.13 -23.78
C ALA E 59 1.65 19.08 -22.77
N TYR E 60 1.10 19.27 -21.56
CA TYR E 60 1.21 18.39 -20.42
C TYR E 60 -0.10 17.64 -20.49
N ILE E 61 -0.06 16.31 -20.32
CA ILE E 61 -1.21 15.44 -20.55
C ILE E 61 -1.29 14.41 -19.42
N GLN E 62 -2.51 14.22 -18.90
CA GLN E 62 -2.73 13.28 -17.86
C GLN E 62 -3.80 12.32 -18.38
N THR E 63 -3.57 11.04 -18.22
CA THR E 63 -4.59 10.06 -18.49
C THR E 63 -4.56 9.05 -17.36
N ARG E 64 -5.51 8.13 -17.38
CA ARG E 64 -5.49 6.99 -16.43
C ARG E 64 -4.08 6.37 -16.27
N HIS E 65 -3.28 6.35 -17.35
CA HIS E 65 -1.96 5.70 -17.30
C HIS E 65 -0.83 6.61 -16.81
N GLY E 66 -1.15 7.89 -16.51
CA GLY E 66 -0.16 8.81 -16.02
C GLY E 66 0.08 10.06 -16.89
N VAL E 67 1.23 10.67 -16.65
CA VAL E 67 1.56 11.86 -17.33
C VAL E 67 2.32 11.52 -18.61
N ILE E 68 1.97 12.19 -19.71
CA ILE E 68 2.86 12.15 -20.88
C ILE E 68 2.93 13.54 -21.48
N GLU E 69 4.06 13.96 -22.01
CA GLU E 69 4.13 15.30 -22.62
C GLU E 69 4.30 15.26 -24.13
N SER E 70 3.44 15.95 -24.86
CA SER E 70 3.63 16.12 -26.28
C SER E 70 4.58 17.29 -26.41
N GLU E 71 5.36 17.33 -27.50
CA GLU E 71 6.31 18.44 -27.74
C GLU E 71 6.17 18.88 -29.16
N GLY E 72 6.37 20.19 -29.37
CA GLY E 72 6.11 20.84 -30.66
C GLY E 72 6.96 20.32 -31.80
N SER F 5 -13.97 0.83 -21.80
CA SER F 5 -13.10 0.36 -22.95
C SER F 5 -11.64 0.94 -23.03
N ASP F 6 -10.69 -0.01 -23.00
CA ASP F 6 -9.27 0.26 -22.91
C ASP F 6 -8.66 1.12 -24.00
N PHE F 7 -7.55 1.78 -23.69
CA PHE F 7 -6.85 2.65 -24.65
C PHE F 7 -5.34 2.60 -24.44
N VAL F 8 -4.61 2.96 -25.47
CA VAL F 8 -3.17 3.03 -25.37
C VAL F 8 -2.74 4.48 -25.73
N VAL F 9 -1.68 4.99 -25.06
CA VAL F 9 -1.07 6.27 -25.36
C VAL F 9 0.20 6.00 -26.14
N ILE F 10 0.41 6.75 -27.22
CA ILE F 10 1.61 6.60 -28.03
C ILE F 10 2.23 7.95 -28.29
N LYS F 11 3.45 8.12 -27.79
CA LYS F 11 4.21 9.32 -28.05
C LYS F 11 5.29 8.97 -29.05
N ALA F 12 5.38 9.77 -30.10
CA ALA F 12 6.36 9.58 -31.19
C ALA F 12 7.73 10.16 -30.87
N LEU F 13 8.73 9.30 -30.73
CA LEU F 13 10.06 9.80 -30.45
C LEU F 13 10.84 10.22 -31.70
N GLU F 14 10.27 9.99 -32.88
CA GLU F 14 10.89 10.42 -34.15
C GLU F 14 9.77 10.66 -35.16
N ASP F 15 10.08 11.37 -36.25
CA ASP F 15 9.15 11.54 -37.37
C ASP F 15 8.71 10.23 -38.01
N GLY F 16 7.48 10.16 -38.50
CA GLY F 16 7.06 8.97 -39.21
C GLY F 16 6.65 7.71 -38.44
N VAL F 17 6.30 7.87 -37.17
CA VAL F 17 5.83 6.72 -36.44
C VAL F 17 4.49 6.36 -37.05
N ASN F 18 4.12 5.09 -36.89
CA ASN F 18 3.00 4.51 -37.60
C ASN F 18 2.10 3.67 -36.66
N VAL F 19 0.89 4.15 -36.40
CA VAL F 19 0.01 3.43 -35.49
C VAL F 19 -1.00 2.72 -36.39
N ILE F 20 -0.95 1.40 -36.41
CA ILE F 20 -1.75 0.64 -37.35
C ILE F 20 -2.93 -0.07 -36.68
N GLY F 21 -4.15 0.20 -37.14
CA GLY F 21 -5.29 -0.53 -36.60
C GLY F 21 -5.60 -1.80 -37.37
N LEU F 22 -5.72 -2.92 -36.68
CA LEU F 22 -6.16 -4.16 -37.29
C LEU F 22 -7.67 -4.39 -37.05
N THR F 23 -8.36 -4.89 -38.09
CA THR F 23 -9.79 -5.18 -38.10
C THR F 23 -10.21 -6.23 -37.09
N ARG F 24 -11.29 -5.95 -36.39
CA ARG F 24 -11.97 -6.94 -35.55
C ARG F 24 -12.78 -7.86 -36.43
N GLY F 25 -12.86 -9.14 -36.04
CA GLY F 25 -13.71 -10.10 -36.72
C GLY F 25 -12.97 -11.35 -37.17
N ALA F 26 -13.58 -12.16 -38.02
CA ALA F 26 -12.89 -13.36 -38.49
C ALA F 26 -11.72 -13.10 -39.43
N ASP F 27 -11.68 -11.92 -40.09
CA ASP F 27 -10.53 -11.57 -40.97
C ASP F 27 -9.60 -10.55 -40.31
N THR F 28 -8.29 -10.69 -40.52
CA THR F 28 -7.30 -9.74 -39.96
C THR F 28 -6.49 -8.92 -41.00
N ARG F 29 -6.66 -7.60 -41.04
CA ARG F 29 -6.07 -6.71 -42.07
C ARG F 29 -5.86 -5.35 -41.45
N PHE F 30 -4.87 -4.58 -41.89
CA PHE F 30 -4.87 -3.20 -41.39
C PHE F 30 -5.95 -2.38 -42.10
N HIS F 31 -6.68 -1.57 -41.35
CA HIS F 31 -7.76 -0.76 -41.92
C HIS F 31 -7.45 0.74 -41.81
N HIS F 32 -6.50 1.11 -40.97
CA HIS F 32 -6.10 2.49 -40.81
C HIS F 32 -4.70 2.61 -40.29
N SER F 33 -3.97 3.58 -40.80
CA SER F 33 -2.61 3.81 -40.41
C SER F 33 -2.49 5.27 -40.06
N GLU F 34 -2.35 5.61 -38.77
CA GLU F 34 -2.18 7.01 -38.39
C GLU F 34 -0.70 7.28 -38.14
N LYS F 35 -0.15 8.21 -38.93
CA LYS F 35 1.26 8.53 -38.82
C LYS F 35 1.40 9.62 -37.80
N LEU F 36 2.47 9.55 -37.02
CA LEU F 36 2.82 10.60 -36.06
C LEU F 36 4.23 11.12 -36.28
N ASP F 37 4.36 12.44 -36.16
CA ASP F 37 5.70 13.04 -36.12
C ASP F 37 6.27 13.27 -34.70
N LYS F 38 7.56 13.53 -34.66
CA LYS F 38 8.29 13.63 -33.43
C LYS F 38 7.58 14.50 -32.43
N GLY F 39 7.22 13.88 -31.32
CA GLY F 39 6.67 14.63 -30.21
C GLY F 39 5.17 14.65 -30.13
N GLU F 40 4.49 14.24 -31.22
CA GLU F 40 3.04 14.10 -31.24
C GLU F 40 2.58 12.87 -30.42
N VAL F 41 1.41 12.98 -29.81
CA VAL F 41 0.85 11.94 -28.98
C VAL F 41 -0.49 11.48 -29.56
N LEU F 42 -0.79 10.21 -29.46
CA LEU F 42 -2.08 9.70 -29.85
C LEU F 42 -2.63 8.89 -28.69
N ILE F 43 -3.90 9.08 -28.35
CA ILE F 43 -4.55 8.24 -27.38
C ILE F 43 -5.67 7.50 -28.11
N ALA F 44 -5.48 6.19 -28.27
CA ALA F 44 -6.33 5.37 -29.13
C ALA F 44 -7.04 4.24 -28.40
N GLN F 45 -8.33 4.09 -28.63
CA GLN F 45 -9.07 3.02 -28.01
C GLN F 45 -9.14 1.71 -28.79
N PHE F 46 -9.41 0.63 -28.08
CA PHE F 46 -9.87 -0.54 -28.79
C PHE F 46 -11.34 -0.31 -29.02
N THR F 47 -11.88 -0.78 -30.14
CA THR F 47 -13.19 -0.35 -30.59
C THR F 47 -13.90 -1.49 -31.31
N GLU F 48 -15.14 -1.21 -31.73
CA GLU F 48 -15.86 -2.15 -32.59
C GLU F 48 -15.00 -2.59 -33.81
N HIS F 49 -14.25 -1.69 -34.41
CA HIS F 49 -13.51 -2.05 -35.62
C HIS F 49 -12.03 -2.41 -35.44
N THR F 50 -11.45 -2.02 -34.31
CA THR F 50 -10.04 -2.23 -33.98
C THR F 50 -9.89 -3.15 -32.77
N SER F 51 -9.35 -4.34 -32.96
CA SER F 51 -9.14 -5.26 -31.86
C SER F 51 -7.65 -5.54 -31.67
N ALA F 52 -6.83 -4.89 -32.47
CA ALA F 52 -5.39 -4.97 -32.29
C ALA F 52 -4.68 -3.78 -32.95
N ILE F 53 -3.63 -3.31 -32.30
CA ILE F 53 -2.94 -2.13 -32.69
C ILE F 53 -1.45 -2.46 -32.79
N LYS F 54 -0.85 -2.05 -33.91
CA LYS F 54 0.57 -2.24 -34.17
C LYS F 54 1.27 -0.91 -34.28
N VAL F 55 2.41 -0.78 -33.57
CA VAL F 55 3.20 0.45 -33.63
C VAL F 55 4.55 0.22 -34.27
N ARG F 56 4.83 1.03 -35.28
CA ARG F 56 6.10 0.96 -35.99
C ARG F 56 6.88 2.23 -35.85
N GLY F 57 8.17 2.10 -35.57
CA GLY F 57 8.99 3.25 -35.34
C GLY F 57 9.25 3.48 -33.86
N LYS F 58 10.14 4.43 -33.56
CA LYS F 58 10.51 4.67 -32.15
C LYS F 58 9.43 5.47 -31.38
N ALA F 59 8.76 4.82 -30.44
CA ALA F 59 7.70 5.47 -29.67
C ALA F 59 7.76 5.06 -28.23
N TYR F 60 7.20 5.91 -27.35
CA TYR F 60 7.04 5.62 -25.94
C TYR F 60 5.56 5.23 -25.78
N ILE F 61 5.28 4.12 -25.12
CA ILE F 61 3.91 3.56 -25.08
C ILE F 61 3.46 3.22 -23.64
N GLN F 62 2.30 3.75 -23.26
CA GLN F 62 1.71 3.48 -21.96
C GLN F 62 0.42 2.72 -22.22
N THR F 63 0.30 1.60 -21.52
CA THR F 63 -0.95 0.89 -21.42
C THR F 63 -1.20 0.55 -19.94
N ARG F 64 -2.38 0.05 -19.66
CA ARG F 64 -2.72 -0.47 -18.35
C ARG F 64 -1.61 -1.31 -17.77
N HIS F 65 -0.86 -2.08 -18.56
CA HIS F 65 0.19 -2.92 -17.98
C HIS F 65 1.57 -2.19 -17.83
N GLY F 66 1.67 -0.90 -18.12
CA GLY F 66 2.97 -0.27 -17.96
C GLY F 66 3.51 0.38 -19.22
N VAL F 67 4.77 0.77 -19.20
CA VAL F 67 5.30 1.43 -20.37
C VAL F 67 6.02 0.36 -21.15
N ILE F 68 5.99 0.49 -22.47
CA ILE F 68 6.80 -0.31 -23.32
C ILE F 68 7.29 0.65 -24.39
N GLU F 69 8.48 0.43 -24.90
CA GLU F 69 8.98 1.25 -26.01
C GLU F 69 9.14 0.48 -27.33
N SER F 70 8.53 0.93 -28.43
CA SER F 70 8.85 0.38 -29.75
C SER F 70 10.10 1.05 -30.31
N GLU F 71 10.85 0.31 -31.12
CA GLU F 71 12.12 0.78 -31.68
C GLU F 71 12.08 0.53 -33.15
N GLY F 72 12.53 1.50 -33.96
CA GLY F 72 12.34 1.44 -35.42
C GLY F 72 13.49 0.80 -36.18
N LYS F 73 13.29 0.57 -37.49
CA LYS F 73 14.31 0.00 -38.44
C LYS F 73 15.53 0.89 -38.59
N ASN G 4 -14.45 -3.34 -22.12
CA ASN G 4 -14.37 -4.78 -22.58
C ASN G 4 -13.07 -5.64 -22.22
N SER G 5 -12.74 -6.64 -23.05
CA SER G 5 -11.84 -7.72 -22.62
C SER G 5 -10.33 -7.39 -22.55
N ASP G 6 -9.60 -8.36 -22.02
CA ASP G 6 -8.17 -8.23 -21.80
C ASP G 6 -7.37 -8.18 -23.05
N PHE G 7 -6.15 -7.68 -22.92
CA PHE G 7 -5.24 -7.59 -24.03
C PHE G 7 -3.86 -7.93 -23.54
N VAL G 8 -2.97 -8.27 -24.50
CA VAL G 8 -1.57 -8.58 -24.25
C VAL G 8 -0.69 -7.66 -25.07
N VAL G 9 0.44 -7.24 -24.51
CA VAL G 9 1.45 -6.41 -25.19
C VAL G 9 2.63 -7.31 -25.57
N ILE G 10 3.06 -7.24 -26.82
CA ILE G 10 4.17 -8.05 -27.30
C ILE G 10 5.15 -7.19 -28.05
N LYS G 11 6.36 -7.08 -27.51
CA LYS G 11 7.45 -6.46 -28.23
C LYS G 11 8.40 -7.53 -28.77
N ALA G 12 8.57 -7.50 -30.07
CA ALA G 12 9.52 -8.35 -30.78
C ALA G 12 11.02 -7.99 -30.51
N LEU G 13 11.76 -8.95 -29.95
CA LEU G 13 13.16 -8.70 -29.60
C LEU G 13 14.13 -9.13 -30.69
N GLU G 14 13.58 -9.66 -31.78
CA GLU G 14 14.32 -10.00 -33.00
C GLU G 14 13.34 -9.98 -34.13
N ASP G 15 13.84 -10.24 -35.34
CA ASP G 15 12.99 -10.28 -36.54
C ASP G 15 12.19 -11.60 -36.61
N GLY G 16 11.08 -11.58 -37.33
CA GLY G 16 10.30 -12.78 -37.57
C GLY G 16 9.56 -13.39 -36.39
N VAL G 17 9.25 -12.57 -35.39
CA VAL G 17 8.43 -13.02 -34.28
C VAL G 17 7.01 -13.21 -34.81
N ASN G 18 6.36 -14.26 -34.30
CA ASN G 18 5.02 -14.63 -34.72
C ASN G 18 3.97 -14.53 -33.60
N VAL G 19 2.95 -13.70 -33.80
CA VAL G 19 1.89 -13.62 -32.81
C VAL G 19 0.65 -14.30 -33.37
N ILE G 20 0.29 -15.47 -32.82
CA ILE G 20 -0.71 -16.30 -33.48
C ILE G 20 -2.07 -16.35 -32.74
N GLY G 21 -3.18 -16.10 -33.45
CA GLY G 21 -4.52 -16.16 -32.87
C GLY G 21 -5.14 -17.55 -32.99
N LEU G 22 -5.65 -18.08 -31.92
CA LEU G 22 -6.33 -19.36 -32.02
C LEU G 22 -7.81 -19.12 -32.03
N THR G 23 -8.53 -19.92 -32.81
CA THR G 23 -9.99 -19.74 -32.96
C THR G 23 -10.79 -20.02 -31.69
N ARG G 24 -11.69 -19.10 -31.35
CA ARG G 24 -12.64 -19.37 -30.26
C ARG G 24 -13.62 -20.37 -30.79
N GLY G 25 -14.12 -21.22 -29.90
CA GLY G 25 -15.20 -22.13 -30.27
C GLY G 25 -14.84 -23.58 -30.07
N ALA G 26 -15.66 -24.48 -30.60
CA ALA G 26 -15.47 -25.88 -30.31
C ALA G 26 -14.25 -26.41 -31.03
N ASP G 27 -13.84 -25.76 -32.12
CA ASP G 27 -12.64 -26.19 -32.85
C ASP G 27 -11.46 -25.25 -32.57
N THR G 28 -10.25 -25.81 -32.49
CA THR G 28 -9.03 -25.02 -32.26
C THR G 28 -8.07 -25.07 -33.47
N ARG G 29 -7.91 -23.95 -34.17
CA ARG G 29 -6.96 -23.80 -35.29
C ARG G 29 -6.40 -22.38 -35.29
N PHE G 30 -5.34 -22.19 -36.07
CA PHE G 30 -4.68 -20.90 -36.27
C PHE G 30 -5.46 -20.13 -37.28
N HIS G 31 -5.93 -18.92 -36.98
CA HIS G 31 -6.61 -18.17 -38.04
C HIS G 31 -5.76 -17.04 -38.64
N HIS G 32 -4.81 -16.54 -37.86
CA HIS G 32 -4.00 -15.41 -38.28
C HIS G 32 -2.67 -15.48 -37.59
N SER G 33 -1.63 -15.10 -38.29
CA SER G 33 -0.31 -15.05 -37.71
C SER G 33 0.26 -13.68 -38.09
N GLU G 34 0.45 -12.82 -37.13
CA GLU G 34 0.89 -11.47 -37.38
C GLU G 34 2.38 -11.53 -37.13
N LYS G 35 3.18 -11.25 -38.14
CA LYS G 35 4.63 -11.25 -38.00
C LYS G 35 5.16 -9.92 -37.51
N LEU G 36 6.12 -9.98 -36.60
CA LEU G 36 6.71 -8.78 -36.05
C LEU G 36 8.19 -8.76 -36.34
N ASP G 37 8.70 -7.63 -36.82
CA ASP G 37 10.15 -7.41 -36.85
C ASP G 37 10.73 -6.72 -35.60
N LYS G 38 12.06 -6.73 -35.49
CA LYS G 38 12.69 -6.31 -34.24
C LYS G 38 12.25 -4.92 -33.82
N GLY G 39 11.69 -4.86 -32.62
CA GLY G 39 11.34 -3.61 -32.01
C GLY G 39 9.91 -3.17 -32.23
N GLU G 40 9.17 -3.83 -33.12
CA GLU G 40 7.73 -3.54 -33.28
C GLU G 40 6.95 -3.96 -32.05
N VAL G 41 5.89 -3.23 -31.72
CA VAL G 41 5.03 -3.63 -30.60
C VAL G 41 3.64 -3.92 -31.14
N LEU G 42 3.01 -4.99 -30.66
CA LEU G 42 1.62 -5.29 -31.01
C LEU G 42 0.81 -5.31 -29.72
N ILE G 43 -0.39 -4.71 -29.73
CA ILE G 43 -1.26 -4.75 -28.56
C ILE G 43 -2.53 -5.43 -29.02
N ALA G 44 -2.77 -6.63 -28.53
CA ALA G 44 -3.78 -7.47 -29.13
C ALA G 44 -4.77 -7.97 -28.11
N GLN G 45 -6.07 -7.94 -28.43
CA GLN G 45 -7.08 -8.28 -27.45
C GLN G 45 -7.52 -9.70 -27.59
N PHE G 46 -8.13 -10.25 -26.56
CA PHE G 46 -8.98 -11.41 -26.76
C PHE G 46 -10.31 -10.93 -27.30
N THR G 47 -10.88 -11.70 -28.21
CA THR G 47 -12.03 -11.25 -29.00
C THR G 47 -13.00 -12.41 -29.29
N GLU G 48 -14.07 -12.09 -30.01
CA GLU G 48 -15.04 -13.13 -30.39
C GLU G 48 -14.37 -14.25 -31.17
N HIS G 49 -13.38 -13.92 -32.00
CA HIS G 49 -12.67 -14.90 -32.84
C HIS G 49 -11.38 -15.49 -32.25
N THR G 50 -10.76 -14.75 -31.33
CA THR G 50 -9.52 -15.16 -30.68
C THR G 50 -9.64 -15.43 -29.19
N SER G 51 -9.55 -16.69 -28.79
CA SER G 51 -9.62 -17.06 -27.37
C SER G 51 -8.32 -17.58 -26.82
N ALA G 52 -7.28 -17.63 -27.65
CA ALA G 52 -5.92 -17.93 -27.18
C ALA G 52 -4.91 -17.37 -28.14
N ILE G 53 -3.80 -16.91 -27.59
CA ILE G 53 -2.73 -16.35 -28.38
C ILE G 53 -1.44 -17.10 -28.08
N LYS G 54 -0.68 -17.41 -29.12
CA LYS G 54 0.58 -18.11 -28.99
C LYS G 54 1.64 -17.23 -29.57
N VAL G 55 2.76 -17.11 -28.86
CA VAL G 55 3.88 -16.29 -29.32
C VAL G 55 5.12 -17.16 -29.60
N ARG G 56 5.64 -17.06 -30.82
CA ARG G 56 6.89 -17.70 -31.20
C ARG G 56 8.00 -16.71 -31.56
N GLY G 57 9.20 -16.97 -31.05
CA GLY G 57 10.34 -16.11 -31.28
C GLY G 57 10.64 -15.34 -30.03
N LYS G 58 11.76 -14.63 -30.00
CA LYS G 58 12.17 -13.88 -28.83
C LYS G 58 11.31 -12.63 -28.69
N ALA G 59 10.45 -12.58 -27.66
CA ALA G 59 9.64 -11.39 -27.43
C ALA G 59 9.47 -11.07 -25.94
N TYR G 60 9.25 -9.80 -25.65
CA TYR G 60 8.93 -9.32 -24.30
C TYR G 60 7.41 -9.11 -24.18
N ILE G 61 6.81 -9.78 -23.21
CA ILE G 61 5.35 -9.80 -23.10
C ILE G 61 4.82 -9.25 -21.76
N GLN G 62 3.80 -8.39 -21.83
CA GLN G 62 3.11 -7.85 -20.66
C GLN G 62 1.69 -8.36 -20.67
N THR G 63 1.21 -8.88 -19.55
CA THR G 63 -0.21 -9.11 -19.43
C THR G 63 -0.63 -8.57 -18.06
N ARG G 64 -1.92 -8.66 -17.79
CA ARG G 64 -2.39 -8.33 -16.46
C ARG G 64 -1.64 -9.07 -15.34
N HIS G 65 -1.09 -10.26 -15.62
CA HIS G 65 -0.34 -10.97 -14.58
C HIS G 65 1.13 -10.61 -14.51
N GLY G 66 1.64 -9.72 -15.37
CA GLY G 66 3.05 -9.42 -15.26
C GLY G 66 3.85 -9.68 -16.51
N VAL G 67 5.17 -9.70 -16.42
CA VAL G 67 5.89 -9.87 -17.67
C VAL G 67 6.22 -11.33 -17.78
N ILE G 68 6.30 -11.79 -19.03
CA ILE G 68 6.86 -13.05 -19.38
C ILE G 68 7.67 -12.82 -20.65
N GLU G 69 8.72 -13.59 -20.83
CA GLU G 69 9.44 -13.54 -22.09
C GLU G 69 9.44 -14.87 -22.85
N SER G 70 9.10 -14.81 -24.14
CA SER G 70 9.22 -15.93 -25.07
C SER G 70 10.63 -16.00 -25.63
N GLU G 71 11.12 -17.19 -25.98
CA GLU G 71 12.47 -17.33 -26.52
C GLU G 71 12.38 -18.23 -27.69
N GLY G 72 13.11 -17.92 -28.77
CA GLY G 72 13.13 -18.80 -29.93
C GLY G 72 14.07 -19.96 -29.69
N LYS G 73 14.19 -20.83 -30.69
CA LYS G 73 15.02 -22.05 -30.67
C LYS G 73 16.46 -21.75 -31.06
N SER H 5 -13.39 -12.55 -19.01
CA SER H 5 -12.89 -13.95 -18.78
C SER H 5 -11.38 -14.02 -18.50
N ASP H 6 -11.07 -14.75 -17.42
CA ASP H 6 -9.70 -15.00 -17.03
C ASP H 6 -8.95 -15.79 -18.07
N PHE H 7 -7.62 -15.59 -18.06
CA PHE H 7 -6.69 -16.31 -18.92
C PHE H 7 -5.51 -16.78 -18.11
N VAL H 8 -4.74 -17.68 -18.70
CA VAL H 8 -3.58 -18.24 -18.07
C VAL H 8 -2.41 -18.13 -19.02
N VAL H 9 -1.24 -17.71 -18.54
CA VAL H 9 -0.05 -17.61 -19.34
C VAL H 9 0.80 -18.82 -19.07
N ILE H 10 1.28 -19.47 -20.14
CA ILE H 10 2.07 -20.70 -20.03
C ILE H 10 3.33 -20.61 -20.89
N LYS H 11 4.50 -20.66 -20.24
CA LYS H 11 5.77 -20.62 -20.95
C LYS H 11 6.41 -21.97 -20.80
N ALA H 12 6.68 -22.58 -21.94
CA ALA H 12 7.27 -23.92 -21.99
C ALA H 12 8.77 -23.88 -21.62
N LEU H 13 9.15 -24.64 -20.59
CA LEU H 13 10.56 -24.70 -20.16
C LEU H 13 11.38 -25.83 -20.80
N GLU H 14 10.74 -26.65 -21.63
CA GLU H 14 11.41 -27.71 -22.40
C GLU H 14 10.50 -27.98 -23.59
N ASP H 15 10.94 -28.83 -24.52
CA ASP H 15 10.14 -29.27 -25.69
C ASP H 15 8.96 -30.17 -25.28
N GLY H 16 7.87 -30.15 -26.05
CA GLY H 16 6.73 -31.08 -25.85
C GLY H 16 5.76 -30.86 -24.70
N VAL H 17 5.78 -29.66 -24.09
CA VAL H 17 4.78 -29.36 -23.07
C VAL H 17 3.40 -29.33 -23.72
N ASN H 18 2.39 -29.76 -22.97
CA ASN H 18 1.02 -29.88 -23.46
C ASN H 18 0.05 -29.03 -22.66
N VAL H 19 -0.68 -28.15 -23.34
CA VAL H 19 -1.78 -27.40 -22.76
C VAL H 19 -3.06 -28.00 -23.23
N ILE H 20 -3.77 -28.60 -22.31
CA ILE H 20 -4.94 -29.39 -22.65
C ILE H 20 -6.18 -28.67 -22.17
N GLY H 21 -7.20 -28.60 -23.01
CA GLY H 21 -8.47 -28.00 -22.64
C GLY H 21 -9.47 -29.09 -22.37
N LEU H 22 -10.17 -29.00 -21.26
CA LEU H 22 -11.26 -29.93 -20.99
C LEU H 22 -12.56 -29.24 -21.31
N THR H 23 -13.54 -30.00 -21.82
CA THR H 23 -14.87 -29.47 -22.20
C THR H 23 -15.70 -28.88 -21.07
N ARG H 24 -16.28 -27.70 -21.28
CA ARG H 24 -17.36 -27.23 -20.39
C ARG H 24 -18.60 -28.04 -20.67
N GLY H 25 -19.41 -28.25 -19.66
CA GLY H 25 -20.66 -28.96 -19.84
C GLY H 25 -20.77 -30.18 -18.94
N ALA H 26 -21.81 -30.97 -19.16
CA ALA H 26 -22.07 -32.07 -18.24
C ALA H 26 -21.04 -33.18 -18.42
N ASP H 27 -20.33 -33.14 -19.54
CA ASP H 27 -19.31 -34.15 -19.86
C ASP H 27 -17.93 -33.58 -19.65
N THR H 28 -16.98 -34.38 -19.16
CA THR H 28 -15.60 -33.88 -19.01
C THR H 28 -14.58 -34.71 -19.80
N ARG H 29 -14.00 -34.14 -20.85
CA ARG H 29 -13.00 -34.81 -21.70
C ARG H 29 -12.10 -33.78 -22.38
N PHE H 30 -10.98 -34.24 -22.93
CA PHE H 30 -10.01 -33.39 -23.61
C PHE H 30 -10.54 -33.04 -25.00
N HIS H 31 -10.60 -31.77 -25.36
CA HIS H 31 -11.05 -31.44 -26.71
C HIS H 31 -9.91 -30.98 -27.62
N HIS H 32 -8.81 -30.58 -26.98
CA HIS H 32 -7.69 -30.04 -27.70
C HIS H 32 -6.41 -30.08 -26.88
N SER H 33 -5.31 -30.38 -27.55
CA SER H 33 -3.99 -30.40 -26.93
C SER H 33 -3.00 -29.54 -27.72
N GLU H 34 -2.52 -28.44 -27.14
CA GLU H 34 -1.61 -27.54 -27.82
C GLU H 34 -0.18 -27.82 -27.35
N LYS H 35 0.64 -28.25 -28.30
CA LYS H 35 2.00 -28.63 -28.07
C LYS H 35 2.85 -27.38 -28.07
N LEU H 36 3.58 -27.15 -26.98
CA LEU H 36 4.51 -26.05 -26.87
C LEU H 36 5.92 -26.54 -26.80
N ASP H 37 6.79 -26.01 -27.67
CA ASP H 37 8.23 -26.26 -27.59
C ASP H 37 8.95 -25.21 -26.73
N LYS H 38 10.15 -25.53 -26.30
CA LYS H 38 10.88 -24.71 -25.37
C LYS H 38 10.98 -23.24 -25.76
N GLY H 39 10.54 -22.37 -24.85
CA GLY H 39 10.60 -20.95 -25.04
C GLY H 39 9.31 -20.35 -25.58
N GLU H 40 8.43 -21.18 -26.15
CA GLU H 40 7.16 -20.71 -26.67
C GLU H 40 6.24 -20.35 -25.50
N VAL H 41 5.40 -19.33 -25.73
CA VAL H 41 4.39 -18.85 -24.79
C VAL H 41 2.97 -18.97 -25.33
N LEU H 42 2.05 -19.51 -24.53
CA LEU H 42 0.65 -19.50 -24.90
C LEU H 42 -0.13 -18.73 -23.83
N ILE H 43 -0.97 -17.78 -24.27
CA ILE H 43 -1.97 -17.05 -23.44
C ILE H 43 -3.40 -17.54 -23.79
N ALA H 44 -4.04 -18.22 -22.84
CA ALA H 44 -5.25 -19.04 -23.11
C ALA H 44 -6.40 -18.71 -22.16
N GLN H 45 -7.60 -18.57 -22.70
CA GLN H 45 -8.72 -18.10 -21.93
C GLN H 45 -9.58 -19.25 -21.43
N PHE H 46 -10.37 -19.00 -20.39
CA PHE H 46 -11.49 -19.86 -20.15
C PHE H 46 -12.60 -19.40 -21.11
N THR H 47 -13.28 -20.36 -21.71
CA THR H 47 -14.20 -20.01 -22.76
C THR H 47 -15.52 -20.76 -22.61
N GLU H 48 -16.43 -20.52 -23.53
CA GLU H 48 -17.64 -21.35 -23.60
C GLU H 48 -17.38 -22.87 -23.72
N HIS H 49 -16.32 -23.28 -24.44
CA HIS H 49 -16.03 -24.72 -24.60
C HIS H 49 -14.96 -25.30 -23.66
N THR H 50 -14.23 -24.43 -22.98
CA THR H 50 -13.13 -24.85 -22.10
C THR H 50 -13.27 -24.30 -20.71
N SER H 51 -13.57 -25.19 -19.76
CA SER H 51 -13.79 -24.80 -18.36
C SER H 51 -12.72 -25.35 -17.39
N ALA H 52 -11.68 -25.96 -17.94
CA ALA H 52 -10.57 -26.40 -17.13
C ALA H 52 -9.38 -26.68 -18.03
N ILE H 53 -8.19 -26.40 -17.54
CA ILE H 53 -7.02 -26.50 -18.38
C ILE H 53 -5.97 -27.25 -17.64
N LYS H 54 -5.35 -28.21 -18.31
CA LYS H 54 -4.35 -29.08 -17.69
C LYS H 54 -3.04 -28.90 -18.39
N VAL H 55 -1.95 -28.77 -17.63
CA VAL H 55 -0.64 -28.61 -18.23
C VAL H 55 0.26 -29.75 -17.86
N ARG H 56 0.92 -30.30 -18.85
CA ARG H 56 1.74 -31.49 -18.68
C ARG H 56 3.13 -31.18 -19.26
N GLY H 57 4.19 -31.40 -18.46
CA GLY H 57 5.54 -31.07 -18.85
C GLY H 57 6.04 -29.92 -18.01
N LYS H 58 7.29 -29.51 -18.23
CA LYS H 58 7.89 -28.43 -17.46
C LYS H 58 7.49 -27.05 -18.03
N ALA H 59 6.73 -26.26 -17.28
CA ALA H 59 6.39 -24.89 -17.70
C ALA H 59 6.19 -23.92 -16.53
N TYR H 60 6.37 -22.64 -16.82
CA TYR H 60 6.16 -21.58 -15.87
C TYR H 60 4.76 -21.09 -16.14
N ILE H 61 3.97 -21.00 -15.10
CA ILE H 61 2.56 -20.58 -15.26
C ILE H 61 2.19 -19.28 -14.48
N GLN H 62 1.51 -18.36 -15.14
CA GLN H 62 0.93 -17.18 -14.43
C GLN H 62 -0.59 -17.25 -14.47
N THR H 63 -1.22 -17.06 -13.32
CA THR H 63 -2.64 -16.87 -13.27
C THR H 63 -2.93 -15.70 -12.37
N ARG H 64 -4.19 -15.33 -12.28
CA ARG H 64 -4.59 -14.24 -11.40
C ARG H 64 -4.11 -14.46 -9.96
N HIS H 65 -3.98 -15.74 -9.55
CA HIS H 65 -3.44 -16.05 -8.22
C HIS H 65 -1.90 -16.08 -8.09
N GLY H 66 -1.17 -15.74 -9.15
CA GLY H 66 0.27 -15.80 -9.07
C GLY H 66 0.93 -16.93 -9.89
N VAL H 67 2.23 -17.18 -9.65
CA VAL H 67 3.01 -18.09 -10.46
C VAL H 67 2.90 -19.47 -9.88
N ILE H 68 2.84 -20.49 -10.75
CA ILE H 68 3.01 -21.87 -10.34
C ILE H 68 3.77 -22.54 -11.48
N GLU H 69 4.55 -23.55 -11.15
CA GLU H 69 5.32 -24.30 -12.14
C GLU H 69 4.86 -25.74 -12.22
N SER H 70 4.62 -26.21 -13.44
CA SER H 70 4.40 -27.63 -13.68
C SER H 70 5.75 -28.27 -13.94
N GLU H 71 5.87 -29.55 -13.59
CA GLU H 71 7.16 -30.27 -13.63
C GLU H 71 6.98 -31.53 -14.42
N GLY H 72 7.95 -31.81 -15.30
CA GLY H 72 7.76 -32.84 -16.30
C GLY H 72 7.98 -34.22 -15.72
N LYS H 73 7.73 -35.22 -16.55
CA LYS H 73 8.11 -36.61 -16.26
C LYS H 73 6.98 -37.38 -15.56
N SER I 5 -15.88 -15.74 -14.01
CA SER I 5 -16.09 -16.82 -12.97
C SER I 5 -14.78 -17.43 -12.29
N ASP I 6 -14.84 -17.68 -10.97
CA ASP I 6 -13.66 -18.08 -10.19
C ASP I 6 -13.06 -19.45 -10.56
N PHE I 7 -11.76 -19.61 -10.36
CA PHE I 7 -11.12 -20.86 -10.64
C PHE I 7 -10.13 -21.16 -9.52
N VAL I 8 -9.75 -22.43 -9.40
CA VAL I 8 -8.67 -22.86 -8.49
C VAL I 8 -7.51 -23.38 -9.35
N VAL I 9 -6.26 -23.21 -8.89
CA VAL I 9 -5.10 -23.89 -9.45
C VAL I 9 -4.71 -25.10 -8.57
N ILE I 10 -4.44 -26.25 -9.18
CA ILE I 10 -4.05 -27.47 -8.44
C ILE I 10 -2.79 -28.14 -9.02
N LYS I 11 -1.67 -28.09 -8.27
CA LYS I 11 -0.42 -28.76 -8.64
C LYS I 11 -0.24 -30.03 -7.87
N ALA I 12 -0.22 -31.15 -8.57
CA ALA I 12 -0.05 -32.44 -7.89
C ALA I 12 1.39 -32.55 -7.40
N LEU I 13 1.54 -32.79 -6.10
CA LEU I 13 2.84 -32.98 -5.44
C LEU I 13 3.17 -34.50 -5.37
N GLU I 14 2.30 -35.35 -5.89
CA GLU I 14 2.56 -36.80 -5.94
C GLU I 14 1.65 -37.37 -7.00
N ASP I 15 1.89 -38.62 -7.38
CA ASP I 15 0.99 -39.35 -8.31
C ASP I 15 -0.44 -39.53 -7.79
N GLY I 16 -1.42 -39.61 -8.70
CA GLY I 16 -2.75 -40.02 -8.34
C GLY I 16 -3.58 -39.04 -7.51
N VAL I 17 -3.20 -37.76 -7.52
CA VAL I 17 -4.07 -36.77 -6.93
C VAL I 17 -5.37 -36.69 -7.72
N ASN I 18 -6.46 -36.48 -7.00
CA ASN I 18 -7.77 -36.49 -7.61
C ASN I 18 -8.46 -35.16 -7.42
N VAL I 19 -8.99 -34.61 -8.49
CA VAL I 19 -9.70 -33.34 -8.42
C VAL I 19 -11.14 -33.66 -8.73
N ILE I 20 -12.00 -33.58 -7.73
CA ILE I 20 -13.34 -34.14 -7.89
C ILE I 20 -14.36 -33.04 -7.97
N GLY I 21 -15.23 -33.13 -8.97
CA GLY I 21 -16.21 -32.09 -9.18
C GLY I 21 -17.58 -32.51 -8.69
N LEU I 22 -18.20 -31.69 -7.85
CA LEU I 22 -19.53 -32.01 -7.33
C LEU I 22 -20.54 -31.18 -8.11
N THR I 23 -21.69 -31.80 -8.42
CA THR I 23 -22.77 -31.16 -9.19
C THR I 23 -23.39 -29.90 -8.57
N ARG I 24 -23.62 -28.88 -9.41
CA ARG I 24 -24.54 -27.80 -9.05
C ARG I 24 -25.98 -28.29 -8.97
N GLY I 25 -26.72 -27.90 -7.95
CA GLY I 25 -28.16 -28.13 -7.96
C GLY I 25 -28.80 -28.62 -6.66
N ALA I 26 -30.02 -29.15 -6.73
CA ALA I 26 -30.64 -29.71 -5.53
C ALA I 26 -29.91 -30.97 -5.02
N ASP I 27 -29.30 -31.73 -5.92
CA ASP I 27 -28.58 -32.94 -5.47
C ASP I 27 -27.07 -32.74 -5.50
N THR I 28 -26.42 -33.46 -4.60
CA THR I 28 -24.96 -33.40 -4.52
C THR I 28 -24.28 -34.77 -4.71
N ARG I 29 -23.61 -34.95 -5.84
CA ARG I 29 -22.73 -36.13 -6.05
C ARG I 29 -21.48 -35.78 -6.89
N PHE I 30 -20.62 -36.76 -7.12
CA PHE I 30 -19.44 -36.57 -7.95
C PHE I 30 -19.83 -36.81 -9.38
N HIS I 31 -19.47 -35.93 -10.31
CA HIS I 31 -19.75 -36.22 -11.71
C HIS I 31 -18.47 -36.47 -12.51
N HIS I 32 -17.31 -36.15 -11.95
CA HIS I 32 -16.06 -36.35 -12.64
C HIS I 32 -14.84 -36.29 -11.69
N SER I 33 -13.92 -37.22 -11.88
CA SER I 33 -12.67 -37.28 -11.16
C SER I 33 -11.44 -37.13 -12.08
N GLU I 34 -10.78 -35.98 -12.06
CA GLU I 34 -9.56 -35.78 -12.85
C GLU I 34 -8.37 -36.21 -12.01
N LYS I 35 -7.66 -37.22 -12.48
CA LYS I 35 -6.46 -37.66 -11.81
C LYS I 35 -5.26 -36.85 -12.25
N LEU I 36 -4.41 -36.43 -11.32
CA LEU I 36 -3.17 -35.77 -11.71
C LEU I 36 -1.97 -36.49 -11.16
N ASP I 37 -1.01 -36.75 -12.03
CA ASP I 37 0.27 -37.34 -11.61
C ASP I 37 1.31 -36.30 -11.22
N LYS I 38 2.32 -36.72 -10.50
CA LYS I 38 3.19 -35.75 -9.88
C LYS I 38 3.69 -34.68 -10.85
N GLY I 39 3.54 -33.43 -10.46
CA GLY I 39 4.07 -32.35 -11.26
C GLY I 39 3.08 -31.70 -12.20
N GLU I 40 1.95 -32.36 -12.50
CA GLU I 40 0.92 -31.81 -13.38
C GLU I 40 0.09 -30.70 -12.71
N VAL I 41 -0.35 -29.73 -13.49
CA VAL I 41 -1.16 -28.66 -12.98
C VAL I 41 -2.49 -28.66 -13.69
N LEU I 42 -3.56 -28.42 -12.93
CA LEU I 42 -4.91 -28.25 -13.42
C LEU I 42 -5.43 -26.86 -13.05
N ILE I 43 -6.11 -26.18 -13.96
CA ILE I 43 -6.65 -24.89 -13.63
C ILE I 43 -8.14 -25.01 -13.91
N ALA I 44 -8.95 -24.96 -12.87
CA ALA I 44 -10.33 -25.44 -13.01
C ALA I 44 -11.37 -24.49 -12.44
N GLN I 45 -12.43 -24.25 -13.20
CA GLN I 45 -13.41 -23.23 -12.85
C GLN I 45 -14.58 -23.84 -12.08
N PHE I 46 -15.29 -22.98 -11.35
CA PHE I 46 -16.66 -23.26 -11.00
C PHE I 46 -17.52 -22.97 -12.21
N THR I 47 -18.51 -23.82 -12.46
CA THR I 47 -19.23 -23.76 -13.71
C THR I 47 -20.72 -24.01 -13.46
N GLU I 48 -21.49 -24.07 -14.55
CA GLU I 48 -22.88 -24.49 -14.47
C GLU I 48 -23.06 -25.91 -13.88
N HIS I 49 -22.09 -26.80 -14.11
CA HIS I 49 -22.24 -28.15 -13.58
C HIS I 49 -21.47 -28.43 -12.26
N THR I 50 -20.52 -27.56 -11.92
CA THR I 50 -19.65 -27.77 -10.75
C THR I 50 -19.66 -26.57 -9.82
N SER I 51 -20.13 -26.81 -8.61
CA SER I 51 -20.30 -25.72 -7.63
C SER I 51 -19.51 -26.02 -6.36
N ALA I 52 -18.79 -27.14 -6.39
CA ALA I 52 -17.88 -27.51 -5.33
C ALA I 52 -16.85 -28.51 -5.82
N ILE I 53 -15.59 -28.25 -5.50
CA ILE I 53 -14.46 -29.06 -5.93
C ILE I 53 -13.80 -29.74 -4.72
N LYS I 54 -13.43 -31.00 -4.83
CA LYS I 54 -12.75 -31.66 -3.72
C LYS I 54 -11.43 -32.19 -4.17
N VAL I 55 -10.41 -32.05 -3.31
CA VAL I 55 -9.07 -32.50 -3.63
C VAL I 55 -8.60 -33.60 -2.68
N ARG I 56 -8.26 -34.75 -3.25
CA ARG I 56 -7.71 -35.85 -2.51
C ARG I 56 -6.28 -36.05 -2.89
N GLY I 57 -5.40 -36.10 -1.90
CA GLY I 57 -4.00 -36.37 -2.12
C GLY I 57 -3.12 -35.15 -1.90
N LYS I 58 -1.81 -35.35 -1.98
CA LYS I 58 -0.86 -34.25 -1.80
C LYS I 58 -0.88 -33.24 -2.98
N ALA I 59 -1.39 -32.04 -2.74
CA ALA I 59 -1.34 -31.03 -3.77
C ALA I 59 -1.17 -29.63 -3.21
N TYR I 60 -0.68 -28.72 -4.04
CA TYR I 60 -0.47 -27.34 -3.67
C TYR I 60 -1.62 -26.60 -4.34
N ILE I 61 -2.45 -25.90 -3.58
CA ILE I 61 -3.61 -25.27 -4.17
C ILE I 61 -3.56 -23.69 -4.10
N GLN I 62 -3.91 -23.00 -5.18
CA GLN I 62 -4.08 -21.58 -5.07
C GLN I 62 -5.54 -21.28 -5.33
N THR I 63 -6.09 -20.31 -4.56
CA THR I 63 -7.40 -19.73 -4.81
C THR I 63 -7.37 -18.19 -4.58
N ARG I 64 -8.46 -17.52 -4.87
CA ARG I 64 -8.55 -16.08 -4.62
C ARG I 64 -8.07 -15.77 -3.20
N HIS I 65 -8.25 -16.75 -2.30
CA HIS I 65 -8.01 -16.54 -0.88
C HIS I 65 -6.61 -16.89 -0.41
N GLY I 66 -5.76 -17.41 -1.31
CA GLY I 66 -4.39 -17.71 -0.92
C GLY I 66 -4.08 -19.18 -1.17
N VAL I 67 -3.05 -19.67 -0.48
CA VAL I 67 -2.61 -21.02 -0.71
C VAL I 67 -3.08 -21.94 0.35
N ILE I 68 -3.38 -23.14 -0.07
CA ILE I 68 -3.63 -24.17 0.91
C ILE I 68 -3.01 -25.43 0.36
N GLU I 69 -2.64 -26.34 1.24
CA GLU I 69 -2.11 -27.62 0.83
C GLU I 69 -3.01 -28.79 1.26
N SER I 70 -3.35 -29.66 0.32
CA SER I 70 -3.99 -30.95 0.59
C SER I 70 -2.92 -31.98 0.89
N GLU I 71 -3.22 -32.89 1.81
CA GLU I 71 -2.25 -33.91 2.25
C GLU I 71 -2.86 -35.24 2.07
N GLY I 72 -2.08 -36.18 1.53
CA GLY I 72 -2.61 -37.53 1.26
C GLY I 72 -2.60 -38.39 2.50
N LYS I 73 -3.15 -39.62 2.43
CA LYS I 73 -3.21 -40.51 3.61
C LYS I 73 -1.86 -40.73 4.30
N SER J 5 -19.75 -15.56 -7.91
CA SER J 5 -20.22 -16.03 -6.56
C SER J 5 -19.04 -16.42 -5.59
N ASP J 6 -19.20 -16.13 -4.31
CA ASP J 6 -18.21 -16.46 -3.28
C ASP J 6 -18.12 -17.94 -2.96
N PHE J 7 -16.97 -18.36 -2.44
CA PHE J 7 -16.74 -19.74 -2.09
C PHE J 7 -15.92 -19.77 -0.82
N VAL J 8 -15.95 -20.91 -0.13
CA VAL J 8 -15.11 -21.11 1.04
C VAL J 8 -14.16 -22.27 0.81
N VAL J 9 -12.96 -22.20 1.38
CA VAL J 9 -11.98 -23.27 1.32
C VAL J 9 -11.93 -24.00 2.67
N ILE J 10 -12.07 -25.33 2.65
CA ILE J 10 -12.03 -26.13 3.88
C ILE J 10 -11.02 -27.30 3.87
N LYS J 11 -9.95 -27.20 4.66
CA LYS J 11 -9.04 -28.31 4.83
C LYS J 11 -9.27 -29.06 6.16
N ALA J 12 -9.56 -30.34 6.04
CA ALA J 12 -9.77 -31.20 7.22
C ALA J 12 -8.46 -31.48 7.97
N LEU J 13 -8.40 -31.03 9.23
CA LEU J 13 -7.25 -31.32 10.08
C LEU J 13 -7.42 -32.70 10.81
N GLU J 14 -8.52 -33.37 10.59
CA GLU J 14 -8.75 -34.62 11.24
C GLU J 14 -9.75 -35.39 10.38
N ASP J 15 -9.96 -36.67 10.72
CA ASP J 15 -10.98 -37.48 10.06
C ASP J 15 -12.42 -37.06 10.39
N GLY J 16 -13.31 -37.28 9.43
CA GLY J 16 -14.74 -37.11 9.65
C GLY J 16 -15.27 -35.71 9.84
N VAL J 17 -14.55 -34.71 9.34
CA VAL J 17 -15.09 -33.36 9.35
C VAL J 17 -16.29 -33.35 8.42
N ASN J 18 -17.36 -32.65 8.81
CA ASN J 18 -18.49 -32.43 7.91
C ASN J 18 -18.57 -30.95 7.39
N VAL J 19 -18.81 -30.80 6.10
CA VAL J 19 -19.25 -29.52 5.58
C VAL J 19 -20.73 -29.62 5.27
N ILE J 20 -21.56 -28.83 5.93
CA ILE J 20 -22.98 -28.97 5.78
C ILE J 20 -23.55 -27.81 5.03
N GLY J 21 -24.36 -28.09 4.00
CA GLY J 21 -25.06 -27.06 3.25
C GLY J 21 -26.49 -26.88 3.72
N LEU J 22 -26.86 -25.65 4.07
CA LEU J 22 -28.22 -25.32 4.45
C LEU J 22 -28.92 -24.75 3.22
N THR J 23 -30.25 -24.96 3.17
CA THR J 23 -31.02 -24.59 1.97
C THR J 23 -31.34 -23.11 1.82
N ARG J 24 -31.21 -22.60 0.59
CA ARG J 24 -31.66 -21.24 0.28
C ARG J 24 -33.16 -21.17 0.24
N GLY J 25 -33.74 -20.09 0.75
CA GLY J 25 -35.18 -19.94 0.67
C GLY J 25 -35.87 -19.69 1.99
N ALA J 26 -37.20 -19.79 2.00
CA ALA J 26 -37.94 -19.51 3.22
C ALA J 26 -37.74 -20.60 4.27
N ASP J 27 -37.35 -21.81 3.86
CA ASP J 27 -37.08 -22.88 4.83
C ASP J 27 -35.58 -23.08 5.05
N THR J 28 -35.19 -23.42 6.27
CA THR J 28 -33.78 -23.67 6.52
C THR J 28 -33.52 -25.07 7.06
N ARG J 29 -32.83 -25.92 6.29
CA ARG J 29 -32.50 -27.26 6.72
C ARG J 29 -31.25 -27.78 6.04
N PHE J 30 -30.84 -28.99 6.43
CA PHE J 30 -29.62 -29.62 5.91
C PHE J 30 -29.98 -30.41 4.68
N HIS J 31 -29.30 -30.20 3.56
CA HIS J 31 -29.67 -30.96 2.38
C HIS J 31 -28.52 -31.84 1.97
N HIS J 32 -27.34 -31.49 2.47
CA HIS J 32 -26.15 -32.28 2.18
C HIS J 32 -24.98 -32.08 3.14
N SER J 33 -24.38 -33.21 3.48
CA SER J 33 -23.24 -33.25 4.36
C SER J 33 -22.07 -33.97 3.69
N GLU J 34 -21.09 -33.17 3.27
CA GLU J 34 -19.88 -33.69 2.64
C GLU J 34 -18.86 -34.08 3.72
N LYS J 35 -18.59 -35.37 3.85
CA LYS J 35 -17.57 -35.86 4.77
C LYS J 35 -16.14 -35.60 4.28
N LEU J 36 -15.27 -35.04 5.13
CA LEU J 36 -13.82 -34.89 4.79
C LEU J 36 -12.88 -35.61 5.74
N ASP J 37 -11.98 -36.41 5.17
CA ASP J 37 -10.90 -37.05 5.94
C ASP J 37 -9.62 -36.22 6.05
N LYS J 38 -8.78 -36.58 7.03
CA LYS J 38 -7.66 -35.70 7.35
C LYS J 38 -6.83 -35.37 6.12
N GLY J 39 -6.68 -34.09 5.82
CA GLY J 39 -5.80 -33.73 4.72
C GLY J 39 -6.55 -33.38 3.46
N GLU J 40 -7.74 -33.92 3.30
CA GLU J 40 -8.61 -33.56 2.18
C GLU J 40 -9.08 -32.10 2.21
N VAL J 41 -9.15 -31.45 1.03
CA VAL J 41 -9.61 -30.06 0.84
C VAL J 41 -10.92 -30.01 0.05
N LEU J 42 -11.90 -29.24 0.51
CA LEU J 42 -13.09 -28.94 -0.30
C LEU J 42 -13.15 -27.45 -0.60
N ILE J 43 -13.39 -27.08 -1.84
CA ILE J 43 -13.69 -25.69 -2.18
C ILE J 43 -15.15 -25.60 -2.62
N ALA J 44 -15.95 -24.78 -1.93
CA ALA J 44 -17.39 -24.85 -2.03
C ALA J 44 -18.04 -23.49 -2.15
N GLN J 45 -18.94 -23.35 -3.10
CA GLN J 45 -19.53 -22.03 -3.35
C GLN J 45 -20.84 -21.86 -2.65
N PHE J 46 -21.28 -20.59 -2.61
CA PHE J 46 -22.69 -20.33 -2.33
C PHE J 46 -23.39 -20.48 -3.65
N THR J 47 -24.64 -20.94 -3.61
CA THR J 47 -25.33 -21.36 -4.81
C THR J 47 -26.80 -20.99 -4.76
N GLU J 48 -27.54 -21.36 -5.81
CA GLU J 48 -29.01 -21.35 -5.75
C GLU J 48 -29.52 -22.12 -4.58
N HIS J 49 -28.86 -23.22 -4.21
CA HIS J 49 -29.47 -24.11 -3.22
C HIS J 49 -28.84 -24.03 -1.84
N THR J 50 -27.67 -23.38 -1.79
CA THR J 50 -26.95 -23.27 -0.52
C THR J 50 -26.64 -21.82 -0.22
N SER J 51 -27.25 -21.30 0.85
CA SER J 51 -27.09 -19.89 1.28
C SER J 51 -26.41 -19.78 2.64
N ALA J 52 -26.13 -20.93 3.24
CA ALA J 52 -25.34 -21.00 4.46
C ALA J 52 -24.61 -22.33 4.55
N ILE J 53 -23.40 -22.29 5.06
CA ILE J 53 -22.53 -23.44 5.07
C ILE J 53 -22.08 -23.62 6.50
N LYS J 54 -22.20 -24.84 7.02
CA LYS J 54 -21.75 -25.11 8.41
C LYS J 54 -20.60 -26.11 8.51
N VAL J 55 -19.50 -25.69 9.15
CA VAL J 55 -18.41 -26.64 9.42
C VAL J 55 -18.41 -27.28 10.83
N ARG J 56 -18.38 -28.60 10.89
CA ARG J 56 -18.32 -29.32 12.17
C ARG J 56 -17.04 -30.18 12.19
N GLY J 57 -16.20 -29.98 13.22
CA GLY J 57 -14.93 -30.71 13.35
C GLY J 57 -13.68 -29.85 13.13
N LYS J 58 -12.48 -30.44 13.23
CA LYS J 58 -11.24 -29.68 13.20
C LYS J 58 -10.82 -29.30 11.74
N ALA J 59 -11.05 -28.05 11.34
CA ALA J 59 -10.67 -27.65 9.96
C ALA J 59 -10.04 -26.30 9.95
N TYR J 60 -9.25 -26.09 8.91
CA TYR J 60 -8.64 -24.81 8.61
C TYR J 60 -9.51 -24.26 7.49
N ILE J 61 -10.06 -23.06 7.66
CA ILE J 61 -11.02 -22.46 6.72
C ILE J 61 -10.57 -21.05 6.24
N GLN J 62 -10.61 -20.82 4.93
CA GLN J 62 -10.38 -19.50 4.35
C GLN J 62 -11.63 -19.03 3.62
N THR J 63 -11.95 -17.76 3.83
CA THR J 63 -13.05 -17.08 3.15
C THR J 63 -12.50 -15.73 2.73
N ARG J 64 -13.31 -14.94 2.04
CA ARG J 64 -12.89 -13.59 1.65
C ARG J 64 -12.48 -12.77 2.87
N HIS J 65 -12.94 -13.14 4.07
CA HIS J 65 -12.65 -12.32 5.24
C HIS J 65 -11.41 -12.79 5.99
N GLY J 66 -10.71 -13.80 5.44
CA GLY J 66 -9.53 -14.37 6.08
C GLY J 66 -9.66 -15.83 6.49
N VAL J 67 -8.80 -16.23 7.40
CA VAL J 67 -8.70 -17.58 7.90
C VAL J 67 -9.47 -17.68 9.20
N ILE J 68 -10.16 -18.81 9.43
CA ILE J 68 -10.82 -19.09 10.72
C ILE J 68 -10.70 -20.58 10.97
N GLU J 69 -10.56 -21.01 12.21
CA GLU J 69 -10.47 -22.46 12.44
C GLU J 69 -11.66 -22.99 13.22
N SER J 70 -12.26 -24.06 12.70
CA SER J 70 -13.25 -24.84 13.48
C SER J 70 -12.52 -25.81 14.41
N GLU J 71 -13.10 -26.09 15.58
CA GLU J 71 -12.51 -27.04 16.53
C GLU J 71 -13.37 -28.17 16.91
N GLY J 72 -12.72 -29.32 17.03
CA GLY J 72 -13.41 -30.57 17.36
C GLY J 72 -14.40 -30.31 18.47
N SER K 5 -23.89 -11.33 -3.06
CA SER K 5 -24.29 -11.12 -1.63
C SER K 5 -23.15 -11.28 -0.61
N ASP K 6 -23.12 -10.37 0.36
CA ASP K 6 -22.27 -10.51 1.53
C ASP K 6 -22.65 -11.69 2.40
N PHE K 7 -21.72 -12.10 3.25
CA PHE K 7 -21.95 -13.16 4.24
C PHE K 7 -21.15 -12.81 5.48
N VAL K 8 -21.41 -13.54 6.56
CA VAL K 8 -20.76 -13.34 7.82
C VAL K 8 -20.26 -14.73 8.30
N VAL K 9 -19.05 -14.79 8.88
CA VAL K 9 -18.51 -16.02 9.47
C VAL K 9 -18.77 -15.98 10.98
N ILE K 10 -19.32 -17.05 11.55
CA ILE K 10 -19.49 -17.11 13.01
C ILE K 10 -18.92 -18.37 13.61
N LYS K 11 -17.87 -18.19 14.43
CA LYS K 11 -17.31 -19.27 15.22
C LYS K 11 -17.88 -19.20 16.64
N ALA K 12 -18.55 -20.30 17.04
CA ALA K 12 -19.05 -20.45 18.40
C ALA K 12 -17.86 -20.58 19.37
N LEU K 13 -17.80 -19.68 20.35
CA LEU K 13 -16.75 -19.75 21.36
C LEU K 13 -17.15 -20.56 22.58
N GLU K 14 -18.38 -21.07 22.59
CA GLU K 14 -18.97 -21.80 23.71
C GLU K 14 -20.18 -22.56 23.15
N ASP K 15 -20.74 -23.49 23.92
CA ASP K 15 -21.93 -24.18 23.46
C ASP K 15 -23.17 -23.27 23.41
N GLY K 16 -24.12 -23.66 22.56
CA GLY K 16 -25.42 -23.01 22.49
C GLY K 16 -25.50 -21.61 21.89
N VAL K 17 -24.58 -21.24 21.02
CA VAL K 17 -24.69 -19.94 20.42
C VAL K 17 -25.78 -19.99 19.38
N ASN K 18 -26.49 -18.88 19.22
CA ASN K 18 -27.52 -18.76 18.20
C ASN K 18 -27.26 -17.72 17.13
N VAL K 19 -27.39 -18.16 15.89
CA VAL K 19 -27.37 -17.23 14.80
C VAL K 19 -28.78 -17.08 14.31
N ILE K 20 -29.40 -15.95 14.58
CA ILE K 20 -30.79 -15.76 14.20
C ILE K 20 -30.91 -14.97 12.89
N GLY K 21 -31.76 -15.44 11.97
CA GLY K 21 -32.14 -14.71 10.77
C GLY K 21 -33.48 -13.97 10.88
N LEU K 22 -33.45 -12.67 10.59
CA LEU K 22 -34.64 -11.85 10.60
C LEU K 22 -35.14 -11.75 9.18
N THR K 23 -36.46 -11.80 9.00
CA THR K 23 -37.05 -11.76 7.66
C THR K 23 -36.94 -10.42 6.95
N ARG K 24 -36.69 -10.50 5.67
CA ARG K 24 -36.74 -9.36 4.76
C ARG K 24 -38.17 -9.03 4.42
N GLY K 25 -38.44 -7.74 4.29
CA GLY K 25 -39.74 -7.27 3.89
C GLY K 25 -40.29 -6.21 4.81
N ALA K 26 -41.56 -5.87 4.65
CA ALA K 26 -42.22 -4.91 5.54
C ALA K 26 -42.30 -5.34 7.00
N ASP K 27 -42.43 -6.64 7.25
CA ASP K 27 -42.47 -7.15 8.63
C ASP K 27 -41.09 -7.72 9.01
N THR K 28 -40.76 -7.64 10.30
CA THR K 28 -39.52 -8.18 10.85
C THR K 28 -39.79 -9.15 12.00
N ARG K 29 -39.40 -10.41 11.82
CA ARG K 29 -39.50 -11.41 12.88
C ARG K 29 -38.38 -12.42 12.69
N PHE K 30 -38.24 -13.33 13.65
CA PHE K 30 -37.24 -14.39 13.59
C PHE K 30 -37.82 -15.50 12.69
N HIS K 31 -37.07 -16.05 11.76
CA HIS K 31 -37.63 -17.16 10.98
C HIS K 31 -36.86 -18.46 11.17
N HIS K 32 -35.58 -18.32 11.50
CA HIS K 32 -34.82 -19.48 11.86
C HIS K 32 -33.66 -19.18 12.80
N SER K 33 -33.52 -20.03 13.84
CA SER K 33 -32.40 -20.03 14.80
C SER K 33 -31.42 -21.21 14.59
N GLU K 34 -30.22 -20.95 14.04
CA GLU K 34 -29.22 -22.03 13.98
C GLU K 34 -28.35 -22.05 15.26
N LYS K 35 -28.41 -23.18 15.97
CA LYS K 35 -27.67 -23.37 17.21
C LYS K 35 -26.27 -23.89 16.90
N LEU K 36 -25.23 -23.21 17.40
CA LEU K 36 -23.85 -23.71 17.28
C LEU K 36 -23.25 -24.14 18.61
N ASP K 37 -22.58 -25.29 18.58
CA ASP K 37 -21.77 -25.72 19.71
C ASP K 37 -20.27 -25.38 19.62
N LYS K 38 -19.62 -25.36 20.79
CA LYS K 38 -18.27 -24.81 20.88
C LYS K 38 -17.34 -25.33 19.79
N GLY K 39 -16.87 -24.40 18.97
CA GLY K 39 -15.91 -24.75 17.96
C GLY K 39 -16.46 -24.83 16.57
N GLU K 40 -17.77 -25.04 16.43
CA GLU K 40 -18.40 -25.11 15.11
C GLU K 40 -18.46 -23.72 14.43
N VAL K 41 -18.28 -23.66 13.12
CA VAL K 41 -18.29 -22.41 12.34
C VAL K 41 -19.52 -22.37 11.39
N LEU K 42 -20.20 -21.23 11.28
CA LEU K 42 -21.23 -21.06 10.26
C LEU K 42 -20.87 -19.92 9.34
N ILE K 43 -21.00 -20.13 8.03
CA ILE K 43 -20.84 -19.04 7.06
C ILE K 43 -22.19 -18.79 6.41
N ALA K 44 -22.74 -17.61 6.61
CA ALA K 44 -24.14 -17.44 6.31
C ALA K 44 -24.34 -16.18 5.54
N GLN K 45 -25.13 -16.25 4.47
CA GLN K 45 -25.31 -15.10 3.57
C GLN K 45 -26.54 -14.26 3.92
N PHE K 46 -26.56 -13.02 3.44
CA PHE K 46 -27.79 -12.24 3.39
C PHE K 46 -28.49 -12.69 2.12
N THR K 47 -29.80 -12.84 2.18
CA THR K 47 -30.56 -13.50 1.11
C THR K 47 -31.94 -12.83 0.87
N GLU K 48 -32.64 -13.31 -0.15
CA GLU K 48 -34.03 -12.91 -0.35
C GLU K 48 -34.85 -12.98 0.96
N HIS K 49 -34.60 -13.99 1.80
CA HIS K 49 -35.40 -14.16 3.04
C HIS K 49 -34.83 -13.54 4.36
N THR K 50 -33.53 -13.30 4.39
CA THR K 50 -32.82 -12.79 5.53
C THR K 50 -32.12 -11.51 5.14
N SER K 51 -32.51 -10.41 5.79
CA SER K 51 -31.79 -9.13 5.59
C SER K 51 -31.13 -8.55 6.86
N ALA K 52 -31.20 -9.33 7.94
CA ALA K 52 -30.51 -9.02 9.16
C ALA K 52 -30.29 -10.29 9.97
N ILE K 53 -29.13 -10.36 10.62
CA ILE K 53 -28.68 -11.51 11.37
C ILE K 53 -28.28 -11.10 12.76
N LYS K 54 -28.85 -11.79 13.75
CA LYS K 54 -28.55 -11.52 15.14
C LYS K 54 -27.73 -12.70 15.65
N VAL K 55 -26.66 -12.40 16.41
CA VAL K 55 -25.88 -13.42 17.08
C VAL K 55 -25.98 -13.26 18.55
N ARG K 56 -26.36 -14.36 19.22
CA ARG K 56 -26.54 -14.42 20.67
C ARG K 56 -25.55 -15.44 21.23
N GLY K 57 -24.77 -15.04 22.23
CA GLY K 57 -23.79 -15.91 22.84
C GLY K 57 -22.37 -15.54 22.44
N LYS K 58 -21.39 -16.15 23.12
CA LYS K 58 -19.96 -15.84 22.89
C LYS K 58 -19.52 -16.41 21.53
N ALA K 59 -19.16 -15.52 20.59
CA ALA K 59 -18.65 -15.94 19.29
C ALA K 59 -17.74 -14.90 18.68
N TYR K 60 -16.94 -15.39 17.76
CA TYR K 60 -15.99 -14.61 16.99
C TYR K 60 -16.62 -14.43 15.62
N ILE K 61 -16.76 -13.17 15.23
CA ILE K 61 -17.48 -12.82 13.99
C ILE K 61 -16.57 -12.07 13.00
N GLN K 62 -16.52 -12.53 11.75
CA GLN K 62 -15.84 -11.75 10.68
C GLN K 62 -16.89 -11.39 9.64
N THR K 63 -16.80 -10.15 9.19
CA THR K 63 -17.61 -9.61 8.11
C THR K 63 -16.67 -8.72 7.31
N ARG K 64 -17.15 -8.19 6.21
CA ARG K 64 -16.33 -7.32 5.36
C ARG K 64 -15.76 -6.13 6.11
N HIS K 65 -16.42 -5.72 7.21
CA HIS K 65 -15.93 -4.59 8.00
C HIS K 65 -14.90 -4.97 9.08
N GLY K 66 -14.67 -6.27 9.31
CA GLY K 66 -13.67 -6.74 10.26
C GLY K 66 -14.18 -7.78 11.26
N VAL K 67 -13.40 -7.97 12.32
CA VAL K 67 -13.73 -8.86 13.40
C VAL K 67 -14.56 -8.13 14.45
N ILE K 68 -15.62 -8.78 14.92
CA ILE K 68 -16.33 -8.29 16.08
C ILE K 68 -16.59 -9.51 16.95
N GLU K 69 -16.70 -9.28 18.25
CA GLU K 69 -16.93 -10.39 19.15
C GLU K 69 -18.28 -10.23 19.89
N SER K 70 -19.15 -11.25 19.85
CA SER K 70 -20.33 -11.24 20.70
C SER K 70 -19.95 -11.88 22.03
N GLU K 71 -20.65 -11.50 23.10
CA GLU K 71 -20.46 -12.07 24.47
C GLU K 71 -21.76 -12.51 25.02
N GLY K 72 -21.71 -13.55 25.88
CA GLY K 72 -22.89 -14.06 26.54
C GLY K 72 -23.13 -13.35 27.87
N LYS K 73 -24.27 -13.65 28.51
CA LYS K 73 -24.67 -13.01 29.78
C LYS K 73 -23.55 -12.97 30.83
N THR L 3 6.58 -13.87 3.34
CA THR L 3 7.96 -14.45 3.20
C THR L 3 9.17 -13.57 3.67
N ASN L 4 8.92 -12.41 4.25
CA ASN L 4 10.02 -11.56 4.85
C ASN L 4 9.93 -11.36 6.37
N SER L 5 9.24 -12.29 7.01
CA SER L 5 9.19 -12.29 8.42
C SER L 5 10.61 -12.48 9.01
N ASP L 6 10.78 -12.09 10.27
CA ASP L 6 12.00 -12.31 11.05
C ASP L 6 12.24 -13.83 11.31
N PHE L 7 13.47 -14.19 11.68
CA PHE L 7 13.86 -15.61 11.92
C PHE L 7 14.80 -15.79 13.08
N VAL L 8 14.95 -17.02 13.54
CA VAL L 8 15.91 -17.32 14.58
C VAL L 8 17.04 -18.18 13.98
N VAL L 9 18.26 -17.98 14.44
CA VAL L 9 19.35 -18.96 14.20
C VAL L 9 19.55 -19.89 15.43
N ILE L 10 19.56 -21.20 15.20
CA ILE L 10 19.77 -22.13 16.29
C ILE L 10 20.94 -23.01 16.00
N LYS L 11 21.89 -23.07 16.96
CA LYS L 11 23.00 -24.00 16.91
C LYS L 11 22.92 -25.06 18.01
N ALA L 12 22.85 -26.32 17.65
CA ALA L 12 22.80 -27.40 18.65
C ALA L 12 24.18 -27.52 19.27
N LEU L 13 24.25 -27.60 20.58
CA LEU L 13 25.57 -27.75 21.23
C LEU L 13 25.73 -29.16 21.79
N GLU L 14 24.71 -29.98 21.57
CA GLU L 14 24.69 -31.36 21.99
C GLU L 14 23.73 -32.06 21.05
N ASP L 15 23.71 -33.40 21.07
CA ASP L 15 22.80 -34.15 20.20
C ASP L 15 21.34 -34.06 20.64
N GLY L 16 20.44 -34.50 19.78
CA GLY L 16 19.01 -34.47 20.06
C GLY L 16 18.35 -33.17 20.54
N VAL L 17 18.82 -32.01 20.08
CA VAL L 17 18.11 -30.74 20.33
C VAL L 17 16.76 -30.73 19.58
N ASN L 18 15.69 -30.22 20.18
CA ASN L 18 14.45 -30.02 19.42
C ASN L 18 14.20 -28.57 19.09
N VAL L 19 13.83 -28.30 17.84
CA VAL L 19 13.22 -27.03 17.58
C VAL L 19 11.74 -27.31 17.31
N ILE L 20 10.86 -26.92 18.22
CA ILE L 20 9.44 -27.08 17.97
C ILE L 20 8.77 -25.82 17.43
N GLY L 21 7.91 -26.01 16.44
CA GLY L 21 7.17 -24.90 15.83
C GLY L 21 5.80 -25.07 16.43
N LEU L 22 5.27 -24.03 17.05
CA LEU L 22 3.98 -24.12 17.69
C LEU L 22 3.06 -23.50 16.68
N THR L 23 1.86 -24.05 16.56
CA THR L 23 0.92 -23.58 15.55
C THR L 23 0.41 -22.16 15.74
N ARG L 24 0.26 -21.43 14.66
CA ARG L 24 -0.43 -20.13 14.68
C ARG L 24 -1.94 -20.37 14.80
N GLY L 25 -2.63 -19.55 15.57
CA GLY L 25 -4.09 -19.59 15.60
C GLY L 25 -4.82 -19.79 16.94
N ALA L 26 -6.08 -20.17 16.85
CA ALA L 26 -6.86 -20.37 18.07
C ALA L 26 -6.20 -21.45 18.94
N ASP L 27 -5.56 -22.41 18.27
CA ASP L 27 -4.94 -23.54 18.94
C ASP L 27 -3.41 -23.43 19.06
N THR L 28 -2.87 -23.81 20.22
CA THR L 28 -1.42 -23.78 20.37
C THR L 28 -0.81 -25.17 20.59
N ARG L 29 -0.74 -25.97 19.52
CA ARG L 29 -0.12 -27.32 19.52
C ARG L 29 1.19 -27.32 18.74
N PHE L 30 1.83 -28.48 18.68
CA PHE L 30 3.09 -28.66 17.98
C PHE L 30 2.70 -28.99 16.57
N HIS L 31 3.30 -28.35 15.58
CA HIS L 31 2.99 -28.83 14.24
C HIS L 31 4.19 -29.49 13.62
N HIS L 32 5.33 -29.22 14.22
CA HIS L 32 6.60 -29.78 13.78
C HIS L 32 7.71 -29.63 14.79
N SER L 33 8.46 -30.72 14.97
CA SER L 33 9.65 -30.64 15.76
C SER L 33 10.86 -31.14 14.98
N GLU L 34 11.88 -30.30 14.83
CA GLU L 34 13.07 -30.67 14.08
C GLU L 34 14.21 -31.06 15.00
N LYS L 35 14.71 -32.28 14.81
CA LYS L 35 15.84 -32.81 15.56
C LYS L 35 17.24 -32.43 15.02
N LEU L 36 18.03 -31.83 15.90
CA LEU L 36 19.39 -31.42 15.53
C LEU L 36 20.51 -32.21 16.23
N ASP L 37 21.52 -32.58 15.45
CA ASP L 37 22.72 -33.14 16.03
C ASP L 37 23.70 -32.04 16.36
N LYS L 38 24.66 -32.34 17.23
CA LYS L 38 25.64 -31.39 17.72
C LYS L 38 26.43 -30.61 16.61
N GLY L 39 26.25 -29.31 16.54
CA GLY L 39 26.97 -28.52 15.53
C GLY L 39 26.15 -28.08 14.32
N GLU L 40 24.95 -28.65 14.17
CA GLU L 40 24.08 -28.30 13.06
C GLU L 40 23.46 -26.95 13.38
N VAL L 41 23.25 -26.15 12.34
CA VAL L 41 22.60 -24.87 12.45
C VAL L 41 21.29 -24.92 11.67
N LEU L 42 20.22 -24.48 12.34
CA LEU L 42 18.88 -24.30 11.78
C LEU L 42 18.47 -22.80 11.76
N ILE L 43 18.14 -22.26 10.60
CA ILE L 43 17.69 -20.84 10.46
C ILE L 43 16.22 -20.84 10.04
N ALA L 44 15.32 -20.51 10.98
CA ALA L 44 13.83 -20.66 10.85
C ALA L 44 13.06 -19.33 11.04
N GLN L 45 12.03 -19.15 10.24
CA GLN L 45 11.23 -17.94 10.27
C GLN L 45 9.93 -18.20 11.01
N PHE L 46 9.30 -17.10 11.39
CA PHE L 46 7.90 -17.05 11.73
C PHE L 46 7.11 -17.10 10.46
N THR L 47 6.06 -17.89 10.42
CA THR L 47 5.39 -18.15 9.16
C THR L 47 3.89 -18.17 9.37
N GLU L 48 3.16 -18.49 8.31
CA GLU L 48 1.71 -18.54 8.35
C GLU L 48 1.30 -19.65 9.34
N HIS L 49 2.09 -20.72 9.44
CA HIS L 49 1.75 -21.83 10.32
C HIS L 49 2.40 -21.82 11.72
N THR L 50 3.45 -21.00 11.90
CA THR L 50 4.27 -20.98 13.12
C THR L 50 4.34 -19.54 13.63
N SER L 51 3.82 -19.30 14.82
CA SER L 51 3.88 -17.98 15.43
C SER L 51 4.72 -18.01 16.70
N ALA L 52 5.14 -19.20 17.12
CA ALA L 52 6.02 -19.42 18.26
C ALA L 52 6.89 -20.70 18.13
N ILE L 53 8.14 -20.56 18.58
CA ILE L 53 9.14 -21.65 18.55
C ILE L 53 9.61 -22.04 19.94
N LYS L 54 9.66 -23.33 20.24
CA LYS L 54 10.17 -23.78 21.54
C LYS L 54 11.49 -24.50 21.31
N VAL L 55 12.53 -24.17 22.10
CA VAL L 55 13.80 -24.89 21.97
C VAL L 55 14.15 -25.80 23.14
N ARG L 56 14.26 -27.09 22.89
CA ARG L 56 14.53 -28.07 23.97
C ARG L 56 15.91 -28.73 23.87
N GLY L 57 16.71 -28.59 24.92
CA GLY L 57 18.10 -29.03 24.88
C GLY L 57 19.11 -27.88 24.73
N LYS L 58 20.38 -28.24 24.82
CA LYS L 58 21.46 -27.30 24.91
C LYS L 58 21.71 -26.66 23.53
N ALA L 59 21.52 -25.37 23.40
CA ALA L 59 21.64 -24.73 22.09
C ALA L 59 22.03 -23.25 22.14
N TYR L 60 22.59 -22.75 21.04
CA TYR L 60 23.00 -21.32 20.97
C TYR L 60 22.07 -20.62 20.00
N ILE L 61 21.34 -19.63 20.48
CA ILE L 61 20.28 -18.99 19.70
C ILE L 61 20.63 -17.53 19.45
N GLN L 62 20.37 -17.06 18.24
CA GLN L 62 20.60 -15.65 17.87
C GLN L 62 19.35 -15.11 17.24
N THR L 63 18.77 -14.07 17.84
CA THR L 63 17.62 -13.36 17.28
C THR L 63 17.93 -11.83 17.14
N ARG L 64 16.98 -11.08 16.58
CA ARG L 64 17.10 -9.63 16.47
C ARG L 64 17.29 -8.98 17.86
N HIS L 65 16.96 -9.70 18.94
CA HIS L 65 17.01 -9.15 20.32
C HIS L 65 18.21 -9.61 21.13
N GLY L 66 19.24 -10.12 20.45
CA GLY L 66 20.42 -10.65 21.14
C GLY L 66 20.63 -12.16 21.07
N VAL L 67 21.61 -12.65 21.84
CA VAL L 67 21.99 -14.08 21.87
C VAL L 67 21.61 -14.61 23.21
N ILE L 68 21.40 -15.92 23.31
CA ILE L 68 20.99 -16.54 24.53
C ILE L 68 21.20 -18.08 24.40
N GLU L 69 21.26 -18.82 25.52
CA GLU L 69 21.51 -20.26 25.41
C GLU L 69 20.42 -21.12 26.05
N SER L 70 19.86 -21.99 25.26
CA SER L 70 18.96 -22.96 25.87
C SER L 70 19.83 -24.00 26.55
N GLU L 71 19.38 -24.41 27.73
CA GLU L 71 20.06 -25.42 28.53
C GLU L 71 19.14 -26.64 28.70
N GLY L 72 19.71 -27.84 28.50
CA GLY L 72 18.94 -29.09 28.52
C GLY L 72 18.96 -29.63 29.93
N THR M 3 10.55 -10.85 -3.84
CA THR M 3 11.99 -10.99 -4.17
C THR M 3 12.94 -10.17 -3.28
N ASN M 4 12.43 -9.43 -2.26
CA ASN M 4 13.29 -8.74 -1.22
C ASN M 4 13.38 -9.42 0.18
N SER M 5 13.16 -10.71 0.25
CA SER M 5 13.35 -11.34 1.51
C SER M 5 14.82 -11.32 1.97
N ASP M 6 15.05 -11.61 3.23
CA ASP M 6 16.36 -11.68 3.77
C ASP M 6 17.09 -13.02 3.37
N PHE M 7 18.43 -13.04 3.44
CA PHE M 7 19.21 -14.17 2.97
C PHE M 7 20.31 -14.45 3.94
N VAL M 8 20.89 -15.63 3.79
CA VAL M 8 21.96 -16.05 4.63
C VAL M 8 23.13 -16.26 3.70
N VAL M 9 24.34 -15.97 4.17
CA VAL M 9 25.55 -16.25 3.43
C VAL M 9 26.26 -17.41 4.09
N ILE M 10 26.55 -18.44 3.31
CA ILE M 10 27.22 -19.64 3.79
C ILE M 10 28.51 -19.97 3.05
N LYS M 11 29.61 -20.15 3.82
CA LYS M 11 30.90 -20.64 3.31
C LYS M 11 31.26 -22.06 3.76
N ALA M 12 31.42 -22.96 2.82
CA ALA M 12 31.84 -24.32 3.14
C ALA M 12 33.27 -24.31 3.67
N LEU M 13 33.51 -24.90 4.85
CA LEU M 13 34.87 -24.96 5.38
C LEU M 13 35.56 -26.35 5.20
N GLU M 14 34.79 -27.31 4.68
CA GLU M 14 35.22 -28.66 4.42
C GLU M 14 34.39 -29.11 3.24
N ASP M 15 34.76 -30.19 2.53
CA ASP M 15 33.96 -30.68 1.41
C ASP M 15 32.66 -31.33 1.88
N GLY M 16 31.66 -31.45 0.99
CA GLY M 16 30.40 -32.11 1.33
C GLY M 16 29.42 -31.44 2.29
N VAL M 17 29.42 -30.09 2.33
CA VAL M 17 28.43 -29.32 3.12
C VAL M 17 27.05 -29.45 2.50
N ASN M 18 26.03 -29.52 3.34
CA ASN M 18 24.68 -29.53 2.83
C ASN M 18 23.95 -28.33 3.33
N VAL M 19 23.34 -27.61 2.41
CA VAL M 19 22.42 -26.58 2.80
C VAL M 19 21.04 -27.08 2.38
N ILE M 20 20.20 -27.38 3.36
CA ILE M 20 18.91 -27.94 3.07
C ILE M 20 17.86 -26.87 3.25
N GLY M 21 16.98 -26.75 2.26
CA GLY M 21 15.83 -25.85 2.33
C GLY M 21 14.65 -26.64 2.85
N LEU M 22 13.94 -26.12 3.83
CA LEU M 22 12.80 -26.83 4.33
C LEU M 22 11.55 -26.18 3.83
N THR M 23 10.64 -26.98 3.33
CA THR M 23 9.42 -26.51 2.70
C THR M 23 8.63 -25.55 3.59
N ARG M 24 8.27 -24.40 3.03
CA ARG M 24 7.20 -23.56 3.61
C ARG M 24 5.86 -24.32 3.67
N GLY M 25 5.04 -24.09 4.69
CA GLY M 25 3.67 -24.55 4.66
C GLY M 25 3.23 -25.47 5.81
N ALA M 26 2.13 -26.21 5.63
CA ALA M 26 1.67 -26.99 6.76
C ALA M 26 2.66 -28.12 6.99
N ASP M 27 3.39 -28.50 5.94
CA ASP M 27 4.36 -29.59 5.96
C ASP M 27 5.82 -29.11 6.07
N THR M 28 6.62 -29.79 6.89
CA THR M 28 8.05 -29.46 7.00
C THR M 28 8.93 -30.63 6.43
N ARG M 29 9.04 -30.76 5.12
CA ARG M 29 10.01 -31.67 4.52
C ARG M 29 11.13 -30.90 3.81
N PHE M 30 12.03 -31.66 3.22
CA PHE M 30 13.17 -31.12 2.49
C PHE M 30 12.70 -30.78 1.11
N HIS M 31 13.03 -29.61 0.60
CA HIS M 31 12.66 -29.52 -0.80
C HIS M 31 13.86 -29.48 -1.70
N HIS M 32 14.97 -28.99 -1.17
CA HIS M 32 16.21 -29.00 -1.91
C HIS M 32 17.44 -29.06 -1.01
N SER M 33 18.49 -29.66 -1.53
CA SER M 33 19.66 -29.80 -0.75
C SER M 33 20.82 -29.42 -1.64
N GLU M 34 21.57 -28.39 -1.25
CA GLU M 34 22.69 -27.96 -2.08
C GLU M 34 24.04 -28.39 -1.51
N LYS M 35 24.80 -29.20 -2.25
CA LYS M 35 26.09 -29.69 -1.78
C LYS M 35 27.20 -28.76 -2.19
N LEU M 36 27.94 -28.33 -1.19
CA LEU M 36 29.01 -27.34 -1.35
C LEU M 36 30.38 -28.02 -1.08
N ASP M 37 31.37 -27.73 -1.92
CA ASP M 37 32.75 -28.14 -1.67
C ASP M 37 33.47 -27.00 -0.96
N LYS M 38 34.61 -27.31 -0.35
CA LYS M 38 35.39 -26.34 0.45
C LYS M 38 35.70 -24.97 -0.22
N GLY M 39 35.28 -23.90 0.45
CA GLY M 39 35.53 -22.56 -0.05
C GLY M 39 34.45 -21.97 -0.93
N GLU M 40 33.52 -22.79 -1.41
CA GLU M 40 32.40 -22.27 -2.17
C GLU M 40 31.49 -21.46 -1.23
N VAL M 41 30.88 -20.39 -1.76
CA VAL M 41 29.94 -19.59 -1.02
C VAL M 41 28.58 -19.64 -1.69
N LEU M 42 27.56 -19.94 -0.89
CA LEU M 42 26.18 -19.90 -1.37
C LEU M 42 25.45 -18.76 -0.67
N ILE M 43 24.77 -17.90 -1.42
CA ILE M 43 23.96 -16.83 -0.84
C ILE M 43 22.49 -17.13 -1.18
N ALA M 44 21.66 -17.24 -0.15
CA ALA M 44 20.31 -17.79 -0.31
C ALA M 44 19.26 -17.06 0.52
N GLN M 45 18.11 -16.82 -0.10
CA GLN M 45 16.93 -16.14 0.49
C GLN M 45 15.91 -17.11 1.07
N PHE M 46 15.13 -16.63 2.05
CA PHE M 46 13.88 -17.29 2.40
C PHE M 46 12.92 -16.95 1.27
N THR M 47 12.09 -17.91 0.89
CA THR M 47 11.34 -17.73 -0.35
C THR M 47 9.91 -18.21 -0.21
N GLU M 48 9.16 -18.18 -1.31
CA GLU M 48 7.82 -18.73 -1.30
C GLU M 48 7.86 -20.22 -0.90
N HIS M 49 8.92 -20.92 -1.27
CA HIS M 49 9.03 -22.37 -1.03
C HIS M 49 9.83 -22.82 0.18
N THR M 50 10.54 -21.85 0.79
CA THR M 50 11.57 -22.11 1.80
C THR M 50 11.40 -21.19 3.03
N SER M 51 10.95 -21.74 4.17
CA SER M 51 10.83 -20.90 5.37
C SER M 51 11.85 -21.28 6.46
N ALA M 52 12.80 -22.15 6.12
CA ALA M 52 13.84 -22.63 7.02
C ALA M 52 15.00 -23.17 6.21
N ILE M 53 16.23 -22.88 6.66
CA ILE M 53 17.43 -23.48 6.13
C ILE M 53 18.19 -24.33 7.20
N LYS M 54 18.45 -25.59 6.91
CA LYS M 54 19.21 -26.44 7.82
C LYS M 54 20.61 -26.59 7.24
N VAL M 55 21.64 -26.51 8.08
CA VAL M 55 23.03 -26.62 7.61
C VAL M 55 23.81 -27.76 8.24
N ARG M 56 24.27 -28.66 7.38
CA ARG M 56 25.03 -29.84 7.75
C ARG M 56 26.48 -29.87 7.25
N GLY M 57 27.39 -30.24 8.14
CA GLY M 57 28.81 -30.12 7.87
C GLY M 57 29.41 -28.82 8.44
N LYS M 58 30.70 -28.67 8.23
CA LYS M 58 31.45 -27.57 8.81
C LYS M 58 31.38 -26.30 7.93
N ALA M 59 30.70 -25.24 8.41
CA ALA M 59 30.58 -23.98 7.61
C ALA M 59 30.53 -22.66 8.37
N TYR M 60 30.90 -21.58 7.68
CA TYR M 60 30.83 -20.24 8.23
C TYR M 60 29.59 -19.57 7.69
N ILE M 61 28.66 -19.26 8.60
CA ILE M 61 27.36 -18.68 8.25
C ILE M 61 27.24 -17.18 8.65
N GLN M 62 26.84 -16.33 7.71
CA GLN M 62 26.61 -14.86 8.01
C GLN M 62 25.13 -14.52 7.86
N THR M 63 24.50 -14.03 8.90
CA THR M 63 23.13 -13.49 8.70
C THR M 63 22.99 -11.99 9.20
N ARG M 64 21.77 -11.47 9.11
CA ARG M 64 21.41 -10.25 9.76
C ARG M 64 21.67 -10.26 11.24
N HIS M 65 21.62 -11.40 11.91
CA HIS M 65 21.72 -11.40 13.36
C HIS M 65 23.15 -11.63 13.93
N GLY M 66 24.17 -11.70 13.04
CA GLY M 66 25.53 -11.99 13.42
C GLY M 66 26.18 -13.15 12.65
N VAL M 67 27.29 -13.69 13.19
CA VAL M 67 28.04 -14.79 12.53
C VAL M 67 28.02 -16.06 13.38
N ILE M 68 28.21 -17.19 12.71
CA ILE M 68 28.18 -18.47 13.41
C ILE M 68 28.79 -19.54 12.54
N GLU M 69 29.38 -20.56 13.14
CA GLU M 69 29.93 -21.65 12.41
C GLU M 69 29.14 -22.87 12.71
N SER M 70 28.85 -23.63 11.67
CA SER M 70 28.26 -24.93 11.84
C SER M 70 29.38 -25.94 12.02
N GLU M 71 29.08 -27.02 12.75
CA GLU M 71 30.04 -28.10 13.01
C GLU M 71 29.55 -29.49 12.62
N GLY M 72 30.51 -30.27 12.09
CA GLY M 72 30.23 -31.45 11.29
C GLY M 72 30.11 -32.66 12.17
N LYS M 73 29.96 -33.82 11.54
CA LYS M 73 29.71 -35.05 12.25
C LYS M 73 31.07 -35.67 12.53
N THR N 3 12.51 -4.62 -8.61
CA THR N 3 13.68 -3.76 -9.03
C THR N 3 14.47 -3.12 -7.89
N ASN N 4 13.85 -2.98 -6.71
CA ASN N 4 14.61 -2.71 -5.47
C ASN N 4 15.03 -3.87 -4.50
N SER N 5 15.37 -5.01 -5.06
CA SER N 5 15.85 -6.07 -4.22
C SER N 5 17.29 -5.80 -3.87
N ASP N 6 17.77 -6.42 -2.77
CA ASP N 6 19.18 -6.45 -2.40
C ASP N 6 20.08 -7.01 -3.54
N PHE N 7 21.39 -6.80 -3.42
CA PHE N 7 22.33 -7.23 -4.43
C PHE N 7 23.62 -7.60 -3.75
N VAL N 8 24.56 -8.21 -4.47
CA VAL N 8 25.80 -8.64 -3.85
C VAL N 8 26.89 -8.10 -4.71
N VAL N 9 28.05 -7.84 -4.13
CA VAL N 9 29.18 -7.45 -4.94
C VAL N 9 30.24 -8.51 -4.92
N ILE N 10 30.64 -8.95 -6.11
CA ILE N 10 31.68 -9.97 -6.32
C ILE N 10 32.86 -9.54 -7.18
N LYS N 11 34.06 -9.65 -6.63
CA LYS N 11 35.28 -9.39 -7.37
C LYS N 11 36.13 -10.64 -7.54
N ALA N 12 36.33 -11.06 -8.78
CA ALA N 12 37.16 -12.22 -9.04
C ALA N 12 38.62 -11.89 -8.72
N LEU N 13 39.23 -12.78 -7.93
CA LEU N 13 40.65 -12.68 -7.55
C LEU N 13 41.58 -13.60 -8.34
N GLU N 14 41.03 -14.27 -9.36
CA GLU N 14 41.71 -15.25 -10.19
C GLU N 14 40.80 -15.41 -11.42
N ASP N 15 41.30 -16.03 -12.50
CA ASP N 15 40.51 -16.24 -13.72
C ASP N 15 39.51 -17.40 -13.63
N GLY N 16 38.44 -17.33 -14.41
CA GLY N 16 37.41 -18.34 -14.40
C GLY N 16 36.49 -18.45 -13.19
N VAL N 17 36.21 -17.34 -12.50
CA VAL N 17 35.24 -17.42 -11.40
C VAL N 17 33.85 -17.62 -11.99
N ASN N 18 33.01 -18.36 -11.28
CA ASN N 18 31.65 -18.56 -11.70
C ASN N 18 30.71 -17.97 -10.71
N VAL N 19 29.85 -17.08 -11.14
CA VAL N 19 28.76 -16.65 -10.29
C VAL N 19 27.51 -17.29 -10.87
N ILE N 20 26.87 -18.15 -10.08
CA ILE N 20 25.75 -18.94 -10.55
C ILE N 20 24.42 -18.51 -9.92
N GLY N 21 23.44 -18.22 -10.78
CA GLY N 21 22.12 -17.83 -10.33
C GLY N 21 21.27 -19.07 -10.24
N LEU N 22 20.84 -19.40 -9.04
CA LEU N 22 20.02 -20.55 -8.85
C LEU N 22 18.55 -20.14 -8.98
N THR N 23 17.73 -20.95 -9.61
CA THR N 23 16.35 -20.60 -9.92
C THR N 23 15.47 -20.50 -8.71
N ARG N 24 14.66 -19.42 -8.68
CA ARG N 24 13.54 -19.27 -7.76
C ARG N 24 12.42 -20.23 -8.15
N GLY N 25 11.75 -20.80 -7.17
CA GLY N 25 10.65 -21.68 -7.47
C GLY N 25 10.66 -23.00 -6.77
N ALA N 26 9.78 -23.90 -7.22
CA ALA N 26 9.73 -25.23 -6.62
C ALA N 26 10.99 -26.02 -7.00
N ASP N 27 11.73 -25.54 -8.01
CA ASP N 27 12.92 -26.26 -8.53
C ASP N 27 14.17 -25.43 -8.24
N THR N 28 15.27 -26.10 -7.92
CA THR N 28 16.53 -25.39 -7.74
C THR N 28 17.59 -25.88 -8.72
N ARG N 29 17.58 -25.25 -9.89
CA ARG N 29 18.58 -25.51 -10.91
C ARG N 29 19.35 -24.23 -11.21
N PHE N 30 20.31 -24.34 -12.11
CA PHE N 30 21.13 -23.23 -12.55
C PHE N 30 20.33 -22.54 -13.61
N HIS N 31 20.35 -21.23 -13.67
CA HIS N 31 19.69 -20.63 -14.84
C HIS N 31 20.61 -19.63 -15.55
N HIS N 32 21.70 -19.28 -14.89
CA HIS N 32 22.77 -18.60 -15.57
C HIS N 32 24.07 -18.69 -14.79
N SER N 33 25.15 -18.72 -15.53
CA SER N 33 26.42 -18.88 -14.92
C SER N 33 27.29 -17.81 -15.56
N GLU N 34 27.68 -16.79 -14.79
CA GLU N 34 28.52 -15.71 -15.29
C GLU N 34 30.00 -15.94 -15.00
N LYS N 35 30.81 -15.95 -16.05
CA LYS N 35 32.22 -16.24 -15.89
C LYS N 35 33.02 -14.98 -15.79
N LEU N 36 33.77 -14.89 -14.69
CA LEU N 36 34.53 -13.70 -14.36
C LEU N 36 36.05 -13.95 -14.51
N ASP N 37 36.76 -12.99 -15.11
CA ASP N 37 38.21 -13.03 -15.14
C ASP N 37 38.73 -12.19 -13.95
N LYS N 38 40.02 -12.37 -13.60
CA LYS N 38 40.63 -11.70 -12.44
C LYS N 38 40.51 -10.16 -12.48
N GLY N 39 39.93 -9.58 -11.44
CA GLY N 39 39.76 -8.13 -11.39
C GLY N 39 38.36 -7.67 -11.75
N GLU N 40 37.61 -8.51 -12.48
CA GLU N 40 36.27 -8.16 -12.90
C GLU N 40 35.36 -8.14 -11.70
N VAL N 41 34.42 -7.19 -11.71
CA VAL N 41 33.48 -6.99 -10.61
C VAL N 41 32.06 -7.08 -11.13
N LEU N 42 31.28 -7.98 -10.54
CA LEU N 42 29.89 -8.11 -10.88
C LEU N 42 29.05 -7.58 -9.69
N ILE N 43 28.04 -6.76 -9.97
CA ILE N 43 27.07 -6.38 -8.98
C ILE N 43 25.71 -7.00 -9.37
N ALA N 44 25.17 -7.90 -8.52
CA ALA N 44 23.98 -8.66 -8.89
C ALA N 44 22.86 -8.74 -7.84
N GLN N 45 21.61 -8.62 -8.27
CA GLN N 45 20.46 -8.66 -7.36
C GLN N 45 19.78 -10.01 -7.27
N PHE N 46 19.05 -10.23 -6.18
CA PHE N 46 18.06 -11.27 -6.17
C PHE N 46 16.92 -10.75 -7.02
N THR N 47 16.25 -11.63 -7.75
CA THR N 47 15.26 -11.21 -8.71
C THR N 47 14.11 -12.20 -8.75
N GLU N 48 13.21 -11.97 -9.71
CA GLU N 48 12.11 -12.88 -9.98
C GLU N 48 12.64 -14.26 -10.36
N HIS N 49 13.78 -14.30 -11.06
CA HIS N 49 14.33 -15.57 -11.54
C HIS N 49 15.39 -16.27 -10.65
N THR N 50 16.03 -15.45 -9.79
CA THR N 50 17.19 -15.80 -8.96
C THR N 50 16.95 -15.54 -7.49
N SER N 51 16.95 -16.61 -6.70
CA SER N 51 16.73 -16.51 -5.25
C SER N 51 17.92 -17.05 -4.43
N ALA N 52 18.93 -17.56 -5.11
CA ALA N 52 20.15 -18.03 -4.48
C ALA N 52 21.24 -17.87 -5.53
N ILE N 53 22.45 -17.55 -5.05
CA ILE N 53 23.61 -17.34 -5.89
C ILE N 53 24.75 -18.14 -5.29
N LYS N 54 25.52 -18.80 -6.14
CA LYS N 54 26.54 -19.68 -5.62
C LYS N 54 27.80 -19.25 -6.29
N VAL N 55 28.85 -19.04 -5.51
CA VAL N 55 30.13 -18.63 -6.10
C VAL N 55 31.20 -19.74 -6.02
N ARG N 56 31.73 -20.10 -7.19
CA ARG N 56 32.84 -21.03 -7.34
C ARG N 56 34.09 -20.25 -7.73
N GLY N 57 35.22 -20.63 -7.13
CA GLY N 57 36.47 -19.96 -7.42
C GLY N 57 36.77 -18.90 -6.38
N LYS N 58 37.93 -18.28 -6.51
CA LYS N 58 38.46 -17.36 -5.52
C LYS N 58 37.97 -15.94 -5.81
N ALA N 59 37.13 -15.39 -4.93
CA ALA N 59 36.59 -14.06 -5.14
C ALA N 59 36.32 -13.38 -3.85
N TYR N 60 36.29 -12.06 -3.89
CA TYR N 60 35.90 -11.25 -2.76
C TYR N 60 34.44 -10.82 -2.87
N ILE N 61 33.69 -11.04 -1.80
CA ILE N 61 32.24 -10.78 -1.80
C ILE N 61 31.81 -9.73 -0.76
N GLN N 62 30.91 -8.82 -1.13
CA GLN N 62 30.39 -7.85 -0.16
C GLN N 62 28.92 -8.03 -0.18
N THR N 63 28.27 -7.98 0.96
CA THR N 63 26.81 -8.04 1.00
C THR N 63 26.40 -7.20 2.20
N ARG N 64 25.10 -6.94 2.31
CA ARG N 64 24.52 -6.34 3.51
C ARG N 64 25.02 -7.04 4.80
N HIS N 65 25.35 -8.35 4.81
CA HIS N 65 25.80 -8.90 6.10
C HIS N 65 27.30 -8.90 6.41
N GLY N 66 28.12 -8.26 5.56
CA GLY N 66 29.54 -8.18 5.80
C GLY N 66 30.30 -8.70 4.58
N VAL N 67 31.60 -8.96 4.74
CA VAL N 67 32.50 -9.39 3.64
C VAL N 67 32.95 -10.81 3.91
N ILE N 68 33.23 -11.54 2.85
CA ILE N 68 33.71 -12.89 2.92
C ILE N 68 34.46 -13.15 1.61
N GLU N 69 35.26 -14.20 1.56
CA GLU N 69 35.98 -14.59 0.35
C GLU N 69 35.70 -16.03 0.06
N SER N 70 35.38 -16.30 -1.20
CA SER N 70 35.31 -17.69 -1.70
C SER N 70 36.70 -18.20 -2.06
N GLU N 71 36.93 -19.50 -1.83
CA GLU N 71 38.17 -20.18 -2.20
C GLU N 71 37.88 -21.29 -3.22
N GLY N 72 38.67 -21.34 -4.28
CA GLY N 72 38.51 -22.36 -5.32
C GLY N 72 39.43 -23.55 -5.06
N THR O 3 11.35 3.84 -9.82
CA THR O 3 12.46 4.85 -10.01
C THR O 3 13.26 5.17 -8.69
N ASN O 4 12.89 4.58 -7.55
CA ASN O 4 13.76 4.64 -6.33
C ASN O 4 14.68 3.42 -6.00
N SER O 5 15.18 2.77 -7.03
CA SER O 5 15.99 1.61 -6.78
C SER O 5 17.37 2.07 -6.38
N ASP O 6 18.06 1.16 -5.69
CA ASP O 6 19.50 1.32 -5.37
C ASP O 6 20.37 1.63 -6.61
N PHE O 7 21.47 2.37 -6.46
CA PHE O 7 22.36 2.68 -7.61
C PHE O 7 23.81 2.47 -7.25
N VAL O 8 24.69 2.34 -8.24
CA VAL O 8 26.16 2.24 -8.03
C VAL O 8 26.90 3.44 -8.61
N VAL O 9 28.03 3.84 -8.00
CA VAL O 9 28.90 4.93 -8.51
C VAL O 9 30.23 4.37 -9.01
N ILE O 10 30.61 4.74 -10.24
CA ILE O 10 31.76 4.15 -10.93
C ILE O 10 32.62 5.22 -11.56
N LYS O 11 33.89 5.26 -11.16
CA LYS O 11 34.86 6.19 -11.69
C LYS O 11 35.96 5.38 -12.40
N ALA O 12 36.14 5.63 -13.69
CA ALA O 12 37.20 4.98 -14.46
C ALA O 12 38.56 5.50 -14.05
N LEU O 13 39.46 4.58 -13.73
CA LEU O 13 40.86 4.91 -13.42
C LEU O 13 41.81 4.77 -14.62
N GLU O 14 41.28 4.35 -15.76
CA GLU O 14 42.06 4.27 -17.00
C GLU O 14 41.03 4.41 -18.10
N ASP O 15 41.49 4.71 -19.31
CA ASP O 15 40.61 4.86 -20.45
C ASP O 15 39.99 3.52 -20.86
N GLY O 16 38.81 3.58 -21.45
CA GLY O 16 38.19 2.38 -21.95
C GLY O 16 37.66 1.40 -20.91
N VAL O 17 37.20 1.92 -19.78
CA VAL O 17 36.44 1.06 -18.87
C VAL O 17 35.06 0.86 -19.50
N ASN O 18 34.48 -0.33 -19.27
CA ASN O 18 33.16 -0.70 -19.75
C ASN O 18 32.27 -0.98 -18.58
N VAL O 19 31.16 -0.28 -18.46
CA VAL O 19 30.15 -0.65 -17.46
C VAL O 19 29.03 -1.30 -18.23
N ILE O 20 28.74 -2.55 -17.89
CA ILE O 20 27.81 -3.37 -18.67
C ILE O 20 26.62 -3.73 -17.89
N GLY O 21 25.44 -3.43 -18.42
CA GLY O 21 24.23 -3.77 -17.71
C GLY O 21 23.73 -5.05 -18.29
N LEU O 22 23.46 -6.03 -17.45
CA LEU O 22 22.99 -7.31 -17.93
C LEU O 22 21.49 -7.35 -17.82
N THR O 23 20.82 -8.03 -18.73
CA THR O 23 19.36 -7.98 -18.80
C THR O 23 18.68 -8.65 -17.63
N ARG O 24 17.65 -7.96 -17.11
CA ARG O 24 16.65 -8.57 -16.23
C ARG O 24 15.87 -9.65 -16.95
N GLY O 25 15.48 -10.72 -16.25
CA GLY O 25 14.59 -11.72 -16.82
C GLY O 25 15.17 -13.14 -16.90
N ALA O 26 14.56 -13.94 -17.78
CA ALA O 26 14.96 -15.33 -17.93
C ALA O 26 16.29 -15.41 -18.63
N ASP O 27 16.59 -14.41 -19.44
CA ASP O 27 17.84 -14.39 -20.20
C ASP O 27 18.83 -13.41 -19.57
N THR O 28 20.11 -13.74 -19.65
CA THR O 28 21.13 -12.85 -19.12
C THR O 28 22.14 -12.44 -20.17
N ARG O 29 21.75 -11.53 -21.04
CA ARG O 29 22.67 -11.06 -22.06
C ARG O 29 23.05 -9.65 -21.67
N PHE O 30 23.86 -9.00 -22.49
CA PHE O 30 24.22 -7.62 -22.31
C PHE O 30 23.14 -6.84 -22.95
N HIS O 31 22.81 -5.68 -22.45
CA HIS O 31 21.86 -4.89 -23.21
C HIS O 31 22.37 -3.47 -23.41
N HIS O 32 23.30 -3.07 -22.55
CA HIS O 32 24.05 -1.88 -22.82
C HIS O 32 25.48 -1.90 -22.26
N SER O 33 26.38 -1.23 -22.96
CA SER O 33 27.76 -1.27 -22.56
C SER O 33 28.31 0.16 -22.64
N GLU O 34 28.46 0.82 -21.50
CA GLU O 34 28.89 2.21 -21.48
C GLU O 34 30.38 2.31 -21.28
N LYS O 35 31.03 3.06 -22.17
CA LYS O 35 32.47 3.12 -22.24
C LYS O 35 32.93 4.41 -21.61
N LEU O 36 33.75 4.28 -20.57
CA LEU O 36 34.24 5.45 -19.84
C LEU O 36 35.70 5.73 -20.11
N ASP O 37 36.03 7.01 -20.20
CA ASP O 37 37.42 7.39 -20.25
C ASP O 37 37.86 7.69 -18.82
N LYS O 38 39.18 7.83 -18.62
CA LYS O 38 39.82 8.15 -17.32
C LYS O 38 39.21 9.37 -16.60
N GLY O 39 38.69 9.12 -15.38
CA GLY O 39 38.18 10.19 -14.54
C GLY O 39 36.70 10.55 -14.71
N GLU O 40 36.04 9.92 -15.66
CA GLU O 40 34.61 10.13 -15.85
C GLU O 40 33.89 9.24 -14.84
N VAL O 41 32.77 9.75 -14.32
CA VAL O 41 32.01 9.04 -13.28
C VAL O 41 30.61 8.75 -13.76
N LEU O 42 30.21 7.48 -13.66
CA LEU O 42 28.87 7.02 -14.03
C LEU O 42 28.06 6.54 -12.79
N ILE O 43 26.87 7.12 -12.56
CA ILE O 43 26.04 6.71 -11.45
C ILE O 43 24.84 6.02 -12.07
N ALA O 44 24.73 4.72 -11.86
CA ALA O 44 23.72 3.91 -12.53
C ALA O 44 22.84 3.04 -11.59
N GLN O 45 21.53 3.03 -11.84
CA GLN O 45 20.56 2.27 -11.04
C GLN O 45 20.31 0.85 -11.54
N PHE O 46 19.81 0.01 -10.64
CA PHE O 46 19.12 -1.19 -11.06
C PHE O 46 17.77 -0.77 -11.54
N THR O 47 17.25 -1.41 -12.58
CA THR O 47 16.05 -0.89 -13.27
C THR O 47 15.22 -2.04 -13.82
N GLU O 48 14.09 -1.72 -14.44
CA GLU O 48 13.28 -2.75 -15.07
C GLU O 48 14.09 -3.58 -16.06
N HIS O 49 15.08 -2.96 -16.74
CA HIS O 49 15.88 -3.65 -17.75
C HIS O 49 17.21 -4.29 -17.30
N THR O 50 17.82 -3.67 -16.27
CA THR O 50 19.13 -4.03 -15.72
C THR O 50 18.99 -4.59 -14.30
N SER O 51 19.34 -5.85 -14.09
CA SER O 51 19.32 -6.47 -12.77
C SER O 51 20.70 -6.93 -12.28
N ALA O 52 21.75 -6.57 -13.02
CA ALA O 52 23.14 -6.91 -12.67
C ALA O 52 24.03 -6.06 -13.53
N ILE O 53 25.18 -5.66 -12.97
CA ILE O 53 26.11 -4.82 -13.67
C ILE O 53 27.53 -5.44 -13.61
N LYS O 54 28.27 -5.33 -14.70
CA LYS O 54 29.59 -5.98 -14.80
C LYS O 54 30.55 -4.90 -15.14
N VAL O 55 31.65 -4.78 -14.41
CA VAL O 55 32.62 -3.74 -14.74
C VAL O 55 33.92 -4.37 -15.18
N ARG O 56 34.34 -4.04 -16.40
CA ARG O 56 35.62 -4.44 -16.98
C ARG O 56 36.56 -3.27 -17.04
N GLY O 57 37.82 -3.50 -16.69
CA GLY O 57 38.79 -2.42 -16.62
C GLY O 57 38.91 -1.85 -15.21
N LYS O 58 39.92 -1.00 -15.06
CA LYS O 58 40.32 -0.49 -13.78
C LYS O 58 39.38 0.62 -13.37
N ALA O 59 38.58 0.37 -12.33
CA ALA O 59 37.63 1.37 -11.87
C ALA O 59 37.39 1.36 -10.36
N TYR O 60 36.95 2.52 -9.87
CA TYR O 60 36.64 2.71 -8.46
C TYR O 60 35.13 2.76 -8.28
N ILE O 61 34.61 1.80 -7.52
CA ILE O 61 33.18 1.55 -7.37
C ILE O 61 32.70 1.78 -5.92
N GLN O 62 31.69 2.66 -5.76
CA GLN O 62 30.96 2.86 -4.49
C GLN O 62 29.55 2.33 -4.57
N THR O 63 29.20 1.54 -3.58
CA THR O 63 27.84 1.06 -3.37
C THR O 63 27.45 1.03 -1.87
N ARG O 64 26.16 0.79 -1.62
CA ARG O 64 25.61 0.69 -0.27
C ARG O 64 26.42 -0.28 0.59
N HIS O 65 27.00 -1.36 0.06
CA HIS O 65 27.86 -2.20 0.86
C HIS O 65 29.32 -1.82 0.96
N GLY O 66 29.79 -0.71 0.42
CA GLY O 66 31.17 -0.39 0.69
C GLY O 66 31.87 -0.03 -0.62
N VAL O 67 33.21 -0.10 -0.63
CA VAL O 67 33.96 0.39 -1.80
C VAL O 67 34.80 -0.75 -2.31
N ILE O 68 35.16 -0.69 -3.57
CA ILE O 68 35.86 -1.77 -4.22
C ILE O 68 36.41 -1.24 -5.49
N GLU O 69 37.57 -1.77 -5.91
CA GLU O 69 38.15 -1.37 -7.19
C GLU O 69 38.17 -2.55 -8.13
N SER O 70 37.79 -2.34 -9.39
CA SER O 70 37.94 -3.38 -10.40
C SER O 70 39.32 -3.23 -11.01
N GLU O 71 39.93 -4.35 -11.41
CA GLU O 71 41.26 -4.34 -12.06
C GLU O 71 41.11 -4.99 -13.46
N GLY O 72 41.68 -4.36 -14.49
CA GLY O 72 41.47 -4.87 -15.83
C GLY O 72 42.67 -5.67 -16.25
N LYS O 73 42.72 -6.04 -17.53
CA LYS O 73 43.86 -6.76 -18.13
C LYS O 73 43.48 -8.20 -18.53
N THR P 3 8.25 10.98 -6.85
CA THR P 3 9.04 12.28 -6.82
C THR P 3 9.96 12.30 -5.57
N ASN P 4 10.05 11.16 -4.86
CA ASN P 4 11.03 10.95 -3.74
C ASN P 4 12.24 10.00 -4.03
N SER P 5 12.76 10.11 -5.24
CA SER P 5 13.88 9.29 -5.61
C SER P 5 15.16 9.95 -5.09
N ASP P 6 16.23 9.16 -5.04
CA ASP P 6 17.51 9.66 -4.63
C ASP P 6 17.94 10.77 -5.58
N PHE P 7 19.00 11.46 -5.21
CA PHE P 7 19.55 12.50 -6.07
C PHE P 7 21.03 12.59 -5.78
N VAL P 8 21.79 13.26 -6.64
CA VAL P 8 23.23 13.42 -6.51
C VAL P 8 23.55 14.91 -6.52
N VAL P 9 24.64 15.31 -5.88
CA VAL P 9 25.00 16.71 -5.86
C VAL P 9 26.30 16.91 -6.62
N ILE P 10 26.27 17.78 -7.60
CA ILE P 10 27.45 18.02 -8.42
C ILE P 10 27.86 19.47 -8.41
N LYS P 11 29.15 19.65 -8.14
CA LYS P 11 29.78 20.96 -8.12
C LYS P 11 30.90 21.01 -9.18
N ALA P 12 30.73 21.84 -10.18
CA ALA P 12 31.77 22.03 -11.19
C ALA P 12 33.05 22.62 -10.58
N LEU P 13 34.18 21.94 -10.81
CA LEU P 13 35.51 22.42 -10.34
C LEU P 13 36.34 23.21 -11.39
N GLU P 14 35.79 23.27 -12.63
CA GLU P 14 36.35 23.91 -13.80
C GLU P 14 35.11 24.22 -14.67
N ASP P 15 35.29 25.02 -15.72
CA ASP P 15 34.26 25.43 -16.66
C ASP P 15 33.94 24.30 -17.61
N GLY P 16 32.77 24.36 -18.22
CA GLY P 16 32.37 23.32 -19.15
C GLY P 16 32.19 21.90 -18.64
N VAL P 17 31.88 21.67 -17.35
CA VAL P 17 31.44 20.34 -16.90
C VAL P 17 30.13 19.95 -17.57
N ASN P 18 30.03 18.70 -18.03
CA ASN P 18 28.72 18.15 -18.48
C ASN P 18 28.16 17.17 -17.52
N VAL P 19 26.91 17.35 -17.15
CA VAL P 19 26.17 16.35 -16.38
C VAL P 19 25.16 15.71 -17.33
N ILE P 20 25.43 14.50 -17.76
CA ILE P 20 24.55 13.89 -18.74
C ILE P 20 23.56 12.91 -18.10
N GLY P 21 22.29 13.04 -18.48
CA GLY P 21 21.25 12.11 -18.05
C GLY P 21 21.08 11.07 -19.11
N LEU P 22 21.14 9.81 -18.74
CA LEU P 22 21.00 8.75 -19.69
C LEU P 22 19.56 8.26 -19.63
N THR P 23 18.98 7.90 -20.76
CA THR P 23 17.58 7.50 -20.82
C THR P 23 17.28 6.23 -20.04
N ARG P 24 16.18 6.24 -19.25
CA ARG P 24 15.58 5.01 -18.72
C ARG P 24 14.95 4.16 -19.82
N GLY P 25 15.15 2.87 -19.78
CA GLY P 25 14.40 2.00 -20.67
C GLY P 25 15.27 1.04 -21.43
N ALA P 26 14.67 0.45 -22.46
CA ALA P 26 15.38 -0.47 -23.34
C ALA P 26 16.48 0.28 -24.10
N ASP P 27 16.33 1.58 -24.28
CA ASP P 27 17.42 2.32 -24.92
C ASP P 27 18.32 3.04 -23.91
N THR P 28 19.61 3.10 -24.15
CA THR P 28 20.47 3.93 -23.32
C THR P 28 21.14 5.01 -24.15
N ARG P 29 20.41 6.07 -24.48
CA ARG P 29 20.98 7.21 -25.21
C ARG P 29 21.02 8.43 -24.28
N PHE P 30 21.59 9.54 -24.72
CA PHE P 30 21.60 10.75 -23.89
C PHE P 30 20.26 11.35 -24.08
N HIS P 31 19.75 12.08 -23.11
CA HIS P 31 18.49 12.79 -23.35
C HIS P 31 18.57 14.23 -22.83
N HIS P 32 19.58 14.49 -22.02
CA HIS P 32 19.88 15.84 -21.63
C HIS P 32 21.28 15.92 -21.10
N SER P 33 21.94 16.99 -21.51
CA SER P 33 23.29 17.26 -21.13
C SER P 33 23.35 18.67 -20.56
N GLU P 34 23.54 18.81 -19.25
CA GLU P 34 23.58 20.14 -18.63
C GLU P 34 25.01 20.60 -18.49
N LYS P 35 25.33 21.77 -19.06
CA LYS P 35 26.65 22.39 -18.96
C LYS P 35 26.79 23.25 -17.67
N LEU P 36 27.83 22.99 -16.89
CA LEU P 36 28.09 23.75 -15.66
C LEU P 36 29.40 24.52 -15.75
N ASP P 37 29.38 25.76 -15.24
CA ASP P 37 30.59 26.55 -15.07
C ASP P 37 31.20 26.36 -13.67
N LYS P 38 32.48 26.72 -13.53
CA LYS P 38 33.21 26.60 -12.28
C LYS P 38 32.39 27.08 -11.05
N GLY P 39 32.13 26.18 -10.13
CA GLY P 39 31.48 26.56 -8.89
C GLY P 39 29.97 26.57 -8.87
N GLU P 40 29.37 26.06 -9.95
CA GLU P 40 27.93 25.94 -10.02
C GLU P 40 27.51 24.59 -9.36
N VAL P 41 26.46 24.58 -8.55
CA VAL P 41 26.00 23.32 -8.00
C VAL P 41 24.71 22.89 -8.71
N LEU P 42 24.72 21.70 -9.30
CA LEU P 42 23.49 21.12 -9.81
C LEU P 42 23.08 19.96 -8.88
N ILE P 43 21.86 19.97 -8.36
CA ILE P 43 21.32 18.84 -7.58
C ILE P 43 20.28 18.15 -8.43
N ALA P 44 20.53 16.88 -8.80
CA ALA P 44 19.68 16.19 -9.77
C ALA P 44 19.25 14.81 -9.30
N GLN P 45 17.96 14.52 -9.48
CA GLN P 45 17.35 13.23 -9.08
C GLN P 45 17.44 12.15 -10.16
N PHE P 46 17.22 10.91 -9.75
CA PHE P 46 16.84 9.87 -10.70
C PHE P 46 15.39 10.10 -10.95
N THR P 47 14.92 9.87 -12.16
CA THR P 47 13.53 10.14 -12.50
C THR P 47 12.95 9.11 -13.46
N GLU P 48 11.73 9.40 -13.91
CA GLU P 48 11.03 8.53 -14.84
C GLU P 48 11.84 8.39 -16.15
N HIS P 49 12.53 9.45 -16.55
CA HIS P 49 13.28 9.47 -17.77
C HIS P 49 14.81 9.25 -17.63
N THR P 50 15.34 9.45 -16.41
CA THR P 50 16.75 9.30 -16.11
C THR P 50 17.02 8.15 -15.12
N SER P 51 17.79 7.16 -15.55
CA SER P 51 18.08 6.05 -14.65
C SER P 51 19.60 5.88 -14.50
N ALA P 52 20.32 6.88 -15.04
CA ALA P 52 21.77 6.91 -15.00
C ALA P 52 22.30 8.30 -15.42
N ILE P 53 23.32 8.77 -14.68
CA ILE P 53 23.93 10.07 -14.88
C ILE P 53 25.45 9.93 -15.14
N LYS P 54 25.95 10.53 -16.19
CA LYS P 54 27.39 10.49 -16.45
C LYS P 54 27.99 11.87 -16.28
N VAL P 55 29.14 11.97 -15.63
CA VAL P 55 29.68 13.29 -15.43
C VAL P 55 30.98 13.36 -16.15
N ARG P 56 31.13 14.39 -16.97
CA ARG P 56 32.31 14.60 -17.74
C ARG P 56 32.92 15.91 -17.29
N GLY P 57 34.24 15.92 -17.10
CA GLY P 57 34.95 17.09 -16.61
C GLY P 57 35.21 17.02 -15.11
N LYS P 58 35.92 18.03 -14.61
CA LYS P 58 36.38 18.06 -13.22
C LYS P 58 35.22 18.48 -12.27
N ALA P 59 34.81 17.61 -11.36
CA ALA P 59 33.72 18.00 -10.48
C ALA P 59 33.78 17.23 -9.19
N TYR P 60 33.08 17.76 -8.18
CA TYR P 60 32.98 17.17 -6.89
C TYR P 60 31.55 16.68 -6.77
N ILE P 61 31.36 15.44 -6.26
CA ILE P 61 30.06 14.76 -6.26
C ILE P 61 29.73 14.07 -4.91
N GLN P 62 28.55 14.33 -4.40
CA GLN P 62 28.08 13.78 -3.15
C GLN P 62 26.91 12.90 -3.46
N THR P 63 26.90 11.68 -2.96
CA THR P 63 25.74 10.77 -3.07
C THR P 63 25.54 10.04 -1.73
N ARG P 64 24.44 9.30 -1.62
CA ARG P 64 24.18 8.52 -0.43
C ARG P 64 25.33 7.57 -0.10
N HIS P 65 26.15 7.24 -1.11
CA HIS P 65 27.26 6.32 -0.93
C HIS P 65 28.66 6.96 -0.66
N GLY P 66 28.79 8.28 -0.63
CA GLY P 66 30.07 8.87 -0.35
C GLY P 66 30.30 10.11 -1.16
N VAL P 67 31.56 10.53 -1.24
CA VAL P 67 31.97 11.65 -2.10
C VAL P 67 32.98 11.11 -3.08
N ILE P 68 33.14 11.80 -4.21
CA ILE P 68 34.06 11.39 -5.24
C ILE P 68 34.33 12.57 -6.19
N GLU P 69 35.50 12.60 -6.81
CA GLU P 69 35.73 13.64 -7.80
C GLU P 69 35.84 13.08 -9.19
N SER P 70 35.12 13.66 -10.15
CA SER P 70 35.36 13.29 -11.53
C SER P 70 36.60 14.06 -12.03
N GLU P 71 37.32 13.49 -13.01
CA GLU P 71 38.47 14.16 -13.67
C GLU P 71 38.35 14.14 -15.21
N GLY P 72 38.85 15.17 -15.89
CA GLY P 72 38.65 15.30 -17.33
C GLY P 72 39.72 16.11 -18.03
N THR Q 3 4.01 15.13 -1.41
CA THR Q 3 4.43 16.23 -0.48
C THR Q 3 5.49 15.84 0.58
N ASN Q 4 5.81 14.55 0.76
CA ASN Q 4 7.00 14.19 1.60
C ASN Q 4 8.40 14.04 0.97
N SER Q 5 8.64 14.82 -0.09
CA SER Q 5 9.86 14.69 -0.83
C SER Q 5 10.99 15.38 -0.05
N ASP Q 6 12.22 15.08 -0.48
CA ASP Q 6 13.43 15.65 0.08
C ASP Q 6 13.57 17.10 -0.40
N PHE Q 7 14.49 17.81 0.24
CA PHE Q 7 14.56 19.22 0.09
C PHE Q 7 16.00 19.69 0.29
N VAL Q 8 16.31 20.88 -0.18
CA VAL Q 8 17.67 21.35 0.01
C VAL Q 8 17.56 22.60 0.85
N VAL Q 9 18.61 23.00 1.55
CA VAL Q 9 18.61 24.34 2.18
C VAL Q 9 19.68 25.23 1.51
N ILE Q 10 19.30 26.44 1.14
CA ILE Q 10 20.23 27.37 0.49
C ILE Q 10 20.22 28.75 1.10
N LYS Q 11 21.42 29.20 1.45
CA LYS Q 11 21.67 30.48 2.04
C LYS Q 11 22.61 31.24 1.15
N ALA Q 12 22.18 32.41 0.67
CA ALA Q 12 23.01 33.26 -0.20
C ALA Q 12 24.17 33.91 0.55
N LEU Q 13 25.35 33.92 -0.05
CA LEU Q 13 26.52 34.54 0.59
C LEU Q 13 26.91 35.85 -0.14
N GLU Q 14 26.11 36.16 -1.15
CA GLU Q 14 26.24 37.39 -1.90
C GLU Q 14 24.86 37.68 -2.45
N ASP Q 15 24.69 38.86 -2.99
CA ASP Q 15 23.46 39.26 -3.59
C ASP Q 15 23.31 38.60 -4.95
N GLY Q 16 22.09 38.60 -5.46
CA GLY Q 16 21.83 38.05 -6.78
C GLY Q 16 22.10 36.59 -7.02
N VAL Q 17 22.05 35.73 -5.98
CA VAL Q 17 22.10 34.27 -6.10
C VAL Q 17 20.89 33.83 -6.89
N ASN Q 18 21.07 32.83 -7.76
CA ASN Q 18 19.97 32.20 -8.49
C ASN Q 18 19.72 30.76 -8.06
N VAL Q 19 18.53 30.44 -7.57
CA VAL Q 19 18.18 29.03 -7.33
C VAL Q 19 17.16 28.67 -8.42
N ILE Q 20 17.52 27.80 -9.36
CA ILE Q 20 16.69 27.50 -10.54
C ILE Q 20 16.09 26.10 -10.48
N GLY Q 21 14.77 25.99 -10.60
CA GLY Q 21 14.14 24.69 -10.72
C GLY Q 21 14.18 24.27 -12.17
N LEU Q 22 14.66 23.08 -12.46
CA LEU Q 22 14.63 22.58 -13.82
C LEU Q 22 13.43 21.66 -13.89
N THR Q 23 12.84 21.54 -15.07
CA THR Q 23 11.58 20.87 -15.22
C THR Q 23 11.67 19.36 -15.15
N ARG Q 24 10.75 18.75 -14.44
CA ARG Q 24 10.52 17.28 -14.52
C ARG Q 24 9.99 16.81 -15.92
N GLY Q 25 10.46 15.64 -16.37
CA GLY Q 25 9.87 14.96 -17.52
C GLY Q 25 10.80 14.79 -18.71
N ALA Q 26 10.22 14.70 -19.90
CA ALA Q 26 11.04 14.61 -21.11
C ALA Q 26 11.90 15.86 -21.37
N ASP Q 27 11.40 17.06 -21.07
CA ASP Q 27 12.14 18.31 -21.38
C ASP Q 27 12.88 18.84 -20.14
N THR Q 28 14.09 19.36 -20.31
CA THR Q 28 14.87 19.88 -19.18
C THR Q 28 15.11 21.36 -19.39
N ARG Q 29 14.09 22.18 -19.17
CA ARG Q 29 14.23 23.65 -19.26
C ARG Q 29 14.05 24.30 -17.87
N PHE Q 30 14.20 25.62 -17.78
CA PHE Q 30 14.05 26.31 -16.51
C PHE Q 30 12.59 26.57 -16.31
N HIS Q 31 12.02 26.19 -15.18
CA HIS Q 31 10.61 26.58 -15.00
C HIS Q 31 10.41 27.66 -13.93
N HIS Q 32 11.45 27.90 -13.15
CA HIS Q 32 11.46 29.04 -12.26
C HIS Q 32 12.84 29.33 -11.77
N SER Q 33 13.10 30.60 -11.61
CA SER Q 33 14.38 31.03 -11.16
C SER Q 33 14.08 31.94 -9.99
N GLU Q 34 14.60 31.64 -8.81
CA GLU Q 34 14.34 32.44 -7.62
C GLU Q 34 15.60 33.18 -7.27
N LYS Q 35 15.46 34.44 -6.94
CA LYS Q 35 16.59 35.37 -6.80
C LYS Q 35 16.72 35.81 -5.37
N LEU Q 36 17.80 35.32 -4.76
CA LEU Q 36 18.14 35.52 -3.34
C LEU Q 36 19.15 36.65 -3.10
N ASP Q 37 18.90 37.41 -2.05
CA ASP Q 37 19.90 38.36 -1.59
C ASP Q 37 20.72 37.82 -0.46
N LYS Q 38 21.83 38.51 -0.22
CA LYS Q 38 22.77 38.10 0.80
C LYS Q 38 22.09 37.82 2.14
N GLY Q 39 22.27 36.62 2.70
CA GLY Q 39 21.67 36.31 3.98
C GLY Q 39 20.29 35.67 3.92
N GLU Q 40 19.60 35.81 2.78
CA GLU Q 40 18.30 35.15 2.63
C GLU Q 40 18.43 33.61 2.62
N VAL Q 41 17.45 32.89 3.16
CA VAL Q 41 17.51 31.41 3.12
C VAL Q 41 16.32 30.84 2.37
N LEU Q 42 16.59 30.04 1.33
CA LEU Q 42 15.51 29.34 0.60
C LEU Q 42 15.49 27.85 0.96
N ILE Q 43 14.35 27.27 1.32
CA ILE Q 43 14.25 25.82 1.63
C ILE Q 43 13.30 25.17 0.63
N ALA Q 44 13.80 24.35 -0.29
CA ALA Q 44 13.00 23.91 -1.47
C ALA Q 44 12.98 22.38 -1.71
N GLN Q 45 11.80 21.83 -2.04
CA GLN Q 45 11.66 20.42 -2.33
C GLN Q 45 11.79 20.07 -3.79
N PHE Q 46 12.10 18.80 -4.06
CA PHE Q 46 11.78 18.18 -5.33
C PHE Q 46 10.29 17.96 -5.40
N THR Q 47 9.71 18.20 -6.57
CA THR Q 47 8.26 18.25 -6.69
C THR Q 47 7.88 17.68 -8.03
N GLU Q 48 6.57 17.58 -8.28
CA GLU Q 48 6.07 17.17 -9.58
C GLU Q 48 6.67 18.03 -10.72
N HIS Q 49 6.97 19.30 -10.47
CA HIS Q 49 7.47 20.12 -11.56
C HIS Q 49 8.99 20.27 -11.63
N THR Q 50 9.66 19.91 -10.53
CA THR Q 50 11.09 20.10 -10.31
C THR Q 50 11.78 18.79 -9.89
N SER Q 51 12.68 18.33 -10.75
CA SER Q 51 13.39 17.09 -10.49
C SER Q 51 14.89 17.41 -10.47
N ALA Q 52 15.24 18.71 -10.60
CA ALA Q 52 16.62 19.13 -10.53
C ALA Q 52 16.76 20.60 -10.20
N ILE Q 53 17.80 20.91 -9.43
CA ILE Q 53 18.02 22.29 -9.06
C ILE Q 53 19.44 22.68 -9.34
N LYS Q 54 19.57 23.86 -9.90
CA LYS Q 54 20.86 24.41 -10.23
C LYS Q 54 21.04 25.61 -9.34
N VAL Q 55 22.19 25.73 -8.68
CA VAL Q 55 22.49 26.99 -7.98
C VAL Q 55 23.61 27.82 -8.63
N ARG Q 56 23.30 29.07 -8.94
CA ARG Q 56 24.30 30.02 -9.50
C ARG Q 56 24.63 31.14 -8.52
N GLY Q 57 25.92 31.40 -8.32
CA GLY Q 57 26.34 32.39 -7.36
C GLY Q 57 26.76 31.79 -6.01
N LYS Q 58 27.31 32.67 -5.19
CA LYS Q 58 27.96 32.19 -3.96
C LYS Q 58 26.97 31.91 -2.85
N ALA Q 59 26.93 30.66 -2.37
CA ALA Q 59 25.93 30.26 -1.40
C ALA Q 59 26.19 28.93 -0.58
N TYR Q 60 25.51 28.79 0.53
CA TYR Q 60 25.80 27.70 1.39
C TYR Q 60 24.64 26.70 1.30
N ILE Q 61 24.93 25.52 0.77
CA ILE Q 61 23.83 24.57 0.52
C ILE Q 61 23.94 23.46 1.49
N GLN Q 62 22.82 23.05 2.10
CA GLN Q 62 22.76 21.74 2.86
C GLN Q 62 21.80 20.79 2.19
N THR Q 63 22.15 19.52 2.16
CA THR Q 63 21.24 18.44 1.77
C THR Q 63 21.44 17.21 2.66
N ARG Q 64 20.60 16.20 2.44
CA ARG Q 64 20.70 14.92 3.15
C ARG Q 64 22.08 14.34 3.03
N HIS Q 65 22.85 14.75 2.00
CA HIS Q 65 24.17 14.15 1.70
C HIS Q 65 25.38 14.99 2.13
N GLY Q 66 25.17 16.06 2.86
CA GLY Q 66 26.30 16.84 3.26
C GLY Q 66 26.05 18.30 3.03
N VAL Q 67 27.11 19.09 3.21
CA VAL Q 67 27.09 20.52 3.00
C VAL Q 67 28.08 20.83 1.88
N ILE Q 68 27.78 21.92 1.14
CA ILE Q 68 28.56 22.30 -0.04
C ILE Q 68 28.42 23.78 -0.34
N GLU Q 69 29.48 24.38 -0.86
CA GLU Q 69 29.37 25.80 -1.21
C GLU Q 69 29.40 26.00 -2.68
N SER Q 70 28.42 26.69 -3.20
CA SER Q 70 28.48 27.10 -4.59
C SER Q 70 29.36 28.38 -4.71
N GLU Q 71 30.24 28.44 -5.71
CA GLU Q 71 30.99 29.73 -5.97
C GLU Q 71 30.47 30.44 -7.21
N GLY Q 72 30.07 31.70 -6.99
CA GLY Q 72 29.59 32.60 -8.05
C GLY Q 72 30.62 32.82 -9.13
N THR R 3 -0.39 14.47 5.73
CA THR R 3 -0.18 15.29 6.97
C THR R 3 1.09 14.99 7.79
N ASN R 4 1.94 14.07 7.30
CA ASN R 4 3.22 13.69 7.96
C ASN R 4 4.49 14.10 7.21
N SER R 5 4.44 15.26 6.55
CA SER R 5 5.54 15.77 5.78
C SER R 5 6.53 16.37 6.76
N ASP R 6 7.80 16.42 6.38
CA ASP R 6 8.82 17.23 7.09
C ASP R 6 8.37 18.69 7.37
N PHE R 7 9.07 19.34 8.30
CA PHE R 7 8.79 20.71 8.69
C PHE R 7 10.06 21.47 9.01
N VAL R 8 9.97 22.78 9.14
CA VAL R 8 11.14 23.57 9.49
C VAL R 8 10.85 24.25 10.84
N VAL R 9 11.88 24.53 11.64
CA VAL R 9 11.77 25.35 12.86
C VAL R 9 12.52 26.69 12.68
N ILE R 10 11.77 27.79 12.82
CA ILE R 10 12.27 29.16 12.69
C ILE R 10 12.05 30.03 13.93
N LYS R 11 13.14 30.43 14.57
CA LYS R 11 13.07 31.37 15.66
C LYS R 11 13.53 32.72 15.12
N ALA R 12 12.76 33.78 15.35
CA ALA R 12 13.15 35.07 14.82
C ALA R 12 14.14 35.70 15.77
N LEU R 13 15.23 36.24 15.24
CA LEU R 13 16.22 36.88 16.11
C LEU R 13 16.13 38.39 16.04
N GLU R 14 15.16 38.91 15.33
CA GLU R 14 14.96 40.36 15.31
C GLU R 14 13.51 40.55 14.86
N ASP R 15 13.00 41.77 15.00
CA ASP R 15 11.62 42.04 14.62
C ASP R 15 11.39 41.96 13.10
N GLY R 16 10.16 41.69 12.71
CA GLY R 16 9.78 41.71 11.30
C GLY R 16 10.42 40.67 10.41
N VAL R 17 10.62 39.46 10.94
CA VAL R 17 11.07 38.31 10.17
C VAL R 17 9.90 37.81 9.37
N ASN R 18 10.13 37.63 8.07
CA ASN R 18 9.15 37.06 7.15
C ASN R 18 9.45 35.60 6.84
N VAL R 19 8.49 34.70 7.05
CA VAL R 19 8.59 33.30 6.58
C VAL R 19 7.57 33.12 5.45
N ILE R 20 8.07 33.04 4.22
CA ILE R 20 7.22 33.12 3.05
C ILE R 20 7.07 31.74 2.42
N GLY R 21 5.84 31.25 2.31
CA GLY R 21 5.57 29.96 1.70
C GLY R 21 5.40 30.14 0.21
N LEU R 22 6.30 29.56 -0.58
CA LEU R 22 6.12 29.59 -2.04
C LEU R 22 5.14 28.48 -2.48
N THR R 23 4.39 28.75 -3.55
CA THR R 23 3.34 27.87 -4.02
C THR R 23 3.85 26.62 -4.65
N ARG R 24 3.28 25.49 -4.26
CA ARG R 24 3.38 24.25 -5.05
C ARG R 24 2.77 24.38 -6.46
N GLY R 25 3.41 23.80 -7.48
CA GLY R 25 2.81 23.66 -8.79
C GLY R 25 3.49 24.38 -9.94
N ALA R 26 2.77 24.51 -11.05
CA ALA R 26 3.36 25.10 -12.23
C ALA R 26 3.76 26.58 -11.97
N ASP R 27 3.24 27.15 -10.88
CA ASP R 27 3.53 28.52 -10.52
C ASP R 27 4.32 28.71 -9.22
N THR R 28 5.32 29.58 -9.24
CA THR R 28 6.07 29.86 -8.01
C THR R 28 5.83 31.30 -7.57
N ARG R 29 4.67 31.55 -6.99
CA ARG R 29 4.38 32.85 -6.39
C ARG R 29 4.33 32.70 -4.87
N PHE R 30 4.11 33.80 -4.15
CA PHE R 30 3.98 33.80 -2.68
C PHE R 30 2.58 33.41 -2.34
N HIS R 31 2.37 32.46 -1.45
CA HIS R 31 0.97 32.32 -1.09
C HIS R 31 0.67 32.73 0.33
N HIS R 32 1.71 32.88 1.14
CA HIS R 32 1.55 33.46 2.46
C HIS R 32 2.88 33.97 2.99
N SER R 33 2.78 34.93 3.90
CA SER R 33 3.93 35.62 4.43
C SER R 33 3.67 35.89 5.92
N GLU R 34 4.29 35.10 6.78
CA GLU R 34 4.06 35.20 8.22
C GLU R 34 5.09 36.11 8.83
N LYS R 35 4.63 37.01 9.70
CA LYS R 35 5.52 37.97 10.30
C LYS R 35 5.81 37.56 11.75
N LEU R 36 7.10 37.42 12.04
CA LEU R 36 7.58 37.02 13.35
C LEU R 36 8.26 38.19 14.06
N ASP R 37 7.89 38.42 15.33
CA ASP R 37 8.64 39.37 16.17
C ASP R 37 9.79 38.61 16.85
N LYS R 38 10.74 39.36 17.39
CA LYS R 38 11.90 38.77 18.05
C LYS R 38 11.53 37.79 19.17
N GLY R 39 12.03 36.55 19.05
CA GLY R 39 11.81 35.53 20.06
C GLY R 39 10.71 34.55 19.69
N GLU R 40 9.88 34.92 18.73
CA GLU R 40 8.77 34.06 18.32
C GLU R 40 9.22 32.82 17.54
N VAL R 41 8.53 31.69 17.73
CA VAL R 41 8.94 30.47 17.05
C VAL R 41 7.84 29.89 16.17
N LEU R 42 8.19 29.65 14.92
CA LEU R 42 7.29 29.04 13.93
C LEU R 42 7.80 27.66 13.52
N ILE R 43 6.92 26.67 13.59
CA ILE R 43 7.20 25.32 13.11
C ILE R 43 6.28 24.99 11.90
N ALA R 44 6.83 25.06 10.68
CA ALA R 44 6.00 24.93 9.46
C ALA R 44 6.35 23.72 8.59
N GLN R 45 5.30 23.07 8.05
CA GLN R 45 5.41 21.90 7.21
C GLN R 45 5.41 22.24 5.76
N PHE R 46 6.01 21.37 5.00
CA PHE R 46 5.74 21.37 3.59
C PHE R 46 4.37 20.78 3.38
N THR R 47 3.59 21.40 2.51
CA THR R 47 2.19 20.98 2.33
C THR R 47 1.69 20.88 0.87
N GLU R 48 0.39 20.58 0.72
CA GLU R 48 -0.24 20.63 -0.58
C GLU R 48 -0.05 22.06 -1.19
N HIS R 49 -0.01 23.08 -0.35
CA HIS R 49 0.07 24.40 -0.93
C HIS R 49 1.48 24.99 -0.98
N THR R 50 2.37 24.40 -0.19
CA THR R 50 3.73 24.89 0.00
C THR R 50 4.80 23.84 -0.29
N SER R 51 5.65 24.15 -1.25
CA SER R 51 6.74 23.26 -1.60
C SER R 51 8.10 23.92 -1.44
N ALA R 52 8.10 25.12 -0.89
CA ALA R 52 9.32 25.89 -0.76
C ALA R 52 9.05 26.99 0.23
N ILE R 53 10.06 27.26 1.05
CA ILE R 53 10.00 28.36 2.01
C ILE R 53 11.20 29.32 1.93
N LYS R 54 10.89 30.61 1.91
CA LYS R 54 11.90 31.64 1.89
C LYS R 54 11.87 32.27 3.25
N VAL R 55 13.05 32.44 3.86
CA VAL R 55 13.17 33.22 5.10
C VAL R 55 13.94 34.54 4.86
N ARG R 56 13.31 35.68 5.17
CA ARG R 56 13.84 37.06 5.04
C ARG R 56 14.06 37.72 6.42
N GLY R 57 15.30 38.18 6.65
CA GLY R 57 15.69 38.66 7.97
C GLY R 57 16.44 37.67 8.85
N LYS R 58 16.94 38.20 9.96
CA LYS R 58 17.74 37.42 10.90
C LYS R 58 16.92 36.38 11.71
N ALA R 59 17.16 35.09 11.47
CA ALA R 59 16.43 34.04 12.17
C ALA R 59 17.25 32.75 12.39
N TYR R 60 16.90 31.96 13.39
CA TYR R 60 17.61 30.71 13.60
C TYR R 60 16.77 29.56 13.03
N ILE R 61 17.35 28.74 12.17
CA ILE R 61 16.58 27.77 11.41
C ILE R 61 17.09 26.35 11.70
N GLN R 62 16.20 25.42 12.06
CA GLN R 62 16.58 23.98 12.28
C GLN R 62 15.82 23.14 11.30
N THR R 63 16.49 22.39 10.44
CA THR R 63 15.76 21.41 9.60
C THR R 63 16.29 20.01 9.84
N ARG R 64 15.69 19.00 9.20
CA ARG R 64 16.30 17.63 9.16
C ARG R 64 17.78 17.68 8.80
N HIS R 65 18.27 18.71 8.10
CA HIS R 65 19.63 18.62 7.60
C HIS R 65 20.64 19.39 8.39
N GLY R 66 20.17 20.12 9.41
CA GLY R 66 21.06 20.74 10.37
C GLY R 66 20.51 22.10 10.76
N VAL R 67 21.42 23.02 11.07
CA VAL R 67 21.06 24.34 11.56
C VAL R 67 21.75 25.36 10.69
N ILE R 68 21.13 26.53 10.56
CA ILE R 68 21.65 27.62 9.75
C ILE R 68 20.96 28.85 10.24
N GLU R 69 21.64 30.00 10.15
CA GLU R 69 21.04 31.29 10.43
C GLU R 69 20.87 32.14 9.18
N SER R 70 19.75 32.85 9.16
CA SER R 70 19.44 33.69 8.05
C SER R 70 19.89 35.10 8.42
N GLU R 71 20.31 35.88 7.44
CA GLU R 71 20.83 37.21 7.76
C GLU R 71 19.96 38.30 7.12
N GLY R 72 19.62 39.31 7.91
CA GLY R 72 18.77 40.40 7.45
C GLY R 72 19.60 41.51 6.83
N THR S 3 -3.20 9.19 11.80
CA THR S 3 -3.11 9.73 13.21
C THR S 3 -1.67 9.60 13.78
N ASN S 4 -0.71 9.12 12.97
CA ASN S 4 0.76 9.07 13.28
C ASN S 4 1.62 10.26 12.69
N SER S 5 1.15 11.48 12.86
CA SER S 5 1.93 12.59 12.37
C SER S 5 2.94 12.98 13.42
N ASP S 6 4.06 13.56 13.04
CA ASP S 6 5.00 14.09 14.03
C ASP S 6 4.30 15.11 14.96
N PHE S 7 4.95 15.43 16.08
CA PHE S 7 4.40 16.35 17.10
C PHE S 7 5.54 17.08 17.74
N VAL S 8 5.23 18.23 18.32
CA VAL S 8 6.21 19.04 19.02
C VAL S 8 5.89 18.96 20.53
N VAL S 9 6.88 19.18 21.38
CA VAL S 9 6.60 19.39 22.81
C VAL S 9 6.94 20.85 23.22
N ILE S 10 6.01 21.43 23.95
CA ILE S 10 6.11 22.78 24.47
C ILE S 10 5.86 22.85 25.97
N LYS S 11 6.87 23.37 26.66
CA LYS S 11 6.79 23.66 28.08
C LYS S 11 6.86 25.16 28.28
N ALA S 12 5.84 25.69 28.93
CA ALA S 12 5.77 27.13 29.25
C ALA S 12 6.81 27.52 30.34
N LEU S 13 7.57 28.59 30.10
CA LEU S 13 8.55 29.04 31.11
C LEU S 13 8.10 30.28 31.91
N GLU S 14 6.91 30.79 31.55
CA GLU S 14 6.26 31.96 32.09
C GLU S 14 4.75 31.83 31.78
N ASP S 15 3.91 32.64 32.43
CA ASP S 15 2.44 32.59 32.25
C ASP S 15 1.95 33.16 30.91
N GLY S 16 0.77 32.74 30.46
CA GLY S 16 0.21 33.27 29.23
C GLY S 16 1.04 33.09 27.96
N VAL S 17 1.53 31.86 27.76
CA VAL S 17 2.19 31.42 26.51
C VAL S 17 1.09 30.96 25.58
N ASN S 18 1.10 31.47 24.35
CA ASN S 18 0.19 31.04 23.31
C ASN S 18 0.92 30.09 22.39
N VAL S 19 0.41 28.86 22.27
CA VAL S 19 0.78 27.97 21.18
C VAL S 19 -0.36 28.08 20.18
N ILE S 20 -0.11 28.64 19.01
CA ILE S 20 -1.19 28.87 18.04
C ILE S 20 -1.12 27.94 16.81
N GLY S 21 -2.22 27.24 16.51
CA GLY S 21 -2.29 26.36 15.35
C GLY S 21 -2.69 27.13 14.11
N LEU S 22 -1.85 27.16 13.10
CA LEU S 22 -2.20 27.85 11.87
C LEU S 22 -2.93 26.86 10.97
N THR S 23 -3.88 27.33 10.16
CA THR S 23 -4.75 26.46 9.37
C THR S 23 -4.03 25.84 8.19
N ARG S 24 -4.28 24.54 7.99
CA ARG S 24 -3.93 23.86 6.74
C ARG S 24 -4.77 24.39 5.58
N GLY S 25 -4.16 24.45 4.39
CA GLY S 25 -4.88 24.75 3.17
C GLY S 25 -4.54 26.07 2.48
N ALA S 26 -5.46 26.56 1.65
CA ALA S 26 -5.17 27.73 0.85
C ALA S 26 -5.13 28.99 1.71
N ASP S 27 -5.72 28.89 2.90
CA ASP S 27 -5.78 30.01 3.86
C ASP S 27 -4.84 29.79 5.04
N THR S 28 -4.14 30.83 5.42
CA THR S 28 -3.28 30.75 6.58
C THR S 28 -3.77 31.67 7.68
N ARG S 29 -4.86 31.29 8.34
CA ARG S 29 -5.38 31.99 9.53
C ARG S 29 -5.10 31.15 10.77
N PHE S 30 -5.51 31.64 11.94
CA PHE S 30 -5.40 30.90 13.19
C PHE S 30 -6.66 30.09 13.30
N HIS S 31 -6.56 28.84 13.69
CA HIS S 31 -7.80 28.11 13.95
C HIS S 31 -7.91 27.72 15.43
N HIS S 32 -6.80 27.84 16.17
CA HIS S 32 -6.86 27.65 17.62
C HIS S 32 -5.69 28.30 18.35
N SER S 33 -5.95 28.66 19.60
CA SER S 33 -4.95 29.31 20.39
C SER S 33 -4.94 28.80 21.81
N GLU S 34 -3.93 28.02 22.15
CA GLU S 34 -3.84 27.41 23.47
C GLU S 34 -2.93 28.22 24.38
N LYS S 35 -3.54 28.71 25.47
CA LYS S 35 -2.87 29.50 26.51
C LYS S 35 -2.31 28.61 27.65
N LEU S 36 -1.00 28.70 27.85
CA LEU S 36 -0.37 27.88 28.87
C LEU S 36 0.14 28.74 29.97
N ASP S 37 0.07 28.20 31.18
CA ASP S 37 0.68 28.82 32.34
C ASP S 37 2.04 28.20 32.66
N LYS S 38 2.84 28.90 33.45
CA LYS S 38 4.22 28.50 33.69
C LYS S 38 4.34 27.03 34.16
N GLY S 39 5.16 26.24 33.48
CA GLY S 39 5.30 24.85 33.86
C GLY S 39 4.39 23.84 33.19
N GLU S 40 3.37 24.30 32.47
CA GLU S 40 2.44 23.42 31.81
C GLU S 40 3.09 22.92 30.53
N VAL S 41 2.81 21.66 30.16
CA VAL S 41 3.40 21.02 28.99
C VAL S 41 2.33 20.61 27.99
N LEU S 42 2.47 21.05 26.74
CA LEU S 42 1.52 20.70 25.69
C LEU S 42 2.24 19.84 24.67
N ILE S 43 1.69 18.68 24.33
CA ILE S 43 2.26 17.88 23.26
C ILE S 43 1.26 17.82 22.11
N ALA S 44 1.63 18.39 20.98
CA ALA S 44 0.66 18.57 19.92
C ALA S 44 1.21 18.08 18.58
N GLN S 45 0.31 17.56 17.75
CA GLN S 45 0.62 17.04 16.41
C GLN S 45 0.35 18.02 15.26
N PHE S 46 1.04 17.84 14.14
CA PHE S 46 0.48 18.36 12.90
C PHE S 46 -0.66 17.44 12.51
N THR S 47 -1.68 17.99 11.86
CA THR S 47 -2.96 17.27 11.66
C THR S 47 -3.63 17.70 10.38
N GLU S 48 -4.83 17.16 10.16
CA GLU S 48 -5.65 17.61 9.05
C GLU S 48 -5.94 19.14 9.11
N HIS S 49 -6.05 19.70 10.32
CA HIS S 49 -6.41 21.11 10.41
C HIS S 49 -5.26 22.05 10.68
N THR S 50 -4.16 21.49 11.15
CA THR S 50 -2.95 22.27 11.51
C THR S 50 -1.67 21.83 10.76
N SER S 51 -1.13 22.73 9.96
CA SER S 51 0.06 22.49 9.16
C SER S 51 1.20 23.41 9.60
N ALA S 52 0.93 24.26 10.59
CA ALA S 52 1.96 25.07 11.21
C ALA S 52 1.61 25.50 12.63
N ILE S 53 2.65 25.66 13.42
CA ILE S 53 2.50 26.16 14.76
C ILE S 53 3.39 27.37 15.09
N LYS S 54 2.75 28.34 15.72
CA LYS S 54 3.42 29.51 16.18
C LYS S 54 3.43 29.52 17.71
N VAL S 55 4.60 29.78 18.28
CA VAL S 55 4.73 29.95 19.72
C VAL S 55 5.05 31.40 20.12
N ARG S 56 4.18 31.94 20.97
CA ARG S 56 4.38 33.26 21.54
C ARG S 56 4.58 33.21 23.06
N GLY S 57 5.66 33.89 23.50
CA GLY S 57 6.07 33.89 24.88
C GLY S 57 7.27 32.98 25.15
N LYS S 58 7.78 33.07 26.37
CA LYS S 58 8.92 32.29 26.77
C LYS S 58 8.57 30.79 26.94
N ALA S 59 9.15 29.93 26.10
CA ALA S 59 8.89 28.50 26.18
C ALA S 59 10.05 27.56 25.78
N TYR S 60 10.00 26.34 26.29
CA TYR S 60 10.96 25.36 25.90
C TYR S 60 10.31 24.36 24.95
N ILE S 61 10.90 24.24 23.76
CA ILE S 61 10.32 23.47 22.66
C ILE S 61 11.24 22.31 22.29
N GLN S 62 10.66 21.11 22.15
CA GLN S 62 11.41 19.94 21.65
C GLN S 62 10.72 19.43 20.39
N THR S 63 11.45 19.27 19.30
CA THR S 63 10.90 18.59 18.12
C THR S 63 11.92 17.54 17.64
N ARG S 64 11.59 16.77 16.60
CA ARG S 64 12.53 15.85 15.90
C ARG S 64 13.89 16.50 15.53
N HIS S 65 13.96 17.83 15.38
CA HIS S 65 15.22 18.42 14.91
C HIS S 65 16.10 19.03 16.00
N GLY S 66 15.76 18.87 17.27
CA GLY S 66 16.53 19.54 18.29
C GLY S 66 15.64 20.24 19.33
N VAL S 67 16.29 21.04 20.19
CA VAL S 67 15.61 21.85 21.18
C VAL S 67 15.87 23.31 20.85
N ILE S 68 14.97 24.14 21.35
CA ILE S 68 14.98 25.57 21.08
C ILE S 68 14.03 26.21 22.08
N GLU S 69 14.29 27.48 22.35
CA GLU S 69 13.49 28.24 23.27
C GLU S 69 12.96 29.49 22.60
N SER S 70 11.67 29.70 22.79
CA SER S 70 11.00 30.91 22.39
C SER S 70 11.24 32.03 23.45
N GLU S 71 11.32 33.27 22.99
CA GLU S 71 11.36 34.40 23.93
C GLU S 71 10.20 35.38 23.71
N GLY S 72 9.72 35.97 24.80
CA GLY S 72 8.51 36.80 24.75
C GLY S 72 8.74 38.22 25.21
N THR T 3 -3.66 1.72 14.70
CA THR T 3 -3.34 1.60 16.15
C THR T 3 -1.80 1.63 16.51
N ASN T 4 -0.92 1.97 15.55
CA ASN T 4 0.56 2.22 15.82
C ASN T 4 0.97 3.71 15.89
N SER T 5 0.15 4.53 16.54
CA SER T 5 0.57 5.90 16.67
C SER T 5 1.59 5.97 17.83
N ASP T 6 2.35 7.06 17.85
CA ASP T 6 3.26 7.40 18.95
C ASP T 6 2.51 7.62 20.27
N PHE T 7 3.27 7.62 21.37
CA PHE T 7 2.72 7.73 22.73
C PHE T 7 3.68 8.43 23.64
N VAL T 8 3.18 8.84 24.79
CA VAL T 8 3.93 9.67 25.72
C VAL T 8 3.83 8.90 27.00
N VAL T 9 4.89 8.91 27.77
CA VAL T 9 4.91 8.34 29.10
C VAL T 9 4.94 9.46 30.14
N ILE T 10 3.98 9.39 31.06
CA ILE T 10 3.78 10.38 32.11
C ILE T 10 3.75 9.71 33.47
N LYS T 11 4.68 10.16 34.31
CA LYS T 11 4.72 9.80 35.71
C LYS T 11 4.40 11.01 36.61
N ALA T 12 3.38 10.85 37.43
CA ALA T 12 2.98 11.92 38.34
C ALA T 12 3.97 12.09 39.48
N LEU T 13 4.43 13.32 39.67
CA LEU T 13 5.35 13.59 40.76
C LEU T 13 4.72 14.19 41.99
N GLU T 14 3.39 14.36 41.97
CA GLU T 14 2.63 14.93 43.07
C GLU T 14 1.22 14.51 42.79
N ASP T 15 0.35 14.55 43.79
CA ASP T 15 -1.05 14.14 43.61
C ASP T 15 -1.86 15.10 42.70
N GLY T 16 -2.96 14.63 42.13
CA GLY T 16 -3.82 15.47 41.32
C GLY T 16 -3.24 16.01 40.01
N VAL T 17 -2.44 15.18 39.33
CA VAL T 17 -1.95 15.56 38.02
C VAL T 17 -3.08 15.31 37.03
N ASN T 18 -3.18 16.17 36.02
CA ASN T 18 -4.17 16.07 34.95
C ASN T 18 -3.50 15.80 33.63
N VAL T 19 -3.80 14.66 32.99
CA VAL T 19 -3.38 14.48 31.61
C VAL T 19 -4.60 14.75 30.74
N ILE T 20 -4.51 15.76 29.89
CA ILE T 20 -5.71 16.16 29.20
C ILE T 20 -5.60 15.83 27.71
N GLY T 21 -6.65 15.26 27.16
CA GLY T 21 -6.70 14.90 25.76
C GLY T 21 -7.47 15.95 25.07
N LEU T 22 -6.83 16.69 24.18
CA LEU T 22 -7.51 17.71 23.42
C LEU T 22 -8.07 17.05 22.15
N THR T 23 -9.23 17.49 21.70
CA THR T 23 -9.91 16.83 20.58
C THR T 23 -9.23 17.09 19.23
N ARG T 24 -9.10 16.02 18.44
CA ARG T 24 -8.79 16.15 17.03
C ARG T 24 -9.99 16.77 16.33
N GLY T 25 -9.74 17.69 15.42
CA GLY T 25 -10.81 18.15 14.56
C GLY T 25 -10.77 19.65 14.39
N ALA T 26 -11.83 20.19 13.77
CA ALA T 26 -11.90 21.63 13.59
C ALA T 26 -11.94 22.25 14.99
N ASP T 27 -12.46 21.47 15.94
CA ASP T 27 -12.70 21.94 17.31
C ASP T 27 -11.57 21.53 18.28
N THR T 28 -10.99 22.48 18.98
CA THR T 28 -10.01 22.13 19.98
C THR T 28 -10.53 22.22 21.41
N ARG T 29 -11.25 21.20 21.89
CA ARG T 29 -11.79 21.20 23.24
C ARG T 29 -11.22 20.04 24.03
N PHE T 30 -11.60 19.88 25.28
CA PHE T 30 -11.14 18.77 26.11
C PHE T 30 -12.10 17.62 25.85
N HIS T 31 -11.59 16.41 25.76
CA HIS T 31 -12.52 15.31 25.62
C HIS T 31 -12.32 14.26 26.68
N HIS T 32 -11.18 14.35 27.37
CA HIS T 32 -10.97 13.61 28.61
C HIS T 32 -9.87 14.14 29.49
N SER T 33 -10.07 14.19 30.81
CA SER T 33 -8.93 14.36 31.71
C SER T 33 -8.81 13.30 32.75
N GLU T 34 -7.65 12.67 32.72
CA GLU T 34 -7.32 11.59 33.62
C GLU T 34 -6.54 12.19 34.76
N LYS T 35 -6.98 11.87 35.98
CA LYS T 35 -6.34 12.37 37.17
C LYS T 35 -5.44 11.30 37.79
N LEU T 36 -4.18 11.69 37.94
CA LEU T 36 -3.14 10.78 38.36
C LEU T 36 -2.67 11.17 39.76
N ASP T 37 -2.53 10.16 40.63
CA ASP T 37 -1.94 10.36 41.94
C ASP T 37 -0.43 10.23 41.92
N LYS T 38 0.23 10.62 43.01
CA LYS T 38 1.71 10.61 43.02
C LYS T 38 2.28 9.22 42.69
N GLY T 39 3.15 9.18 41.66
CA GLY T 39 3.85 7.98 41.26
C GLY T 39 3.10 7.05 40.31
N GLU T 40 1.86 7.39 39.95
CA GLU T 40 1.10 6.58 39.00
C GLU T 40 1.68 6.84 37.59
N VAL T 41 1.67 5.82 36.72
CA VAL T 41 2.17 5.98 35.35
C VAL T 41 1.09 5.80 34.27
N LEU T 42 0.92 6.81 33.41
CA LEU T 42 0.01 6.73 32.26
C LEU T 42 0.80 6.70 30.94
N ILE T 43 0.52 5.72 30.09
CA ILE T 43 1.13 5.66 28.76
C ILE T 43 -0.01 5.87 27.74
N ALA T 44 0.01 6.99 27.04
CA ALA T 44 -1.11 7.35 26.19
C ALA T 44 -0.65 7.65 24.75
N GLN T 45 -1.40 7.15 23.75
CA GLN T 45 -1.18 7.43 22.34
C GLN T 45 -1.93 8.63 21.83
N PHE T 46 -1.49 9.11 20.67
CA PHE T 46 -2.29 9.94 19.81
C PHE T 46 -3.23 9.01 19.07
N THR T 47 -4.40 9.48 18.70
CA THR T 47 -5.47 8.57 18.34
C THR T 47 -6.45 9.25 17.41
N GLU T 48 -7.50 8.53 17.03
CA GLU T 48 -8.52 9.14 16.22
C GLU T 48 -9.08 10.39 16.92
N HIS T 49 -9.25 10.32 18.24
CA HIS T 49 -9.91 11.38 19.00
C HIS T 49 -9.00 12.43 19.59
N THR T 50 -7.75 12.07 19.86
CA THR T 50 -6.79 12.92 20.56
C THR T 50 -5.59 13.24 19.68
N SER T 51 -5.42 14.52 19.35
CA SER T 51 -4.34 14.99 18.53
C SER T 51 -3.41 15.92 19.31
N ALA T 52 -3.67 16.09 20.59
CA ALA T 52 -2.87 16.95 21.45
C ALA T 52 -3.11 16.56 22.89
N ILE T 53 -2.06 16.61 23.70
CA ILE T 53 -2.17 16.32 25.12
C ILE T 53 -1.60 17.45 25.99
N LYS T 54 -2.33 17.83 27.02
CA LYS T 54 -1.87 18.86 27.96
C LYS T 54 -1.68 18.22 29.32
N VAL T 55 -0.53 18.51 29.95
CA VAL T 55 -0.25 18.02 31.29
C VAL T 55 -0.21 19.16 32.32
N ARG T 56 -1.11 19.09 33.30
CA ARG T 56 -1.19 20.05 34.40
C ARG T 56 -0.71 19.43 35.70
N GLY T 57 0.18 20.15 36.38
CA GLY T 57 0.81 19.63 37.58
C GLY T 57 2.19 19.02 37.32
N LYS T 58 2.86 18.75 38.42
CA LYS T 58 4.21 18.26 38.44
C LYS T 58 4.33 16.82 37.92
N ALA T 59 4.94 16.63 36.75
CA ALA T 59 5.07 15.27 36.20
C ALA T 59 6.32 15.02 35.36
N TYR T 60 6.65 13.75 35.18
CA TYR T 60 7.83 13.38 34.44
C TYR T 60 7.36 12.73 33.15
N ILE T 61 7.84 13.27 32.03
CA ILE T 61 7.33 12.92 30.72
C ILE T 61 8.46 12.46 29.79
N GLN T 62 8.28 11.28 29.19
CA GLN T 62 9.16 10.74 28.11
C GLN T 62 8.38 10.72 26.81
N THR T 63 9.02 11.15 25.73
CA THR T 63 8.45 11.02 24.37
C THR T 63 9.60 10.72 23.44
N ARG T 64 9.25 10.41 22.19
CA ARG T 64 10.25 10.16 21.19
C ARG T 64 11.28 11.30 21.06
N HIS T 65 10.94 12.53 21.45
CA HIS T 65 11.92 13.64 21.35
C HIS T 65 12.70 13.94 22.63
N GLY T 66 12.47 13.19 23.70
CA GLY T 66 13.27 13.41 24.89
C GLY T 66 12.48 13.31 26.14
N VAL T 67 13.03 13.93 27.20
CA VAL T 67 12.44 13.95 28.55
C VAL T 67 12.24 15.41 28.93
N ILE T 68 11.19 15.66 29.70
CA ILE T 68 10.86 17.00 30.17
C ILE T 68 10.00 16.83 31.39
N GLU T 69 10.05 17.79 32.28
CA GLU T 69 9.16 17.78 33.45
C GLU T 69 8.22 18.93 33.43
N SER T 70 6.97 18.64 33.76
CA SER T 70 5.93 19.67 33.94
C SER T 70 5.94 20.13 35.37
N GLU T 71 5.51 21.37 35.59
CA GLU T 71 5.50 22.00 36.92
C GLU T 71 4.18 22.72 37.20
N GLY T 72 3.77 22.75 38.47
CA GLY T 72 2.46 23.28 38.86
C GLY T 72 2.48 24.26 40.03
N THR U 3 -1.67 -6.10 14.01
CA THR U 3 -1.04 -6.81 15.17
C THR U 3 0.45 -6.44 15.42
N ASN U 4 1.01 -5.48 14.66
CA ASN U 4 2.40 -4.98 14.91
C ASN U 4 2.44 -3.65 15.70
N SER U 5 1.57 -3.47 16.68
CA SER U 5 1.59 -2.26 17.46
C SER U 5 2.74 -2.28 18.49
N ASP U 6 3.24 -1.10 18.88
CA ASP U 6 4.13 -0.99 20.04
C ASP U 6 3.57 -1.70 21.33
N PHE U 7 4.47 -2.10 22.23
CA PHE U 7 4.07 -2.68 23.51
C PHE U 7 4.87 -2.08 24.64
N VAL U 8 4.45 -2.45 25.87
CA VAL U 8 5.14 -2.09 27.09
C VAL U 8 5.53 -3.33 27.85
N VAL U 9 6.62 -3.24 28.60
CA VAL U 9 7.00 -4.27 29.54
C VAL U 9 6.85 -3.78 30.98
N ILE U 10 6.09 -4.51 31.78
CA ILE U 10 5.85 -4.15 33.17
C ILE U 10 6.18 -5.28 34.12
N LYS U 11 7.10 -4.98 35.03
CA LYS U 11 7.48 -5.89 36.10
C LYS U 11 7.00 -5.35 37.44
N ALA U 12 6.06 -6.07 38.06
CA ALA U 12 5.57 -5.78 39.42
C ALA U 12 6.73 -5.86 40.42
N LEU U 13 6.95 -4.80 41.20
CA LEU U 13 8.00 -4.85 42.22
C LEU U 13 7.44 -5.11 43.64
N GLU U 14 6.12 -5.31 43.73
CA GLU U 14 5.39 -5.54 44.96
C GLU U 14 4.08 -6.15 44.50
N ASP U 15 3.27 -6.67 45.41
CA ASP U 15 2.00 -7.32 45.08
C ASP U 15 0.83 -6.37 44.80
N GLY U 16 -0.14 -6.90 44.06
CA GLY U 16 -1.33 -6.16 43.72
C GLY U 16 -1.10 -4.96 42.83
N VAL U 17 -0.16 -5.05 41.89
CA VAL U 17 -0.02 -4.02 40.86
C VAL U 17 -1.16 -4.20 39.89
N ASN U 18 -1.75 -3.09 39.44
CA ASN U 18 -2.79 -3.08 38.39
C ASN U 18 -2.26 -2.44 37.13
N VAL U 19 -2.36 -3.19 36.06
CA VAL U 19 -2.13 -2.65 34.74
C VAL U 19 -3.53 -2.50 34.12
N ILE U 20 -3.95 -1.25 33.90
CA ILE U 20 -5.30 -0.99 33.45
C ILE U 20 -5.24 -0.53 32.03
N GLY U 21 -6.10 -1.10 31.19
CA GLY U 21 -6.17 -0.66 29.81
C GLY U 21 -7.34 0.26 29.64
N LEU U 22 -7.10 1.44 29.11
CA LEU U 22 -8.16 2.40 29.00
C LEU U 22 -8.69 2.23 27.59
N THR U 23 -9.99 2.45 27.43
CA THR U 23 -10.62 2.19 26.16
C THR U 23 -10.24 3.18 25.09
N ARG U 24 -10.15 2.68 23.86
CA ARG U 24 -10.03 3.52 22.67
C ARG U 24 -11.40 4.12 22.28
N GLY U 25 -11.37 5.36 21.81
CA GLY U 25 -12.52 5.98 21.17
C GLY U 25 -13.00 7.24 21.88
N ALA U 26 -14.24 7.63 21.60
CA ALA U 26 -14.86 8.79 22.23
C ALA U 26 -14.87 8.67 23.77
N ASP U 27 -15.03 7.46 24.29
CA ASP U 27 -15.11 7.20 25.74
C ASP U 27 -13.76 6.74 26.30
N THR U 28 -13.38 7.27 27.46
CA THR U 28 -12.16 6.82 28.11
C THR U 28 -12.50 6.16 29.44
N ARG U 29 -12.97 4.92 29.40
CA ARG U 29 -13.27 4.14 30.60
C ARG U 29 -12.31 2.93 30.74
N PHE U 30 -12.39 2.17 31.83
CA PHE U 30 -11.54 0.99 32.03
C PHE U 30 -12.17 -0.18 31.34
N HIS U 31 -11.43 -0.94 30.55
CA HIS U 31 -12.06 -2.13 29.98
C HIS U 31 -11.47 -3.38 30.58
N HIS U 32 -10.18 -3.29 30.93
CA HIS U 32 -9.52 -4.34 31.67
C HIS U 32 -8.46 -3.90 32.67
N SER U 33 -8.40 -4.67 33.75
CA SER U 33 -7.42 -4.47 34.79
C SER U 33 -6.76 -5.81 35.09
N GLU U 34 -5.45 -5.85 34.92
CA GLU U 34 -4.68 -7.06 35.16
C GLU U 34 -3.88 -6.81 36.41
N LYS U 35 -4.18 -7.60 37.44
CA LYS U 35 -3.48 -7.55 38.71
C LYS U 35 -2.21 -8.40 38.63
N LEU U 36 -1.13 -7.92 39.21
CA LEU U 36 0.12 -8.66 39.17
C LEU U 36 0.68 -8.85 40.60
N ASP U 37 1.31 -10.00 40.83
CA ASP U 37 2.03 -10.29 42.06
C ASP U 37 3.49 -10.00 41.87
N LYS U 38 4.20 -9.71 42.96
CA LYS U 38 5.57 -9.20 42.86
C LYS U 38 6.38 -10.12 41.98
N GLY U 39 7.04 -9.52 41.01
CA GLY U 39 7.91 -10.28 40.15
C GLY U 39 7.33 -10.75 38.84
N GLU U 40 6.03 -10.54 38.62
CA GLU U 40 5.40 -11.11 37.44
C GLU U 40 5.58 -10.13 36.30
N VAL U 41 5.89 -10.61 35.09
CA VAL U 41 6.13 -9.73 33.95
C VAL U 41 4.97 -9.77 32.95
N LEU U 42 4.34 -8.63 32.72
CA LEU U 42 3.31 -8.53 31.72
C LEU U 42 3.85 -7.70 30.55
N ILE U 43 3.73 -8.25 29.34
CA ILE U 43 4.08 -7.57 28.10
C ILE U 43 2.80 -7.31 27.29
N ALA U 44 2.50 -6.03 27.08
CA ALA U 44 1.19 -5.62 26.57
C ALA U 44 1.27 -4.56 25.44
N GLN U 45 0.43 -4.76 24.42
CA GLN U 45 0.41 -3.92 23.20
C GLN U 45 -0.66 -2.88 23.31
N PHE U 46 -0.55 -1.84 22.46
CA PHE U 46 -1.71 -1.00 22.21
C PHE U 46 -2.53 -1.79 21.23
N THR U 47 -3.83 -1.59 21.17
CA THR U 47 -4.62 -2.46 20.32
C THR U 47 -5.87 -1.75 19.84
N GLU U 48 -6.70 -2.44 19.04
CA GLU U 48 -8.02 -1.93 18.69
C GLU U 48 -8.77 -1.44 19.91
N HIS U 49 -8.66 -2.18 21.03
CA HIS U 49 -9.40 -1.82 22.27
C HIS U 49 -8.75 -0.91 23.34
N THR U 50 -7.41 -0.90 23.36
CA THR U 50 -6.59 -0.22 24.35
C THR U 50 -5.75 0.88 23.71
N SER U 51 -6.08 2.14 24.01
CA SER U 51 -5.25 3.23 23.48
C SER U 51 -4.44 3.95 24.54
N ALA U 52 -4.54 3.47 25.77
CA ALA U 52 -3.82 4.07 26.88
C ALA U 52 -3.73 3.06 28.00
N ILE U 53 -2.59 3.07 28.70
CA ILE U 53 -2.41 2.15 29.84
C ILE U 53 -2.05 2.88 31.10
N LYS U 54 -2.74 2.52 32.18
CA LYS U 54 -2.43 3.12 33.46
C LYS U 54 -1.80 2.06 34.36
N VAL U 55 -0.69 2.41 35.02
CA VAL U 55 -0.07 1.49 35.98
C VAL U 55 -0.25 2.02 37.39
N ARG U 56 -0.86 1.20 38.26
CA ARG U 56 -1.05 1.50 39.68
C ARG U 56 -0.22 0.58 40.57
N GLY U 57 0.57 1.18 41.45
CA GLY U 57 1.50 0.43 42.27
C GLY U 57 2.98 0.53 41.83
N LYS U 58 3.86 -0.08 42.62
CA LYS U 58 5.30 -0.08 42.33
C LYS U 58 5.68 -1.12 41.24
N ALA U 59 6.21 -0.66 40.11
CA ALA U 59 6.60 -1.59 39.06
C ALA U 59 7.65 -0.99 38.15
N TYR U 60 8.36 -1.88 37.45
CA TYR U 60 9.39 -1.45 36.53
C TYR U 60 8.86 -1.59 35.12
N ILE U 61 8.97 -0.49 34.38
CA ILE U 61 8.35 -0.33 33.07
C ILE U 61 9.36 0.06 32.02
N GLN U 62 9.40 -0.73 30.95
CA GLN U 62 10.25 -0.52 29.77
C GLN U 62 9.39 -0.16 28.57
N THR U 63 9.78 0.89 27.86
CA THR U 63 9.10 1.26 26.62
C THR U 63 10.13 1.80 25.64
N ARG U 64 9.75 1.83 24.36
CA ARG U 64 10.50 2.47 23.30
C ARG U 64 11.19 3.77 23.73
N HIS U 65 10.66 4.49 24.72
CA HIS U 65 11.26 5.77 25.12
C HIS U 65 12.08 5.71 26.40
N GLY U 66 12.31 4.54 26.99
CA GLY U 66 13.12 4.49 28.18
C GLY U 66 12.63 3.49 29.22
N VAL U 67 13.08 3.70 30.46
CA VAL U 67 12.68 2.93 31.62
C VAL U 67 12.18 3.91 32.59
N ILE U 68 11.19 3.52 33.35
CA ILE U 68 10.66 4.38 34.38
C ILE U 68 10.01 3.45 35.36
N GLU U 69 9.93 3.86 36.63
CA GLU U 69 9.20 3.07 37.64
C GLU U 69 8.00 3.81 38.16
N SER U 70 6.92 3.08 38.36
CA SER U 70 5.75 3.64 39.01
C SER U 70 5.94 3.48 40.50
N GLU U 71 5.25 4.30 41.31
CA GLU U 71 5.30 4.17 42.77
C GLU U 71 3.90 4.28 43.38
N GLY U 72 3.61 3.50 44.41
CA GLY U 72 2.24 3.38 44.91
C GLY U 72 1.99 3.89 46.34
N THR V 3 1.95 -11.70 9.97
CA THR V 3 3.02 -12.65 10.43
C THR V 3 4.44 -12.06 10.71
N ASN V 4 4.61 -10.74 10.59
CA ASN V 4 5.90 -10.09 10.93
C ASN V 4 5.80 -9.15 12.12
N SER V 5 5.04 -9.58 13.13
CA SER V 5 4.90 -8.88 14.39
C SER V 5 6.19 -9.04 15.25
N ASP V 6 6.39 -8.16 16.24
CA ASP V 6 7.37 -8.39 17.32
C ASP V 6 7.14 -9.76 18.10
N PHE V 7 8.15 -10.16 18.87
CA PHE V 7 8.21 -11.43 19.59
C PHE V 7 9.04 -11.27 20.85
N VAL V 8 8.78 -12.07 21.86
CA VAL V 8 9.59 -12.05 23.04
C VAL V 8 10.37 -13.36 23.11
N VAL V 9 11.54 -13.33 23.72
CA VAL V 9 12.36 -14.50 23.97
C VAL V 9 12.28 -14.72 25.48
N ILE V 10 12.04 -15.96 25.90
CA ILE V 10 11.96 -16.23 27.32
C ILE V 10 12.68 -17.53 27.69
N LYS V 11 13.54 -17.45 28.70
CA LYS V 11 14.28 -18.62 29.10
C LYS V 11 13.99 -18.84 30.55
N ALA V 12 13.40 -20.02 30.84
CA ALA V 12 13.06 -20.45 32.17
C ALA V 12 14.35 -20.63 32.98
N LEU V 13 14.40 -19.97 34.13
CA LEU V 13 15.53 -20.13 35.04
C LEU V 13 15.22 -21.12 36.18
N GLU V 14 14.08 -21.80 36.09
CA GLU V 14 13.56 -22.75 37.10
C GLU V 14 12.42 -23.55 36.42
N ASP V 15 12.00 -24.66 37.01
CA ASP V 15 10.96 -25.47 36.41
C ASP V 15 9.58 -24.85 36.58
N GLY V 16 8.61 -25.23 35.77
CA GLY V 16 7.25 -24.75 35.93
C GLY V 16 6.95 -23.28 35.58
N VAL V 17 7.81 -22.61 34.77
CA VAL V 17 7.52 -21.27 34.27
C VAL V 17 6.32 -21.36 33.34
N ASN V 18 5.33 -20.48 33.56
CA ASN V 18 4.20 -20.28 32.63
C ASN V 18 4.46 -19.03 31.76
N VAL V 19 4.37 -19.20 30.46
CA VAL V 19 4.17 -18.04 29.65
C VAL V 19 2.68 -18.09 29.27
N ILE V 20 1.89 -17.11 29.71
CA ILE V 20 0.48 -17.07 29.37
C ILE V 20 0.19 -16.07 28.27
N GLY V 21 -0.67 -16.47 27.35
CA GLY V 21 -1.01 -15.59 26.22
C GLY V 21 -2.42 -15.11 26.51
N LEU V 22 -2.61 -13.80 26.58
CA LEU V 22 -3.92 -13.28 26.95
C LEU V 22 -4.57 -12.96 25.64
N THR V 23 -5.90 -13.09 25.57
CA THR V 23 -6.62 -12.91 24.33
C THR V 23 -6.65 -11.48 23.83
N ARG V 24 -6.59 -11.35 22.50
CA ARG V 24 -6.90 -10.10 21.82
C ARG V 24 -8.44 -9.88 21.77
N GLY V 25 -8.86 -8.61 21.84
CA GLY V 25 -10.25 -8.21 21.66
C GLY V 25 -10.95 -7.53 22.84
N ALA V 26 -12.27 -7.61 22.81
CA ALA V 26 -13.10 -7.12 23.91
C ALA V 26 -12.75 -7.83 25.20
N ASP V 27 -12.59 -9.15 25.13
CA ASP V 27 -12.31 -9.97 26.31
C ASP V 27 -10.79 -10.01 26.65
N THR V 28 -10.44 -10.16 27.94
CA THR V 28 -9.04 -10.34 28.31
C THR V 28 -8.94 -11.57 29.18
N ARG V 29 -9.04 -12.73 28.56
CA ARG V 29 -8.91 -14.00 29.28
C ARG V 29 -7.64 -14.70 28.80
N PHE V 30 -7.39 -15.89 29.31
CA PHE V 30 -6.20 -16.66 28.97
C PHE V 30 -6.59 -17.53 27.81
N HIS V 31 -5.78 -17.61 26.80
CA HIS V 31 -6.17 -18.50 25.74
C HIS V 31 -5.16 -19.62 25.61
N HIS V 32 -3.99 -19.41 26.22
CA HIS V 32 -2.98 -20.46 26.30
C HIS V 32 -1.85 -20.19 27.27
N SER V 33 -1.46 -21.27 27.94
CA SER V 33 -0.41 -21.26 28.92
C SER V 33 0.61 -22.33 28.55
N GLU V 34 1.84 -21.94 28.35
CA GLU V 34 2.90 -22.88 27.96
C GLU V 34 3.82 -23.09 29.13
N LYS V 35 3.90 -24.31 29.63
CA LYS V 35 4.80 -24.59 30.74
C LYS V 35 6.24 -24.90 30.26
N LEU V 36 7.23 -24.17 30.81
CA LEU V 36 8.63 -24.45 30.46
C LEU V 36 9.38 -25.02 31.63
N ASP V 37 10.25 -25.98 31.35
CA ASP V 37 11.18 -26.43 32.36
C ASP V 37 12.48 -25.66 32.37
N LYS V 38 13.21 -25.74 33.49
CA LYS V 38 14.47 -25.00 33.60
C LYS V 38 15.36 -25.24 32.40
N GLY V 39 15.77 -24.14 31.75
CA GLY V 39 16.64 -24.24 30.60
C GLY V 39 16.00 -24.07 29.23
N GLU V 40 14.71 -24.40 29.14
CA GLU V 40 13.95 -24.36 27.89
C GLU V 40 13.76 -22.90 27.45
N VAL V 41 13.90 -22.63 26.15
CA VAL V 41 13.69 -21.31 25.53
C VAL V 41 12.47 -21.25 24.62
N LEU V 42 11.65 -20.24 24.86
CA LEU V 42 10.46 -20.00 24.05
C LEU V 42 10.51 -18.62 23.34
N ILE V 43 10.36 -18.66 22.02
CA ILE V 43 10.35 -17.46 21.20
C ILE V 43 8.93 -17.28 20.64
N ALA V 44 8.32 -16.12 20.91
CA ALA V 44 6.89 -15.93 20.61
C ALA V 44 6.46 -14.51 20.21
N GLN V 45 5.60 -14.46 19.19
CA GLN V 45 4.98 -13.29 18.61
C GLN V 45 3.68 -12.86 19.24
N PHE V 46 3.43 -11.58 19.01
CA PHE V 46 2.11 -11.02 19.09
C PHE V 46 1.38 -11.44 17.83
N THR V 47 0.10 -11.75 17.97
CA THR V 47 -0.60 -12.42 16.88
C THR V 47 -2.06 -11.97 16.85
N GLU V 48 -2.78 -12.38 15.81
CA GLU V 48 -4.21 -12.15 15.76
C GLU V 48 -4.87 -12.51 17.11
N HIS V 49 -4.44 -13.61 17.75
CA HIS V 49 -5.08 -14.07 18.99
C HIS V 49 -4.51 -13.56 20.33
N THR V 50 -3.27 -13.00 20.26
CA THR V 50 -2.43 -12.68 21.43
C THR V 50 -1.95 -11.24 21.41
N SER V 51 -2.42 -10.48 22.39
CA SER V 51 -2.02 -9.06 22.35
C SER V 51 -1.28 -8.66 23.61
N ALA V 52 -1.12 -9.65 24.48
CA ALA V 52 -0.48 -9.50 25.76
C ALA V 52 -0.06 -10.87 26.29
N ILE V 53 1.13 -10.88 26.88
CA ILE V 53 1.80 -12.08 27.30
C ILE V 53 2.23 -11.88 28.74
N LYS V 54 1.83 -12.82 29.63
CA LYS V 54 2.20 -12.72 31.03
C LYS V 54 3.16 -13.83 31.47
N VAL V 55 4.26 -13.49 32.15
CA VAL V 55 5.20 -14.52 32.60
C VAL V 55 5.15 -14.75 34.10
N ARG V 56 5.03 -16.01 34.53
CA ARG V 56 4.94 -16.35 35.96
C ARG V 56 6.01 -17.36 36.33
N GLY V 57 6.87 -16.97 37.27
CA GLY V 57 8.04 -17.75 37.58
C GLY V 57 9.33 -17.09 37.09
N LYS V 58 10.45 -17.57 37.61
CA LYS V 58 11.74 -16.93 37.39
C LYS V 58 12.18 -17.21 35.99
N ALA V 59 12.43 -16.13 35.20
CA ALA V 59 12.80 -16.27 33.82
C ALA V 59 13.56 -15.07 33.23
N TYR V 60 14.32 -15.35 32.18
CA TYR V 60 15.11 -14.33 31.54
C TYR V 60 14.42 -14.04 30.22
N ILE V 61 14.04 -12.79 30.08
CA ILE V 61 13.19 -12.34 28.98
C ILE V 61 13.91 -11.29 28.15
N GLN V 62 13.93 -11.46 26.84
CA GLN V 62 14.48 -10.39 25.96
C GLN V 62 13.38 -9.85 25.04
N THR V 63 13.21 -8.56 25.02
CA THR V 63 12.40 -7.91 23.98
C THR V 63 13.17 -6.78 23.29
N ARG V 64 12.57 -6.25 22.24
CA ARG V 64 12.99 -5.00 21.58
C ARG V 64 13.40 -3.94 22.59
N HIS V 65 12.78 -3.91 23.76
CA HIS V 65 13.02 -2.76 24.62
C HIS V 65 14.10 -2.99 25.66
N GLY V 66 14.76 -4.15 25.63
CA GLY V 66 15.75 -4.46 26.65
C GLY V 66 15.59 -5.83 27.22
N VAL V 67 16.28 -6.12 28.34
CA VAL V 67 16.29 -7.42 29.01
C VAL V 67 15.71 -7.29 30.42
N ILE V 68 15.13 -8.37 30.95
CA ILE V 68 14.45 -8.28 32.23
C ILE V 68 14.28 -9.68 32.76
N GLU V 69 14.15 -9.80 34.07
CA GLU V 69 14.01 -11.07 34.69
C GLU V 69 12.75 -11.09 35.49
N SER V 70 11.96 -12.14 35.25
CA SER V 70 10.74 -12.34 36.00
C SER V 70 11.11 -13.14 37.26
N GLU V 71 10.41 -12.88 38.36
CA GLU V 71 10.65 -13.56 39.66
C GLU V 71 9.39 -14.23 40.18
N GLY V 72 9.57 -15.42 40.77
CA GLY V 72 8.47 -16.28 41.23
C GLY V 72 8.38 -16.49 42.74
N TRP X . -37.69 -6.61 7.73
CA TRP X . -36.66 -5.59 7.81
C TRP X . -36.18 -5.14 6.42
O TRP X . -36.09 -5.90 5.47
CB TRP X . -35.48 -6.08 8.64
CG TRP X . -34.35 -5.11 8.74
CD1 TRP X . -33.25 -5.06 7.93
CD2 TRP X . -34.21 -4.06 9.69
NE1 TRP X . -32.42 -4.04 8.33
CE2 TRP X . -33.00 -3.39 9.39
CE3 TRP X . -34.99 -3.57 10.73
CZ2 TRP X . -32.55 -2.31 10.12
CZ3 TRP X . -34.53 -2.49 11.45
CH2 TRP X . -33.32 -1.88 11.15
OXT TRP X . -35.88 -3.97 6.20
N TRP Y . -45.38 5.13 3.89
CA TRP Y . -46.21 4.01 4.28
C TRP Y . -46.24 3.81 5.78
O TRP Y . -45.51 4.50 6.51
CB TRP Y . -45.78 2.71 3.56
CG TRP Y . -44.32 2.35 3.59
CD1 TRP Y . -43.35 2.74 2.70
CD2 TRP Y . -43.66 1.47 4.52
NE1 TRP Y . -42.13 2.19 3.02
CE2 TRP Y . -42.28 1.40 4.14
CE3 TRP Y . -44.08 0.73 5.65
CZ2 TRP Y . -41.32 0.62 4.84
CZ3 TRP Y . -43.11 -0.03 6.37
CH2 TRP Y . -41.75 -0.08 5.95
OXT TRP Y . -47.00 2.98 6.27
N TRP Z . -38.12 8.07 3.85
CA TRP Z . -36.80 8.63 3.63
C TRP Z . -36.15 8.13 2.32
O TRP Z . -36.24 6.96 1.90
CB TRP Z . -35.89 8.33 4.82
CG TRP Z . -34.52 8.87 4.65
CD1 TRP Z . -33.48 8.29 4.01
CD2 TRP Z . -34.05 10.14 5.11
NE1 TRP Z . -32.38 9.11 4.04
CE2 TRP Z . -32.70 10.25 4.71
CE3 TRP Z . -34.62 11.20 5.82
CZ2 TRP Z . -31.91 11.35 5.00
CZ3 TRP Z . -33.85 12.30 6.09
CH2 TRP Z . -32.51 12.38 5.70
OXT TRP Z . -35.43 8.86 1.60
N TRP AA . -34.07 18.41 -5.85
CA TRP AA . -32.65 18.59 -6.10
C TRP AA . -32.15 17.47 -7.01
O TRP AA . -32.60 16.31 -6.94
CB TRP AA . -31.89 18.63 -4.78
CG TRP AA . -30.44 18.67 -4.91
CD1 TRP AA . -29.60 17.60 -4.96
CD2 TRP AA . -29.62 19.83 -5.03
NE1 TRP AA . -28.30 18.03 -5.11
CE2 TRP AA . -28.29 19.39 -5.16
CE3 TRP AA . -29.87 21.21 -5.04
CZ2 TRP AA . -27.22 20.28 -5.30
CZ3 TRP AA . -28.81 22.08 -5.18
CH2 TRP AA . -27.50 21.62 -5.30
OXT TRP AA . -31.27 17.76 -7.84
N TRP BA . -26.77 21.93 -18.33
CA TRP BA . -25.37 21.56 -18.47
C TRP BA . -25.19 20.06 -18.77
O TRP BA . -25.95 19.18 -18.34
CB TRP BA . -24.58 21.98 -17.21
CG TRP BA . -23.18 21.48 -17.21
CD1 TRP BA . -22.73 20.27 -16.74
CD2 TRP BA . -22.03 22.18 -17.67
NE1 TRP BA . -21.38 20.17 -16.91
CE2 TRP BA . -20.92 21.32 -17.47
CE3 TRP BA . -21.81 23.43 -18.24
CZ2 TRP BA . -19.63 21.69 -17.83
CZ3 TRP BA . -20.53 23.78 -18.60
CH2 TRP BA . -19.45 22.92 -18.39
OXT TRP BA . -24.26 19.68 -19.49
N TRP CA . -18.51 16.68 -30.05
CA TRP CA . -17.30 15.95 -29.72
C TRP CA . -17.62 14.54 -29.21
O TRP CA . -18.56 14.35 -28.46
CB TRP CA . -16.51 16.71 -28.67
CG TRP CA . -15.31 15.95 -28.21
CD1 TRP CA . -15.25 15.00 -27.21
CD2 TRP CA . -14.01 16.03 -28.77
NE1 TRP CA . -13.97 14.52 -27.10
CE2 TRP CA . -13.19 15.14 -28.04
CE3 TRP CA . -13.43 16.79 -29.78
CZ2 TRP CA . -11.84 14.99 -28.32
CZ3 TRP CA . -12.10 16.62 -30.04
CH2 TRP CA . -11.32 15.73 -29.32
OXT TRP CA . -16.93 13.56 -29.53
N TRP DA . -12.02 4.77 -36.75
CA TRP DA . -11.19 4.01 -35.83
C TRP DA . -12.00 3.14 -34.86
O TRP DA . -13.03 3.58 -34.31
CB TRP DA . -10.28 4.92 -35.03
CG TRP DA . -9.32 4.19 -34.13
CD1 TRP DA . -9.47 3.93 -32.80
CD2 TRP DA . -8.08 3.60 -34.50
NE1 TRP DA . -8.38 3.23 -32.32
CE2 TRP DA . -7.52 3.01 -33.36
CE3 TRP DA . -7.35 3.54 -35.69
CZ2 TRP DA . -6.28 2.38 -33.37
CZ3 TRP DA . -6.13 2.89 -35.70
CH2 TRP DA . -5.60 2.33 -34.55
OXT TRP DA . -11.56 2.00 -34.68
N TRP EA . -9.21 -9.99 -36.40
CA TRP EA . -8.64 -10.51 -35.18
C TRP EA . -9.67 -10.71 -34.06
O TRP EA . -10.61 -9.91 -33.84
CB TRP EA . -7.52 -9.60 -34.70
CG TRP EA . -6.84 -10.13 -33.49
CD1 TRP EA . -7.15 -9.87 -32.22
CD2 TRP EA . -5.74 -11.05 -33.45
NE1 TRP EA . -6.32 -10.53 -31.36
CE2 TRP EA . -5.45 -11.28 -32.08
CE3 TRP EA . -4.97 -11.72 -34.43
CZ2 TRP EA . -4.42 -12.11 -31.67
CZ3 TRP EA . -3.96 -12.57 -34.01
CH2 TRP EA . -3.68 -12.74 -32.64
OXT TRP EA . -9.59 -11.67 -33.28
N TRP FA . -11.06 -23.42 -29.37
CA TRP FA . -10.67 -23.36 -27.96
C TRP FA . -11.65 -22.57 -27.10
O TRP FA . -12.20 -21.54 -27.51
CB TRP FA . -9.27 -22.76 -27.80
CG TRP FA . -8.80 -22.67 -26.39
CD1 TRP FA . -8.96 -21.62 -25.53
CD2 TRP FA . -8.12 -23.68 -25.65
NE1 TRP FA . -8.40 -21.90 -24.30
CE2 TRP FA . -7.87 -23.16 -24.35
CE3 TRP FA . -7.66 -24.96 -25.95
CZ2 TRP FA . -7.20 -23.88 -23.37
CZ3 TRP FA . -7.00 -25.69 -24.97
CH2 TRP FA . -6.78 -25.14 -23.69
OXT TRP FA . -11.88 -22.99 -25.98
N TRP GA . -17.19 -30.28 -17.60
CA TRP GA . -16.83 -29.87 -16.26
C TRP GA . -17.50 -28.54 -16.02
O TRP GA . -17.72 -27.81 -16.99
CB TRP GA . -15.31 -29.74 -16.18
CG TRP GA . -14.81 -29.08 -14.96
CD1 TRP GA . -14.62 -27.75 -14.77
CD2 TRP GA . -14.45 -29.72 -13.72
NE1 TRP GA . -14.15 -27.52 -13.50
CE2 TRP GA . -14.04 -28.71 -12.83
CE3 TRP GA . -14.43 -31.05 -13.28
CZ2 TRP GA . -13.62 -28.99 -11.53
CZ3 TRP GA . -14.01 -31.31 -11.97
CH2 TRP GA . -13.62 -30.30 -11.13
OXT TRP GA . -17.83 -28.16 -14.88
N TRP HA . -25.09 -29.51 -5.08
CA TRP HA . -24.69 -28.47 -4.14
C TRP HA . -25.09 -27.05 -4.56
O TRP HA . -25.06 -26.66 -5.73
CB TRP HA . -23.19 -28.53 -3.91
CG TRP HA . -22.66 -27.52 -2.98
CD1 TRP HA . -22.10 -26.30 -3.29
CD2 TRP HA . -22.62 -27.62 -1.56
NE1 TRP HA . -21.72 -25.65 -2.15
CE2 TRP HA . -22.04 -26.43 -1.08
CE3 TRP HA . -23.04 -28.58 -0.66
CZ2 TRP HA . -21.84 -26.21 0.29
CZ3 TRP HA . -22.84 -28.36 0.68
CH2 TRP HA . -22.25 -27.19 1.14
OXT TRP HA . -25.44 -26.26 -3.69
N TRP IA . -32.98 -20.60 4.30
CA TRP IA . -32.33 -19.47 4.92
C TRP IA . -32.08 -18.32 3.91
O TRP IA . -31.97 -18.45 2.68
CB TRP IA . -31.02 -19.94 5.59
CG TRP IA . -30.15 -18.81 6.01
CD1 TRP IA . -29.30 -18.10 5.22
CD2 TRP IA . -30.06 -18.23 7.31
NE1 TRP IA . -28.67 -17.13 5.95
CE2 TRP IA . -29.12 -17.17 7.24
CE3 TRP IA . -30.66 -18.49 8.55
CZ2 TRP IA . -28.78 -16.39 8.33
CZ3 TRP IA . -30.32 -17.72 9.63
CH2 TRP IA . -29.38 -16.68 9.52
OXT TRP IA . -32.03 -17.15 4.27
N TRP JA . 6.80 -25.93 7.45
CA TRP JA . 7.19 -25.04 8.52
C TRP JA . 6.62 -23.58 8.34
O TRP JA . 6.58 -23.05 7.23
CB TRP JA . 8.72 -24.97 8.60
CG TRP JA . 9.24 -24.04 9.67
CD1 TRP JA . 9.55 -22.73 9.57
CD2 TRP JA . 9.49 -24.40 11.03
NE1 TRP JA . 9.98 -22.25 10.77
CE2 TRP JA . 9.94 -23.25 11.70
CE3 TRP JA . 9.37 -25.59 11.76
CZ2 TRP JA . 10.27 -23.25 13.06
CZ3 TRP JA . 9.68 -25.59 13.11
CH2 TRP JA . 10.15 -24.44 13.74
OXT TRP JA . 6.18 -22.95 9.32
N TRP KA . 14.53 -22.92 -5.70
CA TRP KA . 14.79 -22.54 -4.32
C TRP KA . 13.75 -21.51 -3.78
O TRP KA . 13.38 -20.60 -4.52
CB TRP KA . 16.24 -21.98 -4.19
CG TRP KA . 16.62 -21.56 -2.79
CD1 TRP KA . 16.56 -20.29 -2.25
CD2 TRP KA . 17.10 -22.40 -1.76
NE1 TRP KA . 16.96 -20.32 -0.92
CE2 TRP KA . 17.28 -21.61 -0.60
CE3 TRP KA . 17.37 -23.77 -1.68
CZ2 TRP KA . 17.77 -22.15 0.60
CZ3 TRP KA . 17.81 -24.30 -0.49
CH2 TRP KA . 18.02 -23.48 0.64
OXT TRP KA . 13.27 -21.59 -2.63
N TRP LA . 18.72 -12.33 -15.99
CA TRP LA . 19.20 -12.53 -14.63
C TRP LA . 18.04 -12.31 -13.62
O TRP LA . 17.32 -11.29 -13.64
CB TRP LA . 20.44 -11.63 -14.31
CG TRP LA . 20.95 -11.80 -12.88
CD1 TRP LA . 20.63 -11.05 -11.78
CD2 TRP LA . 21.82 -12.84 -12.40
NE1 TRP LA . 21.24 -11.55 -10.66
CE2 TRP LA . 21.97 -12.66 -11.01
CE3 TRP LA . 22.48 -13.92 -13.00
CZ2 TRP LA . 22.77 -13.49 -10.23
CZ3 TRP LA . 23.25 -14.73 -12.24
CH2 TRP LA . 23.39 -14.52 -10.88
OXT TRP LA . 17.79 -13.18 -12.77
N TRP MA . 18.43 2.50 -20.32
CA TRP MA . 19.15 1.84 -19.23
C TRP MA . 18.18 1.28 -18.18
O TRP MA . 17.23 1.91 -17.77
CB TRP MA . 20.20 2.77 -18.58
CG TRP MA . 20.97 2.13 -17.40
CD1 TRP MA . 20.66 2.26 -16.06
CD2 TRP MA . 22.13 1.28 -17.45
NE1 TRP MA . 21.57 1.56 -15.31
CE2 TRP MA . 22.47 0.94 -16.14
CE3 TRP MA . 22.92 0.76 -18.49
CZ2 TRP MA . 23.56 0.12 -15.83
CZ3 TRP MA . 23.99 -0.03 -18.19
CH2 TRP MA . 24.31 -0.34 -16.87
OXT TRP MA . 18.37 0.16 -17.74
N TRP NA . 13.92 16.73 -17.25
CA TRP NA . 14.90 15.84 -16.64
C TRP NA . 14.20 14.72 -15.87
O TRP NA . 13.22 15.08 -15.24
CB TRP NA . 15.78 16.65 -15.67
CG TRP NA . 16.76 15.84 -14.88
CD1 TRP NA . 16.59 15.28 -13.63
CD2 TRP NA . 18.10 15.52 -15.28
NE1 TRP NA . 17.75 14.65 -13.25
CE2 TRP NA . 18.68 14.75 -14.25
CE3 TRP NA . 18.87 15.81 -16.41
CZ2 TRP NA . 19.99 14.28 -14.32
CZ3 TRP NA . 20.16 15.32 -16.49
CH2 TRP NA . 20.72 14.58 -15.46
OXT TRP NA . 14.61 13.54 -15.85
N TRP OA . 6.29 25.94 -7.93
CA TRP OA . 7.54 25.26 -7.65
C TRP OA . 7.36 23.72 -7.52
O TRP OA . 6.46 23.24 -6.82
CB TRP OA . 8.20 25.84 -6.38
CG TRP OA . 9.53 25.16 -6.05
CD1 TRP OA . 9.74 24.11 -5.19
CD2 TRP OA . 10.82 25.45 -6.62
NE1 TRP OA . 11.07 23.76 -5.18
CE2 TRP OA . 11.75 24.55 -6.06
CE3 TRP OA . 11.29 26.38 -7.54
CZ2 TRP OA . 13.11 24.56 -6.40
CZ3 TRP OA . 12.63 26.38 -7.87
CH2 TRP OA . 13.52 25.49 -7.30
OXT TRP OA . 8.13 22.89 -8.07
N TRP PA . -2.10 27.24 5.22
CA TRP PA . -0.67 26.98 4.98
C TRP PA . -0.44 25.62 4.30
O TRP PA . -1.12 24.61 4.56
CB TRP PA . 0.15 27.14 6.29
CG TRP PA . 1.65 26.85 6.16
CD1 TRP PA . 2.25 25.67 6.39
CD2 TRP PA . 2.69 27.76 5.78
NE1 TRP PA . 3.60 25.78 6.15
CE2 TRP PA . 3.89 27.06 5.80
CE3 TRP PA . 2.71 29.11 5.43
CZ2 TRP PA . 5.11 27.65 5.46
CZ3 TRP PA . 3.91 29.70 5.10
CH2 TRP PA . 5.09 28.98 5.12
OXT TRP PA . 0.45 25.51 3.43
N TRP QA . -8.25 20.27 17.15
CA TRP QA . -6.85 20.58 16.88
C TRP QA . -6.35 19.74 15.73
O TRP QA . -6.61 18.53 15.68
CB TRP QA . -5.96 20.37 18.13
CG TRP QA . -4.48 20.60 17.86
CD1 TRP QA . -3.56 19.68 17.44
CD2 TRP QA . -3.77 21.85 17.95
NE1 TRP QA . -2.33 20.27 17.28
CE2 TRP QA . -2.44 21.60 17.57
CE3 TRP QA . -4.14 23.16 18.30
CZ2 TRP QA . -1.47 22.62 17.55
CZ3 TRP QA . -3.18 24.17 18.27
CH2 TRP QA . -1.87 23.89 17.91
OXT TRP QA . -5.64 20.24 14.85
N TRP RA . -10.43 7.10 24.67
CA TRP RA . -9.24 7.94 24.50
C TRP RA . -8.79 8.04 23.02
O TRP RA . -8.89 7.09 22.25
CB TRP RA . -8.09 7.45 25.40
CG TRP RA . -6.82 8.28 25.27
CD1 TRP RA . -5.73 8.01 24.46
CD2 TRP RA . -6.50 9.49 25.96
NE1 TRP RA . -4.77 8.98 24.62
CE2 TRP RA . -5.23 9.91 25.52
CE3 TRP RA . -7.18 10.27 26.91
CZ2 TRP RA . -4.61 11.08 26.00
CZ3 TRP RA . -6.58 11.42 27.38
CH2 TRP RA . -5.30 11.80 26.93
OXT TRP RA . -8.29 9.06 22.59
N TRP SA . -7.88 -8.01 25.26
CA TRP SA . -7.00 -6.89 25.52
C TRP SA . -6.82 -6.01 24.26
O TRP SA . -6.58 -6.48 23.15
CB TRP SA . -5.64 -7.38 26.06
CG TRP SA . -4.61 -6.24 26.30
CD1 TRP SA . -3.66 -5.83 25.43
CD2 TRP SA . -4.52 -5.37 27.42
NE1 TRP SA . -2.96 -4.76 25.93
CE2 TRP SA . -3.47 -4.44 27.16
CE3 TRP SA . -5.22 -5.24 28.63
CZ2 TRP SA . -3.09 -3.45 28.07
CZ3 TRP SA . -4.85 -4.27 29.52
CH2 TRP SA . -3.80 -3.39 29.25
OXT TRP SA . -6.89 -4.78 24.27
N TRP TA . -1.56 -20.29 18.84
CA TRP TA . -0.97 -19.16 19.55
C TRP TA . -1.19 -17.86 18.74
O TRP TA . -1.07 -17.81 17.51
CB TRP TA . 0.53 -19.43 19.80
CG TRP TA . 1.26 -18.26 20.44
CD1 TRP TA . 1.91 -17.25 19.82
CD2 TRP TA . 1.34 -17.98 21.84
NE1 TRP TA . 2.40 -16.36 20.74
CE2 TRP TA . 2.06 -16.77 21.99
CE3 TRP TA . 0.88 -18.64 22.99
CZ2 TRP TA . 2.35 -16.22 23.24
CZ3 TRP TA . 1.15 -18.08 24.23
CH2 TRP TA . 1.88 -16.91 24.35
OXT TRP TA . -1.48 -16.77 19.26
#